data_3TVM
#
_entry.id   3TVM
#
_cell.length_a   78.970
_cell.length_b   150.570
_cell.length_c   101.960
_cell.angle_alpha   90.00
_cell.angle_beta   96.35
_cell.angle_gamma   90.00
#
_symmetry.space_group_name_H-M   'P 1 21 1'
#
loop_
_entity.id
_entity.type
_entity.pdbx_description
1 polymer 'Antigen-presenting glycoprotein CD1d1'
2 polymer beta-2-microglobulin
3 polymer 'Valpha14 (mouse variable domain, human constant domain)'
4 polymer 'Vbeta8.2 (mouse variable domain, human constant domain)'
5 branched 2-acetamido-2-deoxy-beta-D-glucopyranose-(1-4)-2-acetamido-2-deoxy-beta-D-glucopyranose
6 branched 2-acetamido-2-deoxy-beta-D-glucopyranose-(1-4)-[alpha-L-fucopyranose-(1-6)]2-acetamido-2-deoxy-beta-D-glucopyranose
7 non-polymer 2-acetamido-2-deoxy-beta-D-glucopyranose
8 non-polymer N-[(2S,3R)-10-[(1R,2R)-2-decylcyclopropyl]-1-(alpha-D-galactopyranosyloxy)-3-hydroxydecan-2-yl]hexacosanamide
9 non-polymer 'CHLORIDE ION'
10 non-polymer GLYCEROL
11 water water
#
loop_
_entity_poly.entity_id
_entity_poly.type
_entity_poly.pdbx_seq_one_letter_code
_entity_poly.pdbx_strand_id
1 'polypeptide(L)'
;SEAQQKNYTFRCLQMSSFANRSWSRTDSVVWLGDLQTHRWSNDSATISFTKPWSQGKLSNQQWEKLQHMFQVYRVSFTRD
IQELVKMMSPKEDYPIEIQLSAGCEMYPGNASESFLHVAFQGKYVVRFWGTSWQTVPGAPSWLDLPIKVLNADQGTSATV
QMLLNDTCPLFVRGLLEAGKSDLEKQEKPVAWLSSVPSSAHGHRQLVCHVSGFYPKPVWVMWMRGDQEQQGTHRGDFLPN
ADETWYLQATLDVEAGEEAGLACRVKHSSLGGQDIILYWHHHHHH
;
A,E
2 'polypeptide(L)'
;IQKTPQIQVYSRHPPENGKPNILNCYVTQFHPPHIEIQMLKNGKKIPKVEMSDMSFSKDWSFYILAHTEFTPTETDTYAC
RVKHASMAEPKTVYWDRDM
;
B,F
3 'polypeptide(L)'
;MKTQVEQSPQSLVVRQGENCVLQCNYSVTPDNHLRWFKQDTGKGLVSLTVLVDQKDKTSNGRYSATLDKDAKHSTLHITA
TLLDDTATYICVVGDRGSALGRLHFGAGTQLIVIPDIQNPDPAVYQLRDSKSSDKSVCLFTDFDSQTNVSQSKDSDVYIT
DKCVLDMRSMDFKSNSAVAWSNKSDFACANAFNNSIIPEDTFFPSPESS
;
C,G
4 'polypeptide(L)'
;MEAAVTQSPRNKVAVTGGKVTLSCNQTNNHNNMYWYRQDTGHGLRLIHYSYGAGSTEKGDIPDGYKASRPSQENFSLILE
LATPSQTSVYFCASGDEGYTQYFGPGTRLLVLEDLRNVTPPKVSLFEPSKAEISHTQKATLVCLATGFYPDHVELSWWVN
GKEVHSGVCTDPQPLKEQPALNDSRYSLSSRLRVSATFWQNPRNHFRCQVQFYGLSENDEWTQDRAKPVTQIVSAEAWGR
A
;
D,H
#
loop_
_chem_comp.id
_chem_comp.type
_chem_comp.name
_chem_comp.formula
07P non-polymer N-[(2S,3R)-10-[(1R,2R)-2-decylcyclopropyl]-1-(alpha-D-galactopyranosyloxy)-3-hydroxydecan-2-yl]hexacosanamide 'C55 H107 N O8'
CL non-polymer 'CHLORIDE ION' 'Cl -1'
FUC L-saccharide, alpha linking alpha-L-fucopyranose 'C6 H12 O5'
GOL non-polymer GLYCEROL 'C3 H8 O3'
NAG D-saccharide, beta linking 2-acetamido-2-deoxy-beta-D-glucopyranose 'C8 H15 N O6'
#
# COMPACT_ATOMS: atom_id res chain seq x y z
N LYS A 6 13.39 -46.21 1.52
CA LYS A 6 12.68 -46.26 2.83
C LYS A 6 13.07 -45.08 3.74
N ASN A 7 14.30 -44.59 3.57
CA ASN A 7 14.78 -43.43 4.33
C ASN A 7 14.51 -42.11 3.61
N TYR A 8 13.49 -41.38 4.07
CA TYR A 8 13.17 -40.07 3.51
C TYR A 8 13.74 -38.94 4.35
N THR A 9 14.33 -37.94 3.68
CA THR A 9 14.81 -36.72 4.34
C THR A 9 13.88 -35.55 4.04
N PHE A 10 13.33 -34.97 5.10
CA PHE A 10 12.44 -33.82 5.02
C PHE A 10 13.26 -32.55 5.22
N ARG A 11 13.06 -31.56 4.34
CA ARG A 11 13.87 -30.35 4.33
C ARG A 11 13.05 -29.07 4.23
N CYS A 12 13.27 -28.17 5.20
CA CYS A 12 12.77 -26.81 5.11
C CYS A 12 13.94 -25.92 4.75
N LEU A 13 13.94 -25.43 3.51
CA LEU A 13 15.03 -24.58 3.02
C LEU A 13 14.60 -23.13 3.00
N GLN A 14 15.36 -22.29 3.68
CA GLN A 14 15.08 -20.86 3.75
C GLN A 14 16.24 -20.07 3.18
N MET A 15 15.93 -19.08 2.36
CA MET A 15 16.94 -18.20 1.79
C MET A 15 16.55 -16.75 1.99
N SER A 16 17.41 -16.00 2.67
CA SER A 16 17.15 -14.63 3.03
C SER A 16 18.24 -13.71 2.50
N SER A 17 17.83 -12.63 1.84
CA SER A 17 18.76 -11.65 1.29
C SER A 17 18.55 -10.30 1.95
N PHE A 18 19.66 -9.67 2.35
CA PHE A 18 19.64 -8.34 2.93
C PHE A 18 20.58 -7.43 2.11
N ALA A 19 20.00 -6.57 1.29
CA ALA A 19 20.76 -5.73 0.35
C ALA A 19 21.36 -4.48 1.01
N ASN A 20 20.57 -3.84 1.86
CA ASN A 20 21.00 -2.70 2.66
C ASN A 20 20.23 -2.67 3.97
N ARG A 21 20.26 -1.53 4.66
CA ARG A 21 19.58 -1.38 5.95
C ARG A 21 18.07 -1.51 5.84
N SER A 22 17.51 -1.11 4.69
CA SER A 22 16.06 -1.08 4.49
C SER A 22 15.51 -2.27 3.70
N TRP A 23 16.21 -2.69 2.65
CA TRP A 23 15.75 -3.75 1.75
C TRP A 23 16.07 -5.15 2.28
N SER A 24 15.10 -6.06 2.17
CA SER A 24 15.24 -7.44 2.62
C SER A 24 14.23 -8.37 1.95
N ARG A 25 14.55 -9.67 1.94
CA ARG A 25 13.68 -10.67 1.33
C ARG A 25 13.92 -12.06 1.91
N THR A 26 12.84 -12.79 2.18
CA THR A 26 12.92 -14.20 2.61
C THR A 26 11.94 -15.07 1.83
N ASP A 27 12.48 -16.10 1.18
CA ASP A 27 11.69 -17.08 0.44
C ASP A 27 12.04 -18.49 0.91
N SER A 28 11.03 -19.34 1.05
CA SER A 28 11.27 -20.71 1.50
C SER A 28 10.63 -21.75 0.59
N VAL A 29 11.15 -22.97 0.68
CA VAL A 29 10.64 -24.13 -0.04
C VAL A 29 10.82 -25.36 0.84
N VAL A 30 9.91 -26.33 0.71
CA VAL A 30 9.96 -27.53 1.54
C VAL A 30 9.97 -28.78 0.67
N TRP A 31 10.90 -29.69 0.95
CA TRP A 31 11.02 -30.95 0.20
C TRP A 31 10.87 -32.17 1.11
N LEU A 32 10.04 -33.11 0.68
CA LEU A 32 10.00 -34.44 1.27
C LEU A 32 10.67 -35.37 0.29
N GLY A 33 11.89 -35.76 0.60
CA GLY A 33 12.75 -36.46 -0.35
C GLY A 33 13.09 -35.49 -1.46
N ASP A 34 12.65 -35.82 -2.68
CA ASP A 34 12.87 -34.96 -3.84
C ASP A 34 11.56 -34.43 -4.42
N LEU A 35 10.50 -34.44 -3.61
CA LEU A 35 9.20 -33.88 -3.99
C LEU A 35 8.89 -32.64 -3.15
N GLN A 36 8.60 -31.53 -3.84
CA GLN A 36 8.26 -30.28 -3.17
C GLN A 36 6.87 -30.36 -2.54
N THR A 37 6.79 -29.99 -1.27
CA THR A 37 5.55 -30.10 -0.50
C THR A 37 4.96 -28.72 -0.19
N HIS A 38 5.83 -27.78 0.18
CA HIS A 38 5.40 -26.41 0.46
C HIS A 38 6.25 -25.37 -0.26
N ARG A 39 5.72 -24.14 -0.31
CA ARG A 39 6.44 -22.98 -0.82
C ARG A 39 5.99 -21.78 0.01
N TRP A 40 6.93 -20.91 0.38
CA TRP A 40 6.57 -19.68 1.06
C TRP A 40 7.32 -18.46 0.53
N SER A 41 6.70 -17.80 -0.44
CA SER A 41 7.24 -16.57 -1.02
C SER A 41 7.13 -15.39 -0.06
N ASN A 42 8.04 -14.43 -0.24
CA ASN A 42 8.04 -13.18 0.52
C ASN A 42 6.74 -12.39 0.34
N ASP A 43 6.13 -12.50 -0.84
CA ASP A 43 4.88 -11.83 -1.17
C ASP A 43 3.71 -12.36 -0.34
N SER A 44 3.76 -13.65 -0.02
CA SER A 44 2.66 -14.32 0.65
C SER A 44 2.74 -14.19 2.16
N ALA A 45 1.59 -13.93 2.79
CA ALA A 45 1.48 -13.94 4.24
C ALA A 45 1.39 -15.38 4.75
N THR A 46 0.90 -16.27 3.89
CA THR A 46 0.63 -17.66 4.27
C THR A 46 1.52 -18.64 3.51
N ILE A 47 1.85 -19.74 4.18
CA ILE A 47 2.57 -20.85 3.56
C ILE A 47 1.63 -21.54 2.56
N SER A 48 2.16 -21.87 1.38
CA SER A 48 1.37 -22.50 0.32
C SER A 48 1.61 -24.00 0.27
N PHE A 49 0.58 -24.74 -0.12
CA PHE A 49 0.68 -26.17 -0.37
C PHE A 49 0.97 -26.43 -1.84
N THR A 50 1.92 -27.32 -2.12
CA THR A 50 2.24 -27.69 -3.50
C THR A 50 1.92 -29.15 -3.80
N LYS A 51 1.36 -29.85 -2.81
CA LYS A 51 0.77 -31.17 -2.98
C LYS A 51 -0.58 -31.22 -2.27
N PRO A 52 -1.54 -32.00 -2.80
CA PRO A 52 -2.83 -32.21 -2.16
C PRO A 52 -2.76 -32.73 -0.72
N TRP A 53 -1.62 -33.30 -0.34
CA TRP A 53 -1.45 -33.93 0.97
C TRP A 53 -0.43 -33.20 1.87
N SER A 54 -0.06 -31.98 1.48
CA SER A 54 0.98 -31.23 2.16
C SER A 54 0.69 -30.89 3.63
N GLN A 55 -0.58 -30.85 4.00
CA GLN A 55 -0.96 -30.56 5.38
C GLN A 55 -0.73 -31.77 6.29
N GLY A 56 -0.45 -32.93 5.69
CA GLY A 56 -0.19 -34.16 6.43
C GLY A 56 -1.41 -34.68 7.14
N LYS A 57 -1.23 -35.14 8.37
CA LYS A 57 -2.34 -35.64 9.18
C LYS A 57 -2.77 -34.62 10.23
N LEU A 58 -2.23 -33.40 10.12
CA LEU A 58 -2.58 -32.31 11.02
C LEU A 58 -3.98 -31.77 10.74
N SER A 59 -4.67 -31.36 11.80
CA SER A 59 -5.97 -30.71 11.68
C SER A 59 -5.78 -29.26 11.24
N ASN A 60 -6.86 -28.64 10.78
CA ASN A 60 -6.84 -27.25 10.35
C ASN A 60 -6.43 -26.28 11.45
N GLN A 61 -6.86 -26.56 12.68
CA GLN A 61 -6.48 -25.76 13.84
C GLN A 61 -5.01 -25.99 14.17
N GLN A 62 -4.54 -27.22 13.97
CA GLN A 62 -3.13 -27.55 14.20
C GLN A 62 -2.22 -26.86 13.20
N TRP A 63 -2.61 -26.87 11.92
CA TRP A 63 -1.83 -26.22 10.88
C TRP A 63 -1.73 -24.71 11.11
N GLU A 64 -2.87 -24.06 11.34
CA GLU A 64 -2.91 -22.62 11.56
C GLU A 64 -1.99 -22.19 12.70
N LYS A 65 -1.99 -22.95 13.80
CA LYS A 65 -1.14 -22.68 14.94
C LYS A 65 0.33 -22.78 14.56
N LEU A 66 0.65 -23.78 13.72
CA LEU A 66 2.00 -23.97 13.23
C LEU A 66 2.42 -22.86 12.25
N GLN A 67 1.47 -22.41 11.43
CA GLN A 67 1.75 -21.34 10.47
C GLN A 67 1.98 -20.01 11.17
N HIS A 68 1.15 -19.71 12.16
CA HIS A 68 1.21 -18.44 12.89
C HIS A 68 2.59 -18.18 13.47
N MET A 69 3.21 -19.21 14.05
CA MET A 69 4.53 -19.06 14.66
C MET A 69 5.63 -18.88 13.61
N PHE A 70 5.41 -19.42 12.41
CA PHE A 70 6.33 -19.19 11.30
C PHE A 70 6.21 -17.78 10.74
N GLN A 71 4.96 -17.29 10.67
CA GLN A 71 4.70 -15.91 10.28
C GLN A 71 5.39 -14.94 11.24
N VAL A 72 5.22 -15.16 12.53
CA VAL A 72 5.90 -14.39 13.57
C VAL A 72 7.42 -14.55 13.46
N TYR A 73 7.86 -15.77 13.14
CA TYR A 73 9.30 -16.04 12.96
C TYR A 73 9.94 -15.20 11.86
N ARG A 74 9.35 -15.18 10.67
CA ARG A 74 9.92 -14.46 9.52
C ARG A 74 10.12 -12.97 9.81
N VAL A 75 9.11 -12.35 10.42
CA VAL A 75 9.15 -10.93 10.79
C VAL A 75 10.26 -10.70 11.82
N SER A 76 10.33 -11.59 12.81
CA SER A 76 11.31 -11.45 13.87
C SER A 76 12.72 -11.74 13.41
N PHE A 77 12.87 -12.75 12.56
CA PHE A 77 14.15 -13.10 11.95
C PHE A 77 14.74 -11.92 11.18
N THR A 78 13.89 -11.25 10.40
CA THR A 78 14.31 -10.11 9.61
C THR A 78 14.88 -9.02 10.52
N ARG A 79 14.19 -8.74 11.62
CA ARG A 79 14.63 -7.69 12.51
C ARG A 79 15.89 -8.07 13.29
N ASP A 80 15.98 -9.34 13.70
CA ASP A 80 17.10 -9.82 14.50
C ASP A 80 18.44 -9.75 13.76
N ILE A 81 18.43 -10.13 12.48
CA ILE A 81 19.62 -10.01 11.64
C ILE A 81 20.02 -8.55 11.49
N GLN A 82 19.05 -7.69 11.17
CA GLN A 82 19.28 -6.25 11.01
C GLN A 82 19.89 -5.62 12.25
N GLU A 83 19.52 -6.12 13.43
CA GLU A 83 20.06 -5.62 14.69
C GLU A 83 21.47 -6.17 14.94
N LEU A 84 21.70 -7.40 14.50
CA LEU A 84 23.01 -8.04 14.64
C LEU A 84 24.05 -7.37 13.74
N VAL A 85 23.60 -6.87 12.58
CA VAL A 85 24.47 -6.10 11.68
C VAL A 85 24.90 -4.80 12.36
N LYS A 86 23.94 -4.11 12.97
CA LYS A 86 24.21 -2.90 13.76
C LYS A 86 25.20 -3.21 14.88
N MET A 87 25.08 -4.40 15.44
CA MET A 87 25.88 -4.83 16.56
C MET A 87 27.31 -5.20 16.15
N MET A 88 27.48 -5.64 14.91
CA MET A 88 28.78 -6.06 14.39
C MET A 88 29.50 -5.01 13.56
N SER A 89 28.78 -3.97 13.13
CA SER A 89 29.35 -2.91 12.30
C SER A 89 30.53 -2.25 13.03
N PRO A 90 31.59 -1.88 12.27
CA PRO A 90 31.70 -1.99 10.81
C PRO A 90 32.44 -3.24 10.32
N LYS A 91 32.62 -4.23 11.21
CA LYS A 91 33.34 -5.46 10.85
C LYS A 91 32.61 -6.28 9.79
N GLU A 92 31.28 -6.26 9.81
CA GLU A 92 30.48 -6.91 8.77
C GLU A 92 29.35 -5.99 8.29
N ASP A 93 29.10 -6.01 6.99
CA ASP A 93 28.15 -5.09 6.37
C ASP A 93 27.45 -5.77 5.18
N TYR A 94 26.46 -5.08 4.62
CA TYR A 94 25.68 -5.58 3.49
C TYR A 94 26.50 -5.58 2.19
N PRO A 95 26.10 -6.39 1.19
CA PRO A 95 24.93 -7.27 1.13
C PRO A 95 25.14 -8.59 1.86
N ILE A 96 24.07 -9.15 2.41
CA ILE A 96 24.17 -10.33 3.27
C ILE A 96 23.17 -11.42 2.84
N GLU A 97 23.67 -12.65 2.75
CA GLU A 97 22.84 -13.82 2.39
C GLU A 97 22.89 -14.86 3.51
N ILE A 98 21.74 -15.16 4.09
CA ILE A 98 21.63 -16.26 5.05
C ILE A 98 20.86 -17.42 4.41
N GLN A 99 21.35 -18.63 4.61
CA GLN A 99 20.65 -19.82 4.16
C GLN A 99 20.39 -20.70 5.36
N LEU A 100 19.17 -21.22 5.45
CA LEU A 100 18.74 -22.02 6.58
C LEU A 100 18.25 -23.37 6.07
N SER A 101 18.65 -24.44 6.76
CA SER A 101 18.26 -25.80 6.39
C SER A 101 17.86 -26.63 7.61
N ALA A 102 16.57 -26.86 7.77
CA ALA A 102 16.06 -27.59 8.91
C ALA A 102 15.09 -28.70 8.51
N GLY A 103 15.05 -29.76 9.32
CA GLY A 103 14.17 -30.90 9.08
C GLY A 103 14.66 -32.11 9.84
N CYS A 104 14.28 -33.30 9.36
CA CYS A 104 14.75 -34.55 9.94
C CYS A 104 14.76 -35.69 8.93
N GLU A 105 15.65 -36.65 9.17
CA GLU A 105 15.75 -37.84 8.33
C GLU A 105 15.03 -39.01 9.00
N MET A 106 14.06 -39.59 8.29
CA MET A 106 13.26 -40.70 8.84
C MET A 106 13.95 -42.03 8.62
N TYR A 107 13.87 -42.88 9.64
CA TYR A 107 14.56 -44.17 9.62
C TYR A 107 13.63 -45.34 9.88
N PRO A 108 14.10 -46.59 9.64
CA PRO A 108 13.30 -47.75 10.00
C PRO A 108 13.09 -47.84 11.51
N GLY A 109 12.08 -48.58 11.93
CA GLY A 109 11.79 -48.78 13.34
C GLY A 109 11.29 -47.52 14.04
N ASN A 110 10.52 -46.71 13.32
CA ASN A 110 9.82 -45.55 13.87
C ASN A 110 10.74 -44.54 14.58
N ALA A 111 11.93 -44.33 14.01
CA ALA A 111 12.91 -43.40 14.57
C ALA A 111 13.30 -42.30 13.59
N SER A 112 13.98 -41.27 14.11
CA SER A 112 14.39 -40.11 13.31
C SER A 112 15.61 -39.38 13.91
N GLU A 113 16.12 -38.38 13.17
CA GLU A 113 17.21 -37.52 13.64
C GLU A 113 17.10 -36.14 12.99
N SER A 114 16.97 -35.11 13.81
CA SER A 114 16.73 -33.75 13.33
C SER A 114 17.99 -32.91 13.18
N PHE A 115 17.88 -31.86 12.37
CA PHE A 115 18.99 -30.94 12.10
C PHE A 115 18.50 -29.52 11.85
N LEU A 116 19.35 -28.55 12.17
CA LEU A 116 19.13 -27.16 11.79
C LEU A 116 20.49 -26.54 11.48
N HIS A 117 20.70 -26.24 10.20
CA HIS A 117 21.99 -25.78 9.69
C HIS A 117 21.86 -24.39 9.07
N VAL A 118 22.80 -23.51 9.37
CA VAL A 118 22.76 -22.15 8.88
C VAL A 118 24.04 -21.81 8.12
N ALA A 119 23.88 -21.22 6.93
CA ALA A 119 25.01 -20.77 6.13
C ALA A 119 25.04 -19.25 5.98
N PHE A 120 26.23 -18.69 6.01
CA PHE A 120 26.45 -17.25 5.89
C PHE A 120 27.37 -16.99 4.69
N GLN A 121 26.91 -16.14 3.78
CA GLN A 121 27.63 -15.85 2.53
C GLN A 121 28.05 -17.15 1.82
N GLY A 122 27.13 -18.11 1.76
CA GLY A 122 27.35 -19.37 1.07
C GLY A 122 28.17 -20.42 1.82
N LYS A 123 28.57 -20.10 3.05
CA LYS A 123 29.40 -21.02 3.84
C LYS A 123 28.74 -21.39 5.16
N TYR A 124 28.66 -22.70 5.41
CA TYR A 124 28.09 -23.25 6.64
C TYR A 124 28.86 -22.73 7.84
N VAL A 125 28.13 -22.12 8.79
CA VAL A 125 28.78 -21.51 9.96
C VAL A 125 28.17 -21.91 11.31
N VAL A 126 26.86 -22.15 11.33
CA VAL A 126 26.12 -22.35 12.58
C VAL A 126 25.11 -23.47 12.50
N ARG A 127 25.01 -24.24 13.57
CA ARG A 127 23.98 -25.26 13.71
C ARG A 127 23.27 -25.12 15.05
N PHE A 128 22.07 -25.69 15.14
CA PHE A 128 21.41 -25.85 16.43
C PHE A 128 21.63 -27.29 16.85
N TRP A 129 22.15 -27.47 18.05
CA TRP A 129 22.54 -28.80 18.53
C TRP A 129 22.17 -28.99 20.01
N GLY A 130 21.13 -29.79 20.24
CA GLY A 130 20.67 -30.07 21.60
C GLY A 130 19.79 -28.96 22.14
N THR A 131 20.37 -28.06 22.92
CA THR A 131 19.61 -27.00 23.57
C THR A 131 20.08 -25.59 23.23
N SER A 132 21.06 -25.48 22.35
CA SER A 132 21.61 -24.16 22.00
C SER A 132 22.20 -24.07 20.60
N TRP A 133 22.31 -22.84 20.10
CA TRP A 133 23.05 -22.53 18.87
C TRP A 133 24.54 -22.65 19.13
N GLN A 134 25.27 -23.16 18.14
CA GLN A 134 26.72 -23.23 18.23
C GLN A 134 27.36 -23.07 16.86
N THR A 135 28.60 -22.57 16.85
CA THR A 135 29.35 -22.40 15.60
C THR A 135 30.12 -23.67 15.25
N VAL A 136 30.27 -23.93 13.95
CA VAL A 136 30.98 -25.12 13.47
C VAL A 136 32.46 -24.82 13.15
N PRO A 137 33.30 -25.87 13.07
CA PRO A 137 34.72 -25.64 12.77
C PRO A 137 34.92 -24.89 11.44
N GLY A 138 35.74 -23.84 11.49
CA GLY A 138 35.99 -22.99 10.33
C GLY A 138 35.40 -21.59 10.43
N ALA A 139 34.31 -21.47 11.19
CA ALA A 139 33.58 -20.21 11.35
C ALA A 139 34.44 -19.10 11.96
N PRO A 140 34.25 -17.85 11.51
CA PRO A 140 34.99 -16.73 12.07
C PRO A 140 34.58 -16.46 13.52
N SER A 141 35.53 -15.96 14.31
CA SER A 141 35.38 -15.86 15.77
C SER A 141 34.40 -14.79 16.24
N TRP A 142 34.06 -13.84 15.38
CA TRP A 142 33.16 -12.77 15.75
C TRP A 142 31.71 -13.25 15.92
N LEU A 143 31.42 -14.43 15.38
CA LEU A 143 30.10 -15.04 15.51
C LEU A 143 29.76 -15.44 16.95
N ASP A 144 30.78 -15.54 17.80
CA ASP A 144 30.57 -15.90 19.19
C ASP A 144 29.62 -14.96 19.92
N LEU A 145 29.58 -13.71 19.48
CA LEU A 145 28.70 -12.70 20.09
C LEU A 145 27.23 -12.83 19.64
N PRO A 146 26.96 -12.86 18.31
CA PRO A 146 25.59 -13.16 17.89
C PRO A 146 25.02 -14.43 18.53
N ILE A 147 25.79 -15.52 18.49
CA ILE A 147 25.38 -16.80 19.07
C ILE A 147 25.13 -16.68 20.59
N LYS A 148 25.95 -15.89 21.26
CA LYS A 148 25.81 -15.60 22.69
C LYS A 148 24.47 -14.93 22.97
N VAL A 149 24.09 -14.00 22.10
CA VAL A 149 22.86 -13.21 22.23
C VAL A 149 21.64 -14.03 21.86
N LEU A 150 21.78 -14.87 20.84
CA LEU A 150 20.71 -15.77 20.42
C LEU A 150 20.45 -16.83 21.46
N ASN A 151 21.50 -17.38 22.06
CA ASN A 151 21.36 -18.36 23.14
C ASN A 151 20.75 -17.79 24.42
N ALA A 152 20.80 -16.46 24.56
CA ALA A 152 20.16 -15.78 25.69
C ALA A 152 18.64 -15.87 25.60
N ASP A 153 18.14 -16.06 24.39
CA ASP A 153 16.70 -16.12 24.12
C ASP A 153 16.14 -17.52 24.39
N GLN A 154 15.75 -17.74 25.64
CA GLN A 154 15.32 -19.05 26.11
C GLN A 154 14.06 -19.57 25.42
N GLY A 155 13.14 -18.65 25.11
CA GLY A 155 11.88 -18.97 24.45
C GLY A 155 12.06 -19.48 23.03
N THR A 156 12.93 -18.82 22.26
CA THR A 156 13.26 -19.29 20.91
C THR A 156 13.93 -20.66 21.01
N SER A 157 14.78 -20.85 22.01
CA SER A 157 15.48 -22.10 22.22
C SER A 157 14.52 -23.24 22.53
N ALA A 158 13.54 -22.96 23.40
CA ALA A 158 12.51 -23.93 23.77
C ALA A 158 11.64 -24.35 22.58
N THR A 159 11.30 -23.39 21.74
CA THR A 159 10.48 -23.63 20.56
C THR A 159 11.21 -24.50 19.54
N VAL A 160 12.43 -24.09 19.17
CA VAL A 160 13.25 -24.84 18.21
C VAL A 160 13.43 -26.30 18.67
N GLN A 161 13.69 -26.49 19.96
CA GLN A 161 13.77 -27.83 20.55
C GLN A 161 12.50 -28.63 20.32
N MET A 162 11.35 -28.01 20.60
CA MET A 162 10.05 -28.64 20.41
C MET A 162 9.79 -28.98 18.94
N LEU A 163 10.24 -28.12 18.04
CA LEU A 163 10.07 -28.31 16.61
C LEU A 163 10.92 -29.45 16.07
N LEU A 164 12.18 -29.48 16.50
CA LEU A 164 13.13 -30.47 16.00
C LEU A 164 12.94 -31.84 16.66
N ASN A 165 12.77 -31.87 17.98
CA ASN A 165 12.58 -33.12 18.71
C ASN A 165 11.21 -33.75 18.51
N ASP A 166 10.16 -32.94 18.49
CA ASP A 166 8.78 -33.44 18.53
C ASP A 166 7.97 -33.19 17.26
N THR A 167 7.82 -31.91 16.90
CA THR A 167 6.89 -31.49 15.85
C THR A 167 7.27 -31.98 14.44
N CYS A 168 8.55 -31.93 14.10
CA CYS A 168 9.01 -32.33 12.77
C CYS A 168 8.81 -33.83 12.49
N PRO A 169 9.30 -34.73 13.39
CA PRO A 169 9.09 -36.16 13.16
C PRO A 169 7.61 -36.55 13.11
N LEU A 170 6.81 -35.96 13.99
CA LEU A 170 5.38 -36.23 14.05
C LEU A 170 4.68 -35.81 12.76
N PHE A 171 5.12 -34.68 12.20
CA PHE A 171 4.56 -34.15 10.96
C PHE A 171 4.92 -35.00 9.73
N VAL A 172 6.17 -35.45 9.66
CA VAL A 172 6.65 -36.22 8.50
C VAL A 172 5.98 -37.59 8.40
N ARG A 173 5.82 -38.28 9.53
CA ARG A 173 5.08 -39.55 9.56
C ARG A 173 3.67 -39.38 9.04
N GLY A 174 3.12 -38.18 9.23
CA GLY A 174 1.80 -37.82 8.70
C GLY A 174 1.82 -37.67 7.20
N LEU A 175 2.86 -37.01 6.67
CA LEU A 175 3.05 -36.83 5.24
C LEU A 175 3.20 -38.18 4.53
N LEU A 176 4.03 -39.05 5.09
CA LEU A 176 4.29 -40.37 4.51
C LEU A 176 3.02 -41.21 4.40
N GLU A 177 2.12 -41.06 5.37
CA GLU A 177 0.83 -41.75 5.33
C GLU A 177 -0.11 -41.13 4.30
N ALA A 178 -0.10 -39.81 4.23
CA ALA A 178 -1.04 -39.07 3.38
C ALA A 178 -0.62 -39.02 1.92
N GLY A 179 0.69 -39.01 1.66
CA GLY A 179 1.20 -38.91 0.31
C GLY A 179 1.82 -40.19 -0.22
N LYS A 180 1.34 -41.33 0.28
CA LYS A 180 1.92 -42.64 -0.04
C LYS A 180 1.96 -42.92 -1.54
N SER A 181 0.85 -42.62 -2.23
CA SER A 181 0.73 -42.91 -3.66
C SER A 181 1.68 -42.10 -4.54
N ASP A 182 1.90 -40.83 -4.18
CA ASP A 182 2.82 -39.96 -4.90
C ASP A 182 4.28 -40.31 -4.60
N LEU A 183 4.53 -40.73 -3.36
CA LEU A 183 5.89 -41.10 -2.94
C LEU A 183 6.30 -42.48 -3.45
N GLU A 184 5.34 -43.40 -3.56
CA GLU A 184 5.61 -44.74 -4.09
C GLU A 184 5.27 -44.84 -5.58
N LYS A 185 5.14 -43.68 -6.23
CA LYS A 185 4.79 -43.61 -7.66
C LYS A 185 5.90 -44.16 -8.55
N GLN A 186 5.50 -44.85 -9.61
CA GLN A 186 6.44 -45.42 -10.57
C GLN A 186 6.20 -44.84 -11.96
N GLU A 187 7.25 -44.28 -12.55
CA GLU A 187 7.17 -43.67 -13.87
C GLU A 187 8.18 -44.30 -14.81
N LYS A 188 7.70 -44.71 -15.98
CA LYS A 188 8.53 -45.40 -16.97
C LYS A 188 9.45 -44.44 -17.72
N PRO A 189 10.75 -44.78 -17.80
CA PRO A 189 11.71 -44.01 -18.58
C PRO A 189 11.57 -44.24 -20.08
N VAL A 190 11.80 -43.18 -20.85
CA VAL A 190 11.89 -43.27 -22.30
C VAL A 190 13.35 -43.03 -22.68
N ALA A 191 13.86 -43.83 -23.63
CA ALA A 191 15.24 -43.71 -24.05
C ALA A 191 15.36 -43.36 -25.53
N TRP A 192 16.26 -42.42 -25.85
CA TRP A 192 16.63 -42.10 -27.23
C TRP A 192 18.13 -41.89 -27.37
N LEU A 193 18.67 -42.26 -28.54
CA LEU A 193 20.11 -42.23 -28.79
C LEU A 193 20.51 -41.16 -29.79
N SER A 194 21.74 -40.67 -29.66
CA SER A 194 22.30 -39.67 -30.57
C SER A 194 23.82 -39.70 -30.56
N SER A 195 24.44 -38.87 -31.40
CA SER A 195 25.89 -38.78 -31.52
C SER A 195 26.36 -37.36 -31.78
N VAL A 196 27.52 -37.02 -31.22
CA VAL A 196 28.17 -35.73 -31.44
C VAL A 196 29.66 -35.96 -31.65
N PRO A 197 30.29 -35.20 -32.57
CA PRO A 197 31.74 -35.34 -32.79
C PRO A 197 32.54 -34.96 -31.54
N SER A 198 33.64 -35.67 -31.31
CA SER A 198 34.45 -35.46 -30.11
C SER A 198 35.96 -35.49 -30.40
N SER A 199 36.76 -35.11 -29.39
CA SER A 199 38.21 -35.09 -29.51
C SER A 199 38.79 -36.50 -29.54
N HIS A 203 37.25 -40.15 -31.78
CA HIS A 203 36.07 -40.96 -32.04
C HIS A 203 34.79 -40.24 -31.63
N ARG A 204 33.69 -40.57 -32.30
CA ARG A 204 32.38 -39.97 -32.02
C ARG A 204 31.86 -40.37 -30.64
N GLN A 205 31.14 -39.46 -29.99
CA GLN A 205 30.61 -39.69 -28.65
C GLN A 205 29.11 -39.99 -28.67
N LEU A 206 28.77 -41.26 -28.48
CA LEU A 206 27.39 -41.72 -28.47
C LEU A 206 26.70 -41.33 -27.16
N VAL A 207 25.49 -40.76 -27.28
CA VAL A 207 24.75 -40.30 -26.10
C VAL A 207 23.46 -41.10 -25.94
N CYS A 208 23.24 -41.61 -24.73
CA CYS A 208 21.99 -42.27 -24.37
C CYS A 208 21.19 -41.40 -23.41
N HIS A 209 20.14 -40.77 -23.94
CA HIS A 209 19.28 -39.89 -23.16
C HIS A 209 18.15 -40.71 -22.55
N VAL A 210 17.97 -40.58 -21.24
CA VAL A 210 16.90 -41.29 -20.52
C VAL A 210 16.06 -40.26 -19.79
N SER A 211 14.75 -40.24 -20.08
CA SER A 211 13.88 -39.21 -19.52
C SER A 211 12.51 -39.71 -19.08
N GLY A 212 12.04 -39.18 -17.96
CA GLY A 212 10.68 -39.39 -17.49
C GLY A 212 10.52 -40.50 -16.46
N PHE A 213 11.58 -40.77 -15.70
CA PHE A 213 11.53 -41.84 -14.71
C PHE A 213 11.40 -41.37 -13.26
N TYR A 214 10.67 -42.16 -12.48
CA TYR A 214 10.56 -41.98 -11.03
C TYR A 214 10.32 -43.35 -10.40
N PRO A 215 10.99 -43.65 -9.26
CA PRO A 215 11.89 -42.81 -8.47
C PRO A 215 13.27 -42.60 -9.10
N LYS A 216 14.15 -41.95 -8.36
CA LYS A 216 15.47 -41.55 -8.85
C LYS A 216 16.46 -42.70 -9.11
N PRO A 217 16.45 -43.78 -8.28
CA PRO A 217 17.37 -44.89 -8.54
C PRO A 217 17.21 -45.48 -9.94
N VAL A 218 18.23 -45.33 -10.76
CA VAL A 218 18.19 -45.81 -12.14
C VAL A 218 19.50 -46.54 -12.50
N TRP A 219 19.46 -47.33 -13.56
CA TRP A 219 20.65 -48.04 -14.04
C TRP A 219 20.77 -47.91 -15.55
N VAL A 220 21.81 -47.21 -15.99
CA VAL A 220 22.04 -46.98 -17.40
C VAL A 220 23.47 -47.38 -17.78
N MET A 221 23.57 -48.27 -18.76
CA MET A 221 24.87 -48.79 -19.21
C MET A 221 24.85 -49.07 -20.70
N TRP A 222 25.96 -48.77 -21.37
CA TRP A 222 26.17 -49.18 -22.77
C TRP A 222 26.73 -50.60 -22.80
N MET A 223 26.17 -51.44 -23.65
CA MET A 223 26.55 -52.86 -23.71
C MET A 223 26.76 -53.37 -25.14
N ARG A 224 27.90 -54.01 -25.36
CA ARG A 224 28.14 -54.75 -26.60
C ARG A 224 27.67 -56.18 -26.39
N GLY A 225 26.38 -56.41 -26.65
CA GLY A 225 25.75 -57.70 -26.37
C GLY A 225 25.59 -57.93 -24.87
N ASP A 226 26.52 -58.70 -24.31
CA ASP A 226 26.56 -58.97 -22.87
C ASP A 226 27.63 -58.16 -22.15
N GLN A 227 28.68 -57.81 -22.87
CA GLN A 227 29.82 -57.08 -22.31
C GLN A 227 29.45 -55.62 -22.02
N GLU A 228 29.43 -55.30 -20.73
CA GLU A 228 29.17 -53.93 -20.27
C GLU A 228 30.37 -53.05 -20.58
N GLN A 229 30.14 -52.01 -21.37
CA GLN A 229 31.22 -51.09 -21.79
C GLN A 229 31.78 -50.33 -20.58
N GLN A 230 33.08 -50.48 -20.34
CA GLN A 230 33.74 -49.86 -19.20
C GLN A 230 33.80 -48.33 -19.31
N GLY A 231 34.00 -47.85 -20.54
CA GLY A 231 34.14 -46.41 -20.79
C GLY A 231 32.85 -45.61 -20.75
N THR A 232 31.83 -46.17 -20.11
CA THR A 232 30.55 -45.48 -19.92
C THR A 232 30.67 -44.42 -18.84
N HIS A 233 30.11 -43.24 -19.10
CA HIS A 233 30.10 -42.14 -18.14
C HIS A 233 28.68 -41.68 -17.84
N ARG A 234 28.30 -41.78 -16.57
CA ARG A 234 26.99 -41.31 -16.10
C ARG A 234 27.06 -39.81 -15.83
N GLY A 235 26.05 -39.09 -16.28
CA GLY A 235 25.97 -37.64 -16.06
C GLY A 235 25.29 -37.29 -14.75
N ASP A 236 24.83 -36.05 -14.64
CA ASP A 236 24.09 -35.59 -13.48
C ASP A 236 22.60 -35.86 -13.65
N PHE A 237 21.92 -36.17 -12.56
CA PHE A 237 20.47 -36.29 -12.55
C PHE A 237 19.87 -34.88 -12.72
N LEU A 238 19.13 -34.69 -13.79
CA LEU A 238 18.54 -33.39 -14.10
C LEU A 238 17.01 -33.46 -13.99
N PRO A 239 16.40 -32.47 -13.32
CA PRO A 239 14.96 -32.52 -13.08
C PRO A 239 14.11 -32.22 -14.32
N ASN A 240 12.93 -32.81 -14.36
CA ASN A 240 11.90 -32.42 -15.30
C ASN A 240 10.85 -31.60 -14.56
N ALA A 241 10.02 -30.86 -15.32
CA ALA A 241 8.98 -30.02 -14.72
C ALA A 241 7.88 -30.86 -14.09
N ASP A 242 7.58 -32.01 -14.68
CA ASP A 242 6.49 -32.87 -14.20
C ASP A 242 6.92 -33.86 -13.11
N GLU A 243 7.94 -33.45 -12.36
CA GLU A 243 8.49 -34.24 -11.24
C GLU A 243 8.97 -35.64 -11.63
N THR A 244 9.75 -35.70 -12.72
CA THR A 244 10.46 -36.90 -13.13
C THR A 244 11.93 -36.57 -13.40
N TRP A 245 12.75 -37.59 -13.62
CA TRP A 245 14.20 -37.39 -13.76
C TRP A 245 14.73 -37.59 -15.18
N TYR A 246 15.77 -36.83 -15.50
CA TYR A 246 16.48 -36.94 -16.76
C TYR A 246 17.94 -37.29 -16.47
N LEU A 247 18.51 -38.16 -17.30
CA LEU A 247 19.91 -38.57 -17.17
C LEU A 247 20.46 -39.02 -18.53
N GLN A 248 21.69 -38.61 -18.84
CA GLN A 248 22.35 -39.06 -20.07
C GLN A 248 23.62 -39.87 -19.78
N ALA A 249 23.88 -40.86 -20.63
CA ALA A 249 25.07 -41.69 -20.53
C ALA A 249 25.88 -41.65 -21.82
N THR A 250 27.19 -41.49 -21.71
CA THR A 250 28.06 -41.35 -22.87
C THR A 250 29.12 -42.46 -22.96
N LEU A 251 29.43 -42.87 -24.18
CA LEU A 251 30.50 -43.83 -24.44
C LEU A 251 31.41 -43.28 -25.54
N ASP A 252 32.71 -43.22 -25.25
CA ASP A 252 33.70 -42.71 -26.18
C ASP A 252 34.26 -43.84 -27.05
N GLY A 256 34.69 -44.31 -34.31
CA GLY A 256 34.82 -45.68 -33.83
C GLY A 256 33.99 -46.67 -34.62
N GLU A 257 33.36 -47.60 -33.91
CA GLU A 257 32.48 -48.60 -34.51
C GLU A 257 31.25 -48.80 -33.64
N GLU A 258 30.11 -48.27 -34.11
CA GLU A 258 28.87 -48.22 -33.34
C GLU A 258 27.92 -49.39 -33.57
N ALA A 259 28.06 -50.06 -34.70
CA ALA A 259 27.19 -51.19 -35.06
C ALA A 259 27.41 -52.41 -34.16
N GLY A 260 26.51 -52.60 -33.20
CA GLY A 260 26.57 -53.74 -32.28
C GLY A 260 26.22 -53.43 -30.84
N LEU A 261 26.63 -52.25 -30.37
CA LEU A 261 26.39 -51.84 -28.99
C LEU A 261 25.00 -51.21 -28.77
N ALA A 262 24.51 -51.32 -27.54
CA ALA A 262 23.17 -50.87 -27.19
C ALA A 262 23.12 -50.24 -25.80
N CYS A 263 22.20 -49.30 -25.61
CA CYS A 263 21.98 -48.71 -24.29
C CYS A 263 20.87 -49.46 -23.54
N ARG A 264 21.26 -50.09 -22.44
CA ARG A 264 20.32 -50.84 -21.61
C ARG A 264 19.94 -50.03 -20.38
N VAL A 265 18.66 -50.07 -20.01
CA VAL A 265 18.15 -49.33 -18.86
C VAL A 265 17.38 -50.24 -17.91
N LYS A 266 17.85 -50.33 -16.67
CA LYS A 266 17.12 -51.00 -15.60
C LYS A 266 16.38 -49.95 -14.76
N HIS A 267 15.15 -50.26 -14.39
CA HIS A 267 14.35 -49.41 -13.49
C HIS A 267 13.28 -50.25 -12.80
N SER A 268 12.86 -49.76 -11.63
CA SER A 268 11.81 -50.42 -10.84
C SER A 268 10.45 -50.43 -11.53
N SER A 269 10.24 -49.45 -12.41
CA SER A 269 8.96 -49.26 -13.11
C SER A 269 8.70 -50.30 -14.19
N LEU A 270 9.77 -50.78 -14.83
CA LEU A 270 9.68 -51.70 -15.97
C LEU A 270 9.20 -53.11 -15.59
N GLY A 271 9.18 -53.39 -14.29
CA GLY A 271 8.67 -54.67 -13.78
C GLY A 271 9.54 -55.87 -14.07
N GLY A 272 10.86 -55.63 -14.15
CA GLY A 272 11.82 -56.70 -14.39
C GLY A 272 12.40 -56.68 -15.79
N GLN A 273 11.53 -56.51 -16.79
CA GLN A 273 11.95 -56.50 -18.19
C GLN A 273 12.61 -55.17 -18.56
N ASP A 274 13.94 -55.18 -18.61
CA ASP A 274 14.72 -54.00 -18.99
C ASP A 274 14.45 -53.63 -20.43
N ILE A 275 14.81 -52.41 -20.82
CA ILE A 275 14.76 -52.06 -22.24
C ILE A 275 16.17 -51.85 -22.81
N ILE A 276 16.44 -52.57 -23.89
CA ILE A 276 17.68 -52.44 -24.62
C ILE A 276 17.39 -51.67 -25.91
N LEU A 277 18.19 -50.64 -26.16
CA LEU A 277 18.01 -49.81 -27.35
C LEU A 277 19.25 -49.85 -28.22
N TYR A 278 19.14 -50.56 -29.35
CA TYR A 278 20.25 -50.77 -30.27
C TYR A 278 20.48 -49.56 -31.17
N TRP A 279 21.76 -49.28 -31.44
CA TRP A 279 22.15 -48.21 -32.36
C TRP A 279 21.77 -48.56 -33.80
N GLN B 2 31.61 -14.84 -5.04
CA GLN B 2 30.67 -15.01 -6.18
C GLN B 2 31.01 -16.24 -7.02
N LYS B 3 30.02 -17.09 -7.23
CA LYS B 3 30.17 -18.32 -8.00
C LYS B 3 29.33 -18.25 -9.28
N THR B 4 29.95 -18.57 -10.41
CA THR B 4 29.31 -18.50 -11.72
C THR B 4 28.32 -19.66 -11.96
N PRO B 5 27.20 -19.39 -12.65
CA PRO B 5 26.20 -20.43 -12.91
C PRO B 5 26.64 -21.45 -13.96
N GLN B 6 26.00 -22.62 -13.94
CA GLN B 6 26.20 -23.64 -14.98
C GLN B 6 24.85 -23.95 -15.63
N ILE B 7 24.79 -23.82 -16.95
CA ILE B 7 23.53 -23.92 -17.69
C ILE B 7 23.45 -25.23 -18.49
N GLN B 8 22.29 -25.88 -18.45
CA GLN B 8 22.06 -27.14 -19.15
C GLN B 8 20.68 -27.22 -19.81
N VAL B 9 20.67 -27.29 -21.14
CA VAL B 9 19.44 -27.34 -21.93
C VAL B 9 19.18 -28.77 -22.38
N TYR B 10 17.95 -29.25 -22.18
CA TYR B 10 17.57 -30.61 -22.54
C TYR B 10 16.07 -30.76 -22.81
N SER B 11 15.72 -31.67 -23.72
CA SER B 11 14.34 -31.96 -24.09
C SER B 11 13.68 -32.86 -23.06
N ARG B 12 12.36 -32.70 -22.89
CA ARG B 12 11.58 -33.58 -22.01
C ARG B 12 11.33 -34.94 -22.69
N HIS B 13 10.99 -34.89 -23.97
CA HIS B 13 10.70 -36.09 -24.76
C HIS B 13 11.68 -36.17 -25.95
N PRO B 14 11.73 -37.33 -26.65
CA PRO B 14 12.59 -37.42 -27.83
C PRO B 14 12.30 -36.33 -28.87
N PRO B 15 13.32 -35.56 -29.28
CA PRO B 15 13.11 -34.46 -30.23
C PRO B 15 12.85 -34.93 -31.65
N GLU B 16 11.64 -34.65 -32.15
CA GLU B 16 11.28 -34.95 -33.53
C GLU B 16 10.73 -33.69 -34.20
N ASN B 17 11.29 -33.37 -35.37
CA ASN B 17 10.95 -32.14 -36.09
C ASN B 17 9.46 -32.02 -36.40
N GLY B 18 8.79 -31.11 -35.68
CA GLY B 18 7.37 -30.84 -35.89
C GLY B 18 6.46 -31.30 -34.78
N LYS B 19 6.99 -32.11 -33.86
CA LYS B 19 6.20 -32.66 -32.75
C LYS B 19 6.32 -31.80 -31.49
N PRO B 20 5.17 -31.54 -30.82
CA PRO B 20 5.14 -30.76 -29.58
C PRO B 20 5.97 -31.39 -28.47
N ASN B 21 6.74 -30.56 -27.77
CA ASN B 21 7.66 -31.02 -26.74
C ASN B 21 7.88 -29.93 -25.69
N ILE B 22 8.62 -30.27 -24.64
CA ILE B 22 8.98 -29.32 -23.59
C ILE B 22 10.50 -29.19 -23.52
N LEU B 23 10.98 -27.94 -23.45
CA LEU B 23 12.41 -27.65 -23.35
C LEU B 23 12.77 -27.16 -21.96
N ASN B 24 13.74 -27.82 -21.34
CA ASN B 24 14.21 -27.47 -20.01
C ASN B 24 15.50 -26.66 -20.05
N CYS B 25 15.59 -25.65 -19.19
CA CYS B 25 16.85 -24.96 -18.91
C CYS B 25 17.14 -25.01 -17.41
N TYR B 26 18.17 -25.75 -17.04
CA TYR B 26 18.50 -25.99 -15.64
C TYR B 26 19.75 -25.22 -15.24
N VAL B 27 19.55 -24.15 -14.47
CA VAL B 27 20.65 -23.31 -14.01
C VAL B 27 21.05 -23.71 -12.59
N THR B 28 22.35 -23.96 -12.40
CA THR B 28 22.87 -24.48 -11.13
C THR B 28 24.13 -23.75 -10.66
N GLN B 29 24.58 -24.10 -9.46
CA GLN B 29 25.90 -23.74 -8.91
C GLN B 29 26.22 -22.23 -8.88
N PHE B 30 25.21 -21.41 -8.57
CA PHE B 30 25.41 -19.96 -8.53
C PHE B 30 25.15 -19.35 -7.16
N HIS B 31 25.82 -18.23 -6.90
CA HIS B 31 25.68 -17.46 -5.68
C HIS B 31 26.28 -16.09 -5.95
N PRO B 32 25.59 -14.99 -5.55
CA PRO B 32 24.34 -14.86 -4.82
C PRO B 32 23.10 -15.33 -5.60
N PRO B 33 21.96 -15.50 -4.89
CA PRO B 33 20.73 -16.02 -5.49
C PRO B 33 20.03 -15.13 -6.53
N HIS B 34 20.44 -13.87 -6.67
CA HIS B 34 19.78 -13.00 -7.64
C HIS B 34 20.22 -13.31 -9.07
N ILE B 35 19.24 -13.59 -9.92
CA ILE B 35 19.49 -14.14 -11.25
C ILE B 35 18.35 -13.81 -12.23
N GLU B 36 18.71 -13.67 -13.51
CA GLU B 36 17.73 -13.46 -14.57
C GLU B 36 17.91 -14.51 -15.67
N ILE B 37 16.86 -15.29 -15.90
CA ILE B 37 16.87 -16.34 -16.92
C ILE B 37 15.87 -16.02 -18.04
N GLN B 38 16.32 -16.18 -19.28
CA GLN B 38 15.47 -16.04 -20.46
C GLN B 38 15.62 -17.26 -21.36
N MET B 39 14.51 -17.73 -21.93
CA MET B 39 14.56 -18.77 -22.95
C MET B 39 14.19 -18.14 -24.30
N LEU B 40 15.03 -18.38 -25.31
CA LEU B 40 14.92 -17.68 -26.59
C LEU B 40 14.56 -18.59 -27.76
N LYS B 41 13.79 -18.05 -28.69
CA LYS B 41 13.50 -18.72 -29.96
C LYS B 41 14.05 -17.83 -31.08
N ASN B 42 15.12 -18.31 -31.73
CA ASN B 42 15.82 -17.57 -32.80
C ASN B 42 16.46 -16.24 -32.37
N GLY B 43 16.45 -15.98 -31.06
CA GLY B 43 17.04 -14.75 -30.52
C GLY B 43 16.04 -13.81 -29.87
N LYS B 44 14.75 -14.11 -30.02
CA LYS B 44 13.69 -13.32 -29.39
C LYS B 44 13.20 -14.02 -28.12
N LYS B 45 12.85 -13.23 -27.11
CA LYS B 45 12.39 -13.76 -25.83
C LYS B 45 11.02 -14.43 -25.93
N ILE B 46 10.97 -15.71 -25.58
CA ILE B 46 9.71 -16.45 -25.51
C ILE B 46 8.92 -15.96 -24.31
N PRO B 47 7.66 -15.53 -24.53
CA PRO B 47 6.81 -15.12 -23.41
C PRO B 47 6.26 -16.32 -22.65
N LYS B 48 5.78 -16.09 -21.42
CA LYS B 48 5.17 -17.12 -20.57
C LYS B 48 6.05 -18.38 -20.45
N VAL B 49 7.25 -18.17 -19.92
CA VAL B 49 8.15 -19.27 -19.61
C VAL B 49 7.95 -19.61 -18.15
N GLU B 50 7.52 -20.85 -17.89
CA GLU B 50 7.29 -21.30 -16.52
C GLU B 50 8.61 -21.46 -15.77
N MET B 51 8.69 -20.83 -14.60
CA MET B 51 9.88 -20.85 -13.78
C MET B 51 9.54 -21.58 -12.48
N SER B 52 10.38 -22.52 -12.08
CA SER B 52 10.18 -23.25 -10.82
C SER B 52 10.67 -22.41 -9.64
N ASP B 53 10.32 -22.83 -8.44
CA ASP B 53 10.76 -22.15 -7.23
C ASP B 53 12.23 -22.42 -6.94
N MET B 54 12.98 -21.34 -6.77
CA MET B 54 14.40 -21.45 -6.47
C MET B 54 14.66 -22.18 -5.15
N SER B 55 15.65 -23.06 -5.18
CA SER B 55 16.01 -23.89 -4.03
C SER B 55 17.54 -24.02 -3.99
N PHE B 56 18.06 -24.78 -3.02
CA PHE B 56 19.49 -25.09 -3.01
C PHE B 56 19.77 -26.54 -2.63
N SER B 57 20.97 -27.01 -2.99
CA SER B 57 21.39 -28.38 -2.72
C SER B 57 22.18 -28.46 -1.41
N LYS B 58 22.61 -29.67 -1.06
CA LYS B 58 23.26 -29.93 0.23
C LYS B 58 24.58 -29.17 0.43
N ASP B 59 25.26 -28.86 -0.68
CA ASP B 59 26.49 -28.08 -0.63
C ASP B 59 26.21 -26.57 -0.75
N TRP B 60 24.97 -26.19 -0.45
CA TRP B 60 24.51 -24.79 -0.44
C TRP B 60 24.49 -24.10 -1.81
N SER B 61 24.56 -24.89 -2.88
CA SER B 61 24.48 -24.36 -4.24
C SER B 61 23.03 -24.15 -4.65
N PHE B 62 22.70 -22.95 -5.09
CA PHE B 62 21.35 -22.66 -5.58
C PHE B 62 21.11 -23.32 -6.93
N TYR B 63 19.84 -23.63 -7.21
CA TYR B 63 19.43 -24.15 -8.51
C TYR B 63 18.01 -23.72 -8.85
N ILE B 64 17.74 -23.53 -10.13
CA ILE B 64 16.41 -23.15 -10.61
C ILE B 64 16.13 -23.78 -11.98
N LEU B 65 14.93 -24.29 -12.17
CA LEU B 65 14.55 -24.92 -13.43
C LEU B 65 13.54 -24.07 -14.21
N ALA B 66 13.95 -23.62 -15.39
CA ALA B 66 13.07 -22.94 -16.32
C ALA B 66 12.63 -23.92 -17.40
N HIS B 67 11.39 -23.78 -17.86
CA HIS B 67 10.88 -24.63 -18.94
C HIS B 67 9.75 -23.97 -19.74
N THR B 68 9.65 -24.39 -21.00
CA THR B 68 8.61 -23.89 -21.91
C THR B 68 8.19 -24.95 -22.93
N GLU B 69 6.98 -24.80 -23.47
CA GLU B 69 6.51 -25.62 -24.59
C GLU B 69 7.17 -25.14 -25.87
N PHE B 70 7.57 -26.09 -26.71
CA PHE B 70 8.20 -25.78 -28.00
C PHE B 70 8.01 -26.92 -29.01
N THR B 71 7.97 -26.58 -30.28
CA THR B 71 8.01 -27.59 -31.34
C THR B 71 9.28 -27.36 -32.15
N PRO B 72 10.23 -28.32 -32.07
CA PRO B 72 11.48 -28.18 -32.81
C PRO B 72 11.30 -28.37 -34.31
N THR B 73 11.98 -27.54 -35.09
CA THR B 73 12.08 -27.72 -36.54
C THR B 73 13.55 -27.55 -36.97
N GLU B 74 13.86 -27.99 -38.18
CA GLU B 74 15.24 -28.01 -38.69
C GLU B 74 16.02 -26.72 -38.41
N THR B 75 15.46 -25.58 -38.81
CA THR B 75 16.16 -24.29 -38.72
C THR B 75 15.99 -23.58 -37.38
N ASP B 76 14.95 -23.94 -36.62
CA ASP B 76 14.61 -23.25 -35.37
C ASP B 76 15.67 -23.39 -34.28
N THR B 77 16.19 -22.25 -33.84
CA THR B 77 17.24 -22.19 -32.82
C THR B 77 16.66 -21.81 -31.47
N TYR B 78 17.00 -22.61 -30.46
CA TYR B 78 16.55 -22.37 -29.09
C TYR B 78 17.74 -22.21 -28.15
N ALA B 79 17.64 -21.25 -27.23
CA ALA B 79 18.74 -20.93 -26.32
C ALA B 79 18.27 -20.44 -24.95
N CYS B 80 19.16 -20.53 -23.97
CA CYS B 80 18.91 -20.03 -22.62
C CYS B 80 19.92 -18.94 -22.26
N ARG B 81 19.42 -17.72 -22.04
CA ARG B 81 20.24 -16.57 -21.72
C ARG B 81 20.17 -16.29 -20.21
N VAL B 82 21.32 -16.12 -19.58
CA VAL B 82 21.39 -15.94 -18.12
C VAL B 82 22.22 -14.72 -17.69
N LYS B 83 21.63 -13.88 -16.86
CA LYS B 83 22.33 -12.74 -16.25
C LYS B 83 22.61 -13.01 -14.77
N HIS B 84 23.86 -12.79 -14.37
CA HIS B 84 24.27 -12.96 -12.97
C HIS B 84 25.39 -11.99 -12.62
N ALA B 85 25.50 -11.66 -11.34
CA ALA B 85 26.48 -10.69 -10.86
C ALA B 85 27.93 -11.17 -10.95
N SER B 86 28.11 -12.49 -11.05
CA SER B 86 29.44 -13.10 -11.11
C SER B 86 30.14 -12.89 -12.45
N MET B 87 29.37 -12.86 -13.53
CA MET B 87 29.92 -12.66 -14.88
C MET B 87 29.57 -11.28 -15.46
N ALA B 88 30.51 -10.71 -16.21
CA ALA B 88 30.35 -9.36 -16.79
C ALA B 88 29.34 -9.34 -17.93
N GLU B 89 29.50 -10.26 -18.89
CA GLU B 89 28.56 -10.40 -19.99
C GLU B 89 27.60 -11.56 -19.72
N PRO B 90 26.31 -11.38 -20.06
CA PRO B 90 25.32 -12.46 -19.92
C PRO B 90 25.73 -13.70 -20.72
N LYS B 91 25.49 -14.88 -20.16
CA LYS B 91 25.86 -16.13 -20.83
C LYS B 91 24.68 -16.75 -21.56
N THR B 92 24.93 -17.16 -22.80
CA THR B 92 23.94 -17.84 -23.61
C THR B 92 24.52 -19.21 -23.99
N VAL B 93 23.75 -20.27 -23.74
CA VAL B 93 24.09 -21.59 -24.28
C VAL B 93 22.95 -22.13 -25.14
N TYR B 94 23.33 -22.75 -26.26
CA TYR B 94 22.36 -23.21 -27.24
C TYR B 94 22.00 -24.68 -27.06
N TRP B 95 20.74 -24.99 -27.35
CA TRP B 95 20.24 -26.36 -27.31
C TRP B 95 20.74 -27.13 -28.53
N ASP B 96 21.42 -28.24 -28.25
CA ASP B 96 21.87 -29.15 -29.30
C ASP B 96 21.20 -30.49 -29.07
N ARG B 97 20.27 -30.83 -29.96
CA ARG B 97 19.43 -32.03 -29.86
C ARG B 97 20.22 -33.33 -29.69
N ASP B 98 21.28 -33.49 -30.47
CA ASP B 98 22.11 -34.70 -30.43
C ASP B 98 23.17 -34.68 -29.32
N MET B 99 23.29 -33.55 -28.62
CA MET B 99 24.15 -33.43 -27.44
C MET B 99 23.42 -33.90 -26.20
N THR C 3 -1.91 3.29 20.30
CA THR C 3 -0.60 2.68 20.71
C THR C 3 -0.71 1.17 20.94
N GLN C 4 0.44 0.54 21.14
CA GLN C 4 0.53 -0.92 21.27
C GLN C 4 0.32 -1.41 22.71
N VAL C 5 0.53 -0.54 23.69
CA VAL C 5 0.32 -0.88 25.11
C VAL C 5 -0.70 0.10 25.71
N GLU C 6 -1.82 -0.42 26.17
CA GLU C 6 -2.88 0.41 26.74
C GLU C 6 -3.23 0.00 28.17
N GLN C 7 -3.17 0.97 29.08
CA GLN C 7 -3.46 0.72 30.49
C GLN C 7 -4.81 1.29 30.89
N SER C 8 -5.44 0.67 31.89
CA SER C 8 -6.74 1.10 32.38
C SER C 8 -6.82 0.80 33.87
N PRO C 9 -7.46 1.69 34.66
CA PRO C 9 -7.94 3.03 34.30
C PRO C 9 -6.80 4.03 34.16
N GLN C 10 -7.11 5.25 33.70
CA GLN C 10 -6.12 6.34 33.64
C GLN C 10 -5.64 6.73 35.04
N SER C 11 -6.59 6.84 35.96
CA SER C 11 -6.31 7.16 37.35
C SER C 11 -7.45 6.67 38.23
N LEU C 12 -7.16 6.39 39.49
CA LEU C 12 -8.19 6.01 40.46
C LEU C 12 -7.81 6.43 41.87
N VAL C 13 -8.82 6.58 42.72
CA VAL C 13 -8.61 6.93 44.13
C VAL C 13 -9.22 5.85 45.02
N VAL C 14 -8.41 5.27 45.89
CA VAL C 14 -8.89 4.27 46.85
C VAL C 14 -8.62 4.68 48.28
N ARG C 15 -9.44 4.16 49.20
CA ARG C 15 -9.21 4.33 50.63
C ARG C 15 -8.23 3.26 51.12
N GLN C 16 -7.45 3.60 52.14
CA GLN C 16 -6.57 2.64 52.82
C GLN C 16 -7.26 1.30 53.08
N GLY C 17 -6.57 0.22 52.75
CA GLY C 17 -7.03 -1.13 53.08
C GLY C 17 -7.94 -1.77 52.06
N GLU C 18 -8.34 -0.99 51.05
CA GLU C 18 -9.14 -1.49 49.95
C GLU C 18 -8.20 -2.06 48.90
N ASN C 19 -8.64 -3.10 48.20
CA ASN C 19 -7.88 -3.66 47.08
C ASN C 19 -8.12 -2.90 45.80
N CYS C 20 -7.19 -3.03 44.85
CA CYS C 20 -7.41 -2.48 43.51
C CYS C 20 -6.73 -3.33 42.44
N VAL C 21 -7.29 -3.28 41.23
CA VAL C 21 -6.80 -4.03 40.09
C VAL C 21 -6.52 -3.08 38.92
N LEU C 22 -5.30 -3.16 38.39
CA LEU C 22 -4.93 -2.36 37.22
C LEU C 22 -4.79 -3.26 36.02
N GLN C 23 -5.30 -2.80 34.88
CA GLN C 23 -5.31 -3.57 33.64
C GLN C 23 -4.20 -3.15 32.70
N CYS C 24 -3.77 -4.10 31.89
CA CYS C 24 -2.88 -3.85 30.77
C CYS C 24 -3.32 -4.67 29.56
N ASN C 25 -3.50 -3.99 28.44
CA ASN C 25 -3.86 -4.63 27.19
C ASN C 25 -2.88 -4.21 26.12
N TYR C 26 -2.45 -5.14 25.29
CA TYR C 26 -1.40 -4.87 24.33
C TYR C 26 -1.56 -5.61 23.00
N SER C 27 -0.95 -5.08 21.94
CA SER C 27 -1.02 -5.70 20.62
C SER C 27 0.37 -6.05 20.10
N VAL C 28 1.34 -6.10 21.01
CA VAL C 28 2.74 -6.30 20.66
C VAL C 28 3.01 -7.73 20.19
N THR C 29 3.62 -7.83 19.01
CA THR C 29 4.03 -9.11 18.44
C THR C 29 5.52 -9.09 18.11
N PRO C 30 6.29 -10.05 18.65
CA PRO C 30 5.87 -11.05 19.63
C PRO C 30 5.86 -10.44 21.03
N ASP C 31 5.36 -11.21 22.00
CA ASP C 31 5.30 -10.76 23.39
C ASP C 31 6.03 -11.75 24.29
N ASN C 32 7.32 -11.51 24.50
CA ASN C 32 8.15 -12.43 25.27
C ASN C 32 7.85 -12.41 26.76
N HIS C 33 7.83 -11.22 27.35
CA HIS C 33 7.67 -11.06 28.79
C HIS C 33 6.98 -9.74 29.08
N LEU C 34 6.35 -9.65 30.24
CA LEU C 34 5.67 -8.43 30.66
C LEU C 34 6.13 -7.99 32.05
N ARG C 35 6.44 -6.71 32.19
CA ARG C 35 6.98 -6.20 33.43
C ARG C 35 6.15 -5.05 34.00
N TRP C 36 5.87 -5.11 35.29
CA TRP C 36 5.16 -4.04 36.00
C TRP C 36 6.14 -3.18 36.81
N PHE C 37 6.06 -1.88 36.59
CA PHE C 37 6.91 -0.90 37.26
C PHE C 37 6.07 -0.01 38.18
N LYS C 38 6.69 0.40 39.28
CA LYS C 38 6.11 1.41 40.16
C LYS C 38 7.00 2.65 40.09
N GLN C 39 6.38 3.81 39.91
CA GLN C 39 7.13 5.07 39.87
C GLN C 39 6.51 6.12 40.79
N ASP C 40 7.23 6.47 41.84
CA ASP C 40 6.83 7.57 42.70
C ASP C 40 7.03 8.89 41.97
N THR C 41 6.27 9.91 42.39
CA THR C 41 6.31 11.23 41.77
C THR C 41 7.71 11.82 41.86
N GLY C 42 8.27 12.18 40.71
CA GLY C 42 9.62 12.74 40.64
C GLY C 42 10.72 11.72 40.88
N LYS C 43 10.37 10.44 40.72
CA LYS C 43 11.31 9.36 41.03
C LYS C 43 11.54 8.42 39.84
N GLY C 44 12.23 7.31 40.11
CA GLY C 44 12.62 6.39 39.07
C GLY C 44 11.73 5.18 39.00
N LEU C 45 12.21 4.15 38.31
CA LEU C 45 11.40 2.98 38.01
C LEU C 45 11.83 1.80 38.86
N VAL C 46 10.90 1.29 39.67
CA VAL C 46 11.16 0.12 40.50
C VAL C 46 10.38 -1.05 39.93
N SER C 47 11.07 -2.13 39.61
CA SER C 47 10.45 -3.33 39.04
C SER C 47 9.70 -4.10 40.13
N LEU C 48 8.42 -4.34 39.89
CA LEU C 48 7.57 -5.04 40.86
C LEU C 48 7.53 -6.54 40.58
N THR C 49 7.38 -6.89 39.30
CA THR C 49 7.33 -8.28 38.85
C THR C 49 7.51 -8.37 37.35
N VAL C 50 7.91 -9.56 36.89
CA VAL C 50 7.98 -9.84 35.48
C VAL C 50 7.37 -11.20 35.18
N LEU C 51 6.32 -11.21 34.35
CA LEU C 51 5.67 -12.44 33.94
C LEU C 51 6.19 -12.90 32.58
N VAL C 52 6.26 -14.22 32.40
CA VAL C 52 7.05 -14.82 31.32
C VAL C 52 6.29 -15.89 30.50
N ASP C 53 5.44 -16.67 31.16
CA ASP C 53 4.77 -17.80 30.50
C ASP C 53 3.51 -17.42 29.72
N GLN C 54 2.98 -18.39 28.97
CA GLN C 54 1.75 -18.23 28.20
C GLN C 54 0.58 -17.88 29.13
N LYS C 55 0.38 -18.70 30.16
CA LYS C 55 -0.53 -18.39 31.25
C LYS C 55 0.29 -18.31 32.53
N ASP C 56 0.54 -17.09 32.99
CA ASP C 56 1.45 -16.86 34.11
C ASP C 56 0.79 -16.11 35.28
N LYS C 57 1.32 -16.36 36.48
CA LYS C 57 0.90 -15.68 37.70
C LYS C 57 2.12 -15.48 38.60
N THR C 58 2.20 -14.30 39.23
CA THR C 58 3.32 -13.99 40.13
C THR C 58 2.86 -13.30 41.41
N SER C 59 3.72 -13.32 42.42
CA SER C 59 3.42 -12.69 43.70
C SER C 59 4.66 -12.03 44.30
N ASN C 60 4.46 -10.84 44.88
CA ASN C 60 5.54 -10.10 45.51
C ASN C 60 4.98 -9.30 46.70
N GLY C 61 4.73 -10.02 47.79
CA GLY C 61 4.09 -9.43 48.97
C GLY C 61 2.64 -9.08 48.65
N ARG C 62 2.30 -7.81 48.85
CA ARG C 62 0.94 -7.33 48.61
C ARG C 62 0.58 -7.23 47.13
N TYR C 63 1.60 -7.30 46.27
CA TYR C 63 1.41 -7.30 44.82
C TYR C 63 1.29 -8.71 44.27
N SER C 64 0.40 -8.86 43.30
CA SER C 64 0.34 -10.07 42.49
C SER C 64 -0.13 -9.71 41.09
N ALA C 65 0.30 -10.49 40.10
CA ALA C 65 -0.02 -10.19 38.71
C ALA C 65 -0.32 -11.45 37.90
N THR C 66 -1.18 -11.30 36.90
CA THR C 66 -1.49 -12.40 35.98
C THR C 66 -1.09 -12.02 34.56
N LEU C 67 -0.83 -13.03 33.74
CA LEU C 67 -0.57 -12.82 32.31
C LEU C 67 -1.26 -13.89 31.47
N ASP C 68 -1.99 -13.45 30.46
CA ASP C 68 -2.61 -14.34 29.48
C ASP C 68 -2.17 -13.88 28.09
N LYS C 69 -1.30 -14.66 27.46
CA LYS C 69 -0.72 -14.25 26.18
C LYS C 69 -1.68 -14.40 25.01
N ASP C 70 -2.60 -15.36 25.10
CA ASP C 70 -3.64 -15.53 24.08
C ASP C 70 -4.57 -14.31 24.07
N ALA C 71 -4.91 -13.81 25.24
CA ALA C 71 -5.77 -12.64 25.37
C ALA C 71 -4.96 -11.33 25.30
N LYS C 72 -3.63 -11.46 25.28
CA LYS C 72 -2.71 -10.32 25.34
C LYS C 72 -3.10 -9.35 26.46
N HIS C 73 -3.23 -9.91 27.66
CA HIS C 73 -3.83 -9.22 28.78
C HIS C 73 -3.08 -9.53 30.09
N SER C 74 -2.89 -8.50 30.90
CA SER C 74 -2.29 -8.63 32.23
C SER C 74 -3.00 -7.77 33.25
N THR C 75 -3.11 -8.26 34.49
CA THR C 75 -3.64 -7.47 35.60
C THR C 75 -2.64 -7.35 36.74
N LEU C 76 -2.65 -6.20 37.43
CA LEU C 76 -1.89 -6.02 38.65
C LEU C 76 -2.83 -5.81 39.84
N HIS C 77 -2.81 -6.76 40.77
N HIS C 77 -2.82 -6.74 40.78
CA HIS C 77 -3.61 -6.70 41.98
CA HIS C 77 -3.68 -6.69 41.96
C HIS C 77 -2.77 -6.17 43.12
C HIS C 77 -2.88 -6.27 43.20
N ILE C 78 -3.25 -5.13 43.78
CA ILE C 78 -2.62 -4.65 45.03
C ILE C 78 -3.58 -4.95 46.17
N THR C 79 -3.14 -5.81 47.08
CA THR C 79 -3.97 -6.24 48.22
C THR C 79 -3.74 -5.33 49.42
N ALA C 80 -4.83 -4.95 50.09
CA ALA C 80 -4.79 -4.06 51.26
C ALA C 80 -3.84 -2.88 51.06
N THR C 81 -4.28 -1.90 50.27
CA THR C 81 -3.45 -0.75 49.91
C THR C 81 -3.01 0.09 51.10
N LEU C 82 -1.80 0.63 51.02
CA LEU C 82 -1.28 1.57 52.02
C LEU C 82 -0.95 2.91 51.34
N LEU C 83 -0.64 3.93 52.14
CA LEU C 83 -0.30 5.25 51.62
C LEU C 83 0.87 5.20 50.62
N ASP C 84 1.88 4.37 50.93
CA ASP C 84 3.07 4.19 50.09
C ASP C 84 2.77 3.76 48.64
N ASP C 85 1.57 3.24 48.41
CA ASP C 85 1.19 2.78 47.07
C ASP C 85 0.83 3.93 46.14
N THR C 86 0.64 5.13 46.69
CA THR C 86 0.44 6.34 45.90
C THR C 86 1.59 6.47 44.92
N ALA C 87 1.31 6.16 43.66
CA ALA C 87 2.32 6.15 42.60
C ALA C 87 1.68 5.88 41.26
N THR C 88 2.48 6.03 40.21
CA THR C 88 2.09 5.62 38.87
C THR C 88 2.61 4.21 38.61
N TYR C 89 1.76 3.36 38.04
CA TYR C 89 2.12 1.98 37.74
C TYR C 89 2.19 1.74 36.24
N ILE C 90 3.34 1.24 35.78
CA ILE C 90 3.62 1.14 34.35
C ILE C 90 3.76 -0.30 33.86
N CYS C 91 3.02 -0.61 32.80
CA CYS C 91 3.10 -1.88 32.10
C CYS C 91 4.11 -1.78 30.96
N VAL C 92 5.01 -2.76 30.86
CA VAL C 92 6.01 -2.78 29.80
C VAL C 92 6.07 -4.17 29.16
N VAL C 93 6.00 -4.20 27.84
CA VAL C 93 6.08 -5.44 27.07
C VAL C 93 7.41 -5.50 26.32
N GLY C 94 8.16 -6.58 26.50
CA GLY C 94 9.39 -6.81 25.74
C GLY C 94 9.16 -7.85 24.66
N ASP C 95 9.55 -7.51 23.43
CA ASP C 95 9.24 -8.33 22.26
C ASP C 95 10.28 -9.41 21.93
N ARG C 96 11.33 -9.51 22.74
CA ARG C 96 12.33 -10.58 22.62
C ARG C 96 12.79 -10.99 24.00
N GLY C 97 13.31 -12.21 24.11
CA GLY C 97 13.92 -12.69 25.34
C GLY C 97 15.41 -12.49 25.34
N SER C 98 15.88 -11.45 24.65
CA SER C 98 17.31 -11.13 24.52
C SER C 98 17.51 -9.63 24.33
N ALA C 99 18.78 -9.22 24.28
CA ALA C 99 19.16 -7.81 24.07
C ALA C 99 18.68 -7.24 22.72
N LEU C 100 18.34 -8.12 21.78
CA LEU C 100 17.85 -7.70 20.48
C LEU C 100 16.43 -7.12 20.55
N GLY C 101 15.83 -7.19 21.73
CA GLY C 101 14.45 -6.79 21.92
C GLY C 101 14.23 -5.30 22.13
N ARG C 102 12.99 -4.87 21.91
CA ARG C 102 12.56 -3.51 22.19
C ARG C 102 11.45 -3.55 23.24
N LEU C 103 11.56 -2.66 24.23
CA LEU C 103 10.54 -2.53 25.26
C LEU C 103 9.44 -1.61 24.78
N HIS C 104 8.19 -1.98 25.08
CA HIS C 104 7.03 -1.18 24.72
C HIS C 104 6.33 -0.74 26.00
N PHE C 105 6.34 0.57 26.24
CA PHE C 105 5.87 1.14 27.49
C PHE C 105 4.43 1.66 27.40
N GLY C 106 3.64 1.36 28.43
CA GLY C 106 2.32 1.95 28.60
C GLY C 106 2.42 3.32 29.26
N ALA C 107 1.40 4.14 29.09
CA ALA C 107 1.40 5.51 29.60
C ALA C 107 1.25 5.60 31.13
N GLY C 108 0.84 4.51 31.75
CA GLY C 108 0.74 4.44 33.20
C GLY C 108 -0.65 4.62 33.78
N THR C 109 -0.79 4.28 35.06
CA THR C 109 -2.03 4.46 35.81
C THR C 109 -1.68 5.14 37.13
N GLN C 110 -2.29 6.30 37.38
CA GLN C 110 -2.05 7.01 38.63
C GLN C 110 -2.90 6.43 39.75
N LEU C 111 -2.25 6.07 40.85
CA LEU C 111 -2.97 5.62 42.03
C LEU C 111 -2.77 6.61 43.17
N ILE C 112 -3.88 7.07 43.74
CA ILE C 112 -3.87 7.88 44.95
C ILE C 112 -4.60 7.12 46.06
N VAL C 113 -3.91 6.86 47.16
CA VAL C 113 -4.50 6.21 48.32
C VAL C 113 -4.82 7.25 49.38
N ILE C 114 -6.06 7.24 49.86
CA ILE C 114 -6.48 8.13 50.94
C ILE C 114 -6.30 7.41 52.29
N PRO C 115 -5.53 8.02 53.21
CA PRO C 115 -5.29 7.40 54.51
C PRO C 115 -6.46 7.59 55.47
N ASP C 116 -6.70 6.61 56.35
CA ASP C 116 -7.74 6.78 57.37
C ASP C 116 -7.14 7.34 58.65
N ILE C 117 -7.80 8.37 59.18
CA ILE C 117 -7.38 8.99 60.42
C ILE C 117 -8.26 8.47 61.55
N GLN C 118 -7.66 7.66 62.42
CA GLN C 118 -8.39 7.02 63.51
C GLN C 118 -8.71 8.00 64.65
N ASN C 119 -7.81 8.95 64.86
CA ASN C 119 -7.99 9.95 65.92
C ASN C 119 -7.82 11.38 65.41
N PRO C 120 -8.88 11.95 64.79
CA PRO C 120 -8.82 13.34 64.32
C PRO C 120 -8.86 14.34 65.47
N ASP C 121 -8.09 15.42 65.33
CA ASP C 121 -8.01 16.47 66.35
C ASP C 121 -7.71 17.84 65.71
N PRO C 122 -8.67 18.39 64.93
CA PRO C 122 -8.43 19.61 64.17
C PRO C 122 -8.03 20.82 65.02
N ALA C 123 -7.00 21.53 64.57
CA ALA C 123 -6.45 22.69 65.28
C ALA C 123 -5.66 23.61 64.35
N VAL C 124 -5.55 24.89 64.73
CA VAL C 124 -4.72 25.86 64.01
C VAL C 124 -3.70 26.50 64.96
N TYR C 125 -2.42 26.29 64.67
CA TYR C 125 -1.33 26.83 65.50
C TYR C 125 -0.51 27.89 64.77
N GLN C 126 0.08 28.81 65.53
CA GLN C 126 0.96 29.82 64.96
C GLN C 126 2.42 29.49 65.27
N LEU C 127 3.22 29.36 64.21
CA LEU C 127 4.63 28.98 64.31
C LEU C 127 5.53 30.17 63.93
N ARG C 128 6.57 30.39 64.70
CA ARG C 128 7.45 31.55 64.50
C ARG C 128 8.82 31.18 63.97
N ASP C 129 9.37 32.06 63.13
CA ASP C 129 10.67 31.87 62.48
C ASP C 129 11.77 31.69 63.53
N SER C 130 12.68 30.76 63.27
CA SER C 130 13.78 30.46 64.17
C SER C 130 14.78 31.60 64.28
N LYS C 131 14.88 32.40 63.22
CA LYS C 131 15.89 33.46 63.15
C LYS C 131 15.33 34.89 63.16
N SER C 132 14.04 35.03 62.87
CA SER C 132 13.38 36.34 62.84
C SER C 132 11.94 36.24 63.34
N SER C 133 11.77 36.41 64.65
CA SER C 133 10.49 36.14 65.33
C SER C 133 9.27 36.94 64.85
N ASP C 134 9.51 37.99 64.06
CA ASP C 134 8.43 38.80 63.48
C ASP C 134 7.66 38.04 62.39
N LYS C 135 8.38 37.21 61.64
CA LYS C 135 7.78 36.38 60.60
C LYS C 135 7.17 35.12 61.19
N SER C 136 5.97 34.76 60.72
CA SER C 136 5.25 33.61 61.23
C SER C 136 4.40 32.88 60.19
N VAL C 137 4.02 31.65 60.50
CA VAL C 137 3.07 30.87 59.68
C VAL C 137 1.93 30.32 60.53
N CYS C 138 0.82 29.98 59.88
CA CYS C 138 -0.31 29.33 60.53
C CYS C 138 -0.48 27.91 60.02
N LEU C 139 -0.49 26.95 60.94
CA LEU C 139 -0.57 25.54 60.59
C LEU C 139 -1.92 24.94 60.96
N PHE C 140 -2.71 24.58 59.94
CA PHE C 140 -3.94 23.82 60.14
C PHE C 140 -3.55 22.35 60.09
N THR C 141 -3.83 21.62 61.17
CA THR C 141 -3.36 20.24 61.29
C THR C 141 -4.32 19.29 62.01
N ASP C 142 -4.08 17.99 61.82
CA ASP C 142 -4.81 16.89 62.49
C ASP C 142 -6.29 16.80 62.15
N PHE C 143 -6.65 17.26 60.94
CA PHE C 143 -8.03 17.14 60.44
C PHE C 143 -8.22 15.85 59.62
N ASP C 144 -9.49 15.49 59.39
CA ASP C 144 -9.85 14.29 58.64
C ASP C 144 -9.98 14.60 57.14
N SER C 145 -10.92 13.93 56.47
CA SER C 145 -11.20 14.17 55.05
C SER C 145 -11.97 15.50 54.85
N GLN C 146 -11.25 16.60 54.99
CA GLN C 146 -11.80 17.94 54.83
C GLN C 146 -11.06 18.68 53.71
N THR C 147 -11.82 19.34 52.85
CA THR C 147 -11.23 20.10 51.75
C THR C 147 -11.12 21.57 52.13
N ASN C 148 -9.89 22.07 52.21
CA ASN C 148 -9.65 23.49 52.46
C ASN C 148 -9.26 24.25 51.20
N VAL C 149 -9.95 25.37 50.96
CA VAL C 149 -9.79 26.16 49.74
C VAL C 149 -8.49 26.98 49.74
N SER C 150 -8.23 27.66 48.63
CA SER C 150 -7.06 28.53 48.50
C SER C 150 -7.47 30.00 48.41
N ASP C 154 -7.83 36.91 49.84
CA ASP C 154 -6.99 37.96 49.26
C ASP C 154 -5.93 37.38 48.32
N SER C 155 -5.45 38.22 47.40
CA SER C 155 -4.45 37.81 46.40
C SER C 155 -3.06 37.63 47.01
N ASP C 156 -2.83 38.28 48.15
CA ASP C 156 -1.52 38.27 48.81
C ASP C 156 -1.46 37.26 49.97
N VAL C 157 -2.43 36.35 50.02
CA VAL C 157 -2.46 35.30 51.05
C VAL C 157 -2.19 33.93 50.40
N TYR C 158 -1.17 33.25 50.90
CA TYR C 158 -0.74 31.96 50.35
C TYR C 158 -1.12 30.78 51.25
N ILE C 159 -1.86 29.83 50.68
CA ILE C 159 -2.32 28.63 51.39
C ILE C 159 -2.02 27.39 50.56
N THR C 160 -1.23 26.48 51.15
CA THR C 160 -0.86 25.22 50.50
C THR C 160 -2.01 24.23 50.52
N ASP C 161 -1.97 23.26 49.62
CA ASP C 161 -2.95 22.17 49.61
C ASP C 161 -2.63 21.16 50.71
N LYS C 162 -3.61 20.34 51.08
CA LYS C 162 -3.42 19.37 52.16
C LYS C 162 -2.32 18.36 51.85
N CYS C 163 -1.67 17.86 52.89
CA CYS C 163 -0.54 16.98 52.76
C CYS C 163 -0.45 16.07 53.98
N VAL C 164 -0.20 14.79 53.76
CA VAL C 164 -0.21 13.80 54.84
C VAL C 164 1.20 13.24 55.18
N LEU C 165 1.56 13.34 56.45
CA LEU C 165 2.82 12.77 56.95
C LEU C 165 2.58 11.53 57.80
N ASP C 166 3.52 10.59 57.74
CA ASP C 166 3.44 9.35 58.49
C ASP C 166 4.62 9.25 59.45
N MET C 167 4.32 9.17 60.74
CA MET C 167 5.34 8.92 61.75
C MET C 167 5.46 7.41 61.93
N ARG C 168 6.24 6.81 61.02
CA ARG C 168 6.32 5.36 60.84
C ARG C 168 6.46 4.55 62.14
N SER C 169 7.40 4.95 62.99
CA SER C 169 7.70 4.20 64.22
C SER C 169 6.62 4.35 65.31
N MET C 170 5.80 5.39 65.19
CA MET C 170 4.67 5.60 66.09
C MET C 170 3.35 5.08 65.53
N ASP C 171 3.34 4.82 64.21
CA ASP C 171 2.14 4.40 63.45
C ASP C 171 1.04 5.49 63.45
N PHE C 172 1.47 6.75 63.42
CA PHE C 172 0.56 7.88 63.45
C PHE C 172 0.62 8.67 62.15
N LYS C 173 -0.54 8.94 61.57
CA LYS C 173 -0.65 9.75 60.36
C LYS C 173 -1.51 10.98 60.61
N SER C 174 -1.14 12.09 59.99
CA SER C 174 -1.86 13.35 60.15
C SER C 174 -1.84 14.18 58.87
N ASN C 175 -2.90 14.95 58.67
CA ASN C 175 -2.97 15.93 57.59
C ASN C 175 -2.57 17.31 58.09
N SER C 176 -2.18 18.19 57.15
CA SER C 176 -1.85 19.56 57.47
C SER C 176 -1.85 20.47 56.24
N ALA C 177 -2.07 21.75 56.46
CA ALA C 177 -1.90 22.77 55.44
C ALA C 177 -1.23 24.00 56.06
N VAL C 178 -0.42 24.69 55.27
CA VAL C 178 0.30 25.87 55.76
C VAL C 178 -0.24 27.12 55.11
N ALA C 179 -0.43 28.16 55.93
CA ALA C 179 -0.87 29.47 55.45
C ALA C 179 0.03 30.58 56.00
N TRP C 180 0.39 31.52 55.14
CA TRP C 180 1.17 32.69 55.51
C TRP C 180 0.81 33.87 54.62
N SER C 181 0.98 35.08 55.14
CA SER C 181 0.71 36.30 54.37
C SER C 181 1.60 37.44 54.86
N ASN C 182 2.10 38.21 53.91
CA ASN C 182 2.96 39.36 54.23
C ASN C 182 2.15 40.57 54.67
N LYS C 183 0.89 40.61 54.25
CA LYS C 183 -0.02 41.72 54.56
C LYS C 183 -0.32 41.85 56.06
N SER C 184 -0.43 43.09 56.52
CA SER C 184 -0.85 43.39 57.89
C SER C 184 -2.35 43.09 58.06
N ASP C 185 -2.77 42.93 59.31
CA ASP C 185 -4.15 42.54 59.66
C ASP C 185 -4.50 41.13 59.18
N PHE C 186 -3.49 40.26 59.13
CA PHE C 186 -3.67 38.85 58.83
C PHE C 186 -3.28 38.01 60.05
N ALA C 187 -4.23 37.20 60.51
CA ALA C 187 -4.00 36.32 61.65
C ALA C 187 -4.51 34.91 61.37
N CYS C 188 -4.11 33.96 62.22
CA CYS C 188 -4.46 32.56 62.05
C CYS C 188 -5.95 32.27 62.28
N ALA C 189 -6.61 33.12 63.05
CA ALA C 189 -8.05 33.02 63.29
C ALA C 189 -8.85 33.30 62.02
N ASN C 190 -8.30 34.17 61.15
CA ASN C 190 -8.94 34.56 59.90
C ASN C 190 -8.25 33.97 58.67
N ALA C 191 -7.47 32.91 58.87
CA ALA C 191 -6.66 32.34 57.81
C ALA C 191 -7.40 31.30 56.96
N PHE C 192 -8.16 30.43 57.62
CA PHE C 192 -8.83 29.32 56.96
C PHE C 192 -10.36 29.45 56.96
N ASN C 193 -10.86 30.64 57.26
CA ASN C 193 -12.32 30.89 57.20
C ASN C 193 -12.87 30.90 55.78
N ASN C 194 -11.95 30.94 54.81
CA ASN C 194 -12.27 30.76 53.39
C ASN C 194 -12.44 29.28 53.04
N SER C 195 -12.21 28.42 54.03
CA SER C 195 -12.35 26.98 53.90
C SER C 195 -13.42 26.45 54.85
N ILE C 196 -14.03 25.33 54.51
CA ILE C 196 -15.03 24.70 55.39
C ILE C 196 -14.34 23.82 56.44
N ILE C 197 -14.21 24.38 57.65
CA ILE C 197 -13.53 23.72 58.76
C ILE C 197 -14.52 23.28 59.84
N PRO C 198 -14.30 22.09 60.45
CA PRO C 198 -15.18 21.55 61.50
C PRO C 198 -15.43 22.52 62.65
N GLU C 199 -16.59 22.39 63.29
CA GLU C 199 -17.03 23.30 64.34
C GLU C 199 -16.13 23.29 65.59
N ASP C 200 -15.61 22.11 65.93
CA ASP C 200 -14.79 21.95 67.14
C ASP C 200 -13.28 22.01 66.88
N THR C 201 -12.89 22.83 65.91
CA THR C 201 -11.48 23.08 65.60
C THR C 201 -10.85 23.92 66.71
N PHE C 202 -9.72 23.46 67.24
CA PHE C 202 -9.06 24.10 68.37
C PHE C 202 -8.33 25.38 67.96
N PHE C 203 -8.61 26.46 68.71
CA PHE C 203 -7.94 27.75 68.51
C PHE C 203 -7.36 28.26 69.85
N PRO C 204 -6.03 28.18 70.01
CA PRO C 204 -5.36 28.59 71.25
C PRO C 204 -5.14 30.10 71.34
N SER C 205 -5.01 30.60 72.57
CA SER C 205 -4.74 32.02 72.84
C SER C 205 -3.38 32.44 72.29
N ALA D 3 24.17 -3.77 40.36
CA ALA D 3 23.85 -3.52 38.92
C ALA D 3 23.38 -2.07 38.68
N ALA D 4 24.02 -1.13 39.37
CA ALA D 4 23.61 0.28 39.32
C ALA D 4 23.97 1.01 38.03
N VAL D 5 23.08 1.91 37.60
CA VAL D 5 23.36 2.83 36.49
C VAL D 5 23.25 4.27 37.00
N THR D 6 24.34 5.02 36.90
CA THR D 6 24.37 6.42 37.36
C THR D 6 24.14 7.41 36.21
N GLN D 7 23.54 8.56 36.55
CA GLN D 7 23.32 9.65 35.60
C GLN D 7 23.80 10.98 36.18
N SER D 8 24.34 11.84 35.31
CA SER D 8 24.70 13.21 35.68
C SER D 8 24.48 14.13 34.48
N PRO D 9 23.89 15.32 34.71
CA PRO D 9 23.37 15.77 36.00
C PRO D 9 22.04 15.11 36.30
N ARG D 10 21.60 15.20 37.54
CA ARG D 10 20.30 14.68 37.92
C ARG D 10 19.21 15.68 37.54
N ASN D 11 19.57 16.95 37.47
CA ASN D 11 18.63 18.03 37.27
C ASN D 11 19.36 19.22 36.64
N LYS D 12 18.84 19.72 35.52
CA LYS D 12 19.53 20.74 34.73
C LYS D 12 18.60 21.81 34.18
N VAL D 13 19.03 23.07 34.31
CA VAL D 13 18.34 24.20 33.71
C VAL D 13 19.23 24.77 32.62
N ALA D 14 18.69 24.82 31.40
CA ALA D 14 19.44 25.29 30.23
C ALA D 14 18.66 26.37 29.47
N VAL D 15 19.34 27.02 28.52
CA VAL D 15 18.70 28.02 27.66
C VAL D 15 18.60 27.52 26.21
N THR D 16 17.66 28.09 25.46
CA THR D 16 17.49 27.77 24.03
C THR D 16 18.76 28.14 23.25
N GLY D 17 19.31 27.16 22.54
CA GLY D 17 20.47 27.37 21.69
C GLY D 17 21.78 26.85 22.25
N GLY D 18 21.84 26.68 23.57
CA GLY D 18 23.03 26.16 24.23
C GLY D 18 23.23 24.66 24.04
N LYS D 19 24.47 24.22 24.22
CA LYS D 19 24.80 22.79 24.21
C LYS D 19 24.48 22.17 25.56
N VAL D 20 23.75 21.06 25.53
CA VAL D 20 23.36 20.34 26.74
C VAL D 20 23.75 18.87 26.63
N THR D 21 24.67 18.45 27.49
CA THR D 21 25.17 17.08 27.47
C THR D 21 24.71 16.31 28.72
N LEU D 22 23.91 15.27 28.49
CA LEU D 22 23.47 14.38 29.57
C LEU D 22 24.29 13.11 29.54
N SER D 23 24.90 12.79 30.68
CA SER D 23 25.81 11.66 30.78
C SER D 23 25.19 10.48 31.51
N CYS D 24 25.66 9.30 31.17
CA CYS D 24 25.24 8.07 31.81
C CYS D 24 26.44 7.17 32.05
N ASN D 25 26.49 6.53 33.22
CA ASN D 25 27.62 5.69 33.60
C ASN D 25 27.19 4.37 34.24
N GLN D 26 27.76 3.28 33.76
CA GLN D 26 27.60 1.95 34.36
C GLN D 26 28.93 1.21 34.40
N THR D 27 29.22 0.60 35.55
CA THR D 27 30.46 -0.14 35.73
C THR D 27 30.20 -1.65 35.69
N ASN D 28 29.05 -2.02 35.13
CA ASN D 28 28.61 -3.41 35.05
C ASN D 28 29.17 -4.16 33.84
N ASN D 29 30.00 -3.48 33.06
CA ASN D 29 30.61 -4.02 31.84
C ASN D 29 29.58 -4.44 30.78
N HIS D 30 28.39 -3.87 30.89
CA HIS D 30 27.30 -4.13 29.96
C HIS D 30 27.62 -3.54 28.59
N ASN D 31 27.45 -4.34 27.55
CA ASN D 31 27.72 -3.92 26.17
C ASN D 31 26.69 -2.90 25.67
N ASN D 32 25.47 -3.00 26.20
CA ASN D 32 24.33 -2.33 25.60
C ASN D 32 23.73 -1.25 26.49
N MET D 33 23.50 -0.07 25.90
CA MET D 33 22.99 1.10 26.62
C MET D 33 21.93 1.82 25.79
N TYR D 34 20.95 2.43 26.46
CA TYR D 34 19.77 2.98 25.80
C TYR D 34 19.34 4.28 26.46
N TRP D 35 18.99 5.28 25.66
CA TRP D 35 18.50 6.59 26.17
C TRP D 35 17.01 6.82 25.86
N TYR D 36 16.21 6.97 26.91
CA TYR D 36 14.78 7.22 26.79
C TYR D 36 14.39 8.60 27.32
N ARG D 37 13.23 9.11 26.87
CA ARG D 37 12.61 10.29 27.52
C ARG D 37 11.16 10.01 27.90
N GLN D 38 10.76 10.51 29.08
CA GLN D 38 9.40 10.34 29.59
C GLN D 38 8.63 11.66 29.62
N ASP D 39 7.45 11.64 29.02
CA ASP D 39 6.55 12.80 29.01
C ASP D 39 5.15 12.37 29.42
N THR D 40 4.41 13.29 30.02
CA THR D 40 3.08 12.98 30.54
C THR D 40 2.14 12.50 29.42
N GLY D 41 1.37 11.46 29.73
CA GLY D 41 0.46 10.85 28.76
C GLY D 41 1.16 9.99 27.72
N HIS D 42 2.45 9.73 27.94
CA HIS D 42 3.27 8.91 27.04
C HIS D 42 4.08 7.89 27.81
N GLY D 43 4.35 6.75 27.17
CA GLY D 43 5.31 5.79 27.71
C GLY D 43 6.70 6.31 27.42
N LEU D 44 7.71 5.67 28.02
CA LEU D 44 9.10 5.98 27.70
C LEU D 44 9.36 5.67 26.24
N ARG D 45 10.08 6.57 25.57
CA ARG D 45 10.36 6.45 24.15
C ARG D 45 11.87 6.49 23.87
N LEU D 46 12.34 5.48 23.15
CA LEU D 46 13.76 5.33 22.81
C LEU D 46 14.24 6.44 21.86
N ILE D 47 15.29 7.13 22.26
CA ILE D 47 15.90 8.18 21.43
C ILE D 47 17.07 7.60 20.65
N HIS D 48 18.03 7.04 21.39
CA HIS D 48 19.23 6.44 20.81
C HIS D 48 19.63 5.24 21.65
N TYR D 49 20.36 4.33 21.04
CA TYR D 49 20.93 3.21 21.76
C TYR D 49 22.28 2.80 21.19
N SER D 50 23.01 1.98 21.94
CA SER D 50 24.39 1.65 21.58
C SER D 50 24.72 0.20 21.91
N TYR D 51 25.22 -0.53 20.92
CA TYR D 51 25.61 -1.93 21.10
C TYR D 51 27.04 -2.12 21.59
N GLY D 52 27.78 -1.03 21.75
CA GLY D 52 29.15 -1.09 22.25
C GLY D 52 29.93 0.19 21.99
N ALA D 53 31.14 0.24 22.54
CA ALA D 53 31.98 1.43 22.43
C ALA D 53 32.18 1.87 20.98
N GLY D 54 32.07 3.17 20.76
CA GLY D 54 32.36 3.77 19.46
C GLY D 54 31.31 3.51 18.40
N SER D 55 30.06 3.34 18.83
CA SER D 55 28.95 3.09 17.92
C SER D 55 27.61 3.49 18.54
N THR D 56 26.78 4.16 17.75
CA THR D 56 25.44 4.55 18.18
C THR D 56 24.44 4.22 17.09
N GLU D 57 23.20 3.94 17.49
CA GLU D 57 22.12 3.63 16.55
C GLU D 57 20.88 4.45 16.88
N LYS D 58 20.17 4.90 15.85
CA LYS D 58 18.96 5.70 16.02
C LYS D 58 17.80 4.91 16.62
N GLY D 59 17.13 5.51 17.60
CA GLY D 59 15.94 4.94 18.21
C GLY D 59 14.68 5.37 17.47
N ASP D 60 13.56 5.41 18.18
CA ASP D 60 12.27 5.77 17.59
C ASP D 60 12.12 7.28 17.38
N ILE D 61 12.63 8.06 18.33
CA ILE D 61 12.56 9.53 18.27
C ILE D 61 13.94 10.18 18.40
N PRO D 62 14.79 10.03 17.36
CA PRO D 62 16.18 10.49 17.48
C PRO D 62 16.41 11.97 17.17
N ASP D 63 15.49 12.59 16.43
CA ASP D 63 15.66 13.99 15.99
C ASP D 63 15.92 14.99 17.12
N GLY D 64 16.89 15.87 16.88
CA GLY D 64 17.29 16.87 17.86
C GLY D 64 18.41 16.41 18.78
N TYR D 65 18.64 15.10 18.81
CA TYR D 65 19.65 14.52 19.67
C TYR D 65 20.77 13.85 18.88
N LYS D 66 21.99 13.95 19.40
CA LYS D 66 23.13 13.19 18.91
C LYS D 66 23.63 12.35 20.09
N ALA D 67 24.12 11.14 19.81
CA ALA D 67 24.56 10.25 20.87
C ALA D 67 26.05 9.93 20.75
N SER D 68 26.70 9.69 21.88
CA SER D 68 28.12 9.37 21.90
C SER D 68 28.45 8.23 22.85
N ARG D 69 29.21 7.26 22.36
CA ARG D 69 29.67 6.14 23.18
C ARG D 69 31.20 6.10 23.19
N PRO D 70 31.82 6.94 24.05
CA PRO D 70 33.29 7.04 24.10
C PRO D 70 33.94 5.76 24.64
N SER D 71 33.21 5.05 25.49
CA SER D 71 33.71 3.84 26.14
C SER D 71 32.57 2.93 26.57
N GLN D 72 32.92 1.74 27.02
CA GLN D 72 31.96 0.77 27.55
C GLN D 72 31.14 1.37 28.71
N GLU D 73 31.81 2.16 29.55
CA GLU D 73 31.21 2.69 30.77
C GLU D 73 30.21 3.82 30.53
N ASN D 74 30.53 4.72 29.59
CA ASN D 74 29.73 5.92 29.38
C ASN D 74 28.93 5.99 28.07
N PHE D 75 27.68 6.39 28.19
CA PHE D 75 26.85 6.71 27.04
C PHE D 75 26.33 8.11 27.25
N SER D 76 26.46 8.96 26.24
CA SER D 76 26.04 10.35 26.36
C SER D 76 24.95 10.74 25.37
N LEU D 77 24.06 11.60 25.84
CA LEU D 77 23.05 12.22 25.01
C LEU D 77 23.44 13.69 24.83
N ILE D 78 23.60 14.12 23.58
CA ILE D 78 24.03 15.49 23.29
C ILE D 78 22.97 16.28 22.53
N LEU D 79 22.46 17.34 23.17
CA LEU D 79 21.53 18.27 22.57
C LEU D 79 22.32 19.52 22.16
N GLU D 80 22.64 19.61 20.88
CA GLU D 80 23.46 20.70 20.34
C GLU D 80 22.74 22.04 20.45
N LEU D 81 21.55 22.13 19.88
CA LEU D 81 20.72 23.32 19.99
C LEU D 81 19.43 22.97 20.74
N ALA D 82 19.47 23.18 22.05
CA ALA D 82 18.36 22.82 22.92
C ALA D 82 17.13 23.68 22.66
N THR D 83 15.97 23.02 22.54
CA THR D 83 14.71 23.71 22.33
C THR D 83 13.78 23.41 23.52
N PRO D 84 12.76 24.26 23.74
CA PRO D 84 11.78 24.04 24.81
C PRO D 84 11.08 22.68 24.72
N SER D 85 10.91 22.16 23.51
CA SER D 85 10.24 20.87 23.28
C SER D 85 11.04 19.69 23.82
N GLN D 86 12.24 19.97 24.33
CA GLN D 86 13.10 18.94 24.89
C GLN D 86 13.10 18.97 26.42
N THR D 87 12.27 19.84 26.99
CA THR D 87 11.96 19.81 28.40
C THR D 87 11.26 18.50 28.68
N SER D 88 11.94 17.62 29.42
CA SER D 88 11.45 16.27 29.68
C SER D 88 12.24 15.62 30.83
N VAL D 89 11.86 14.40 31.17
CA VAL D 89 12.66 13.57 32.07
C VAL D 89 13.34 12.51 31.21
N TYR D 90 14.65 12.38 31.37
CA TYR D 90 15.43 11.46 30.57
C TYR D 90 16.00 10.33 31.42
N PHE D 91 15.69 9.10 31.02
CA PHE D 91 16.22 7.92 31.71
C PHE D 91 17.26 7.21 30.85
N CYS D 92 18.32 6.75 31.49
CA CYS D 92 19.33 5.92 30.85
C CYS D 92 19.23 4.48 31.35
N ALA D 93 19.63 3.52 30.51
CA ALA D 93 19.60 2.10 30.88
C ALA D 93 20.72 1.31 30.22
N SER D 94 21.11 0.19 30.87
CA SER D 94 22.08 -0.73 30.31
C SER D 94 21.64 -2.19 30.46
N GLY D 95 22.23 -3.06 29.65
CA GLY D 95 21.94 -4.50 29.71
C GLY D 95 22.98 -5.32 28.98
N ASP D 96 23.16 -6.58 29.40
CA ASP D 96 23.99 -7.52 28.65
C ASP D 96 23.14 -8.21 27.57
N GLU D 97 23.48 -9.45 27.24
CA GLU D 97 22.78 -10.17 26.16
C GLU D 97 21.31 -10.49 26.49
N GLY D 98 20.97 -10.49 27.78
CA GLY D 98 19.59 -10.76 28.22
C GLY D 98 18.62 -9.63 27.93
N TYR D 99 17.35 -9.86 28.23
CA TYR D 99 16.30 -8.86 27.97
C TYR D 99 16.20 -7.73 29.02
N THR D 100 16.70 -7.98 30.24
CA THR D 100 16.60 -6.99 31.31
C THR D 100 17.38 -5.72 30.99
N GLN D 101 16.70 -4.58 31.04
CA GLN D 101 17.34 -3.27 30.99
C GLN D 101 17.32 -2.67 32.40
N TYR D 102 18.47 -2.20 32.86
CA TYR D 102 18.60 -1.64 34.19
C TYR D 102 18.59 -0.11 34.10
N PHE D 103 17.59 0.50 34.72
CA PHE D 103 17.34 1.93 34.58
C PHE D 103 18.01 2.81 35.64
N GLY D 104 18.57 3.92 35.18
CA GLY D 104 19.15 4.93 36.05
C GLY D 104 18.10 5.76 36.76
N PRO D 105 18.54 6.70 37.62
CA PRO D 105 17.66 7.47 38.51
C PRO D 105 16.73 8.43 37.77
N GLY D 106 17.08 8.79 36.54
CA GLY D 106 16.33 9.76 35.75
C GLY D 106 16.92 11.16 35.86
N THR D 107 16.87 11.89 34.75
CA THR D 107 17.37 13.27 34.70
C THR D 107 16.27 14.21 34.24
N ARG D 108 16.05 15.27 35.03
CA ARG D 108 15.05 16.29 34.70
C ARG D 108 15.66 17.49 33.99
N LEU D 109 15.34 17.66 32.70
CA LEU D 109 15.80 18.80 31.92
C LEU D 109 14.68 19.80 31.69
N LEU D 110 15.01 21.08 31.88
CA LEU D 110 14.11 22.19 31.54
C LEU D 110 14.82 23.23 30.70
N VAL D 111 14.26 23.54 29.53
CA VAL D 111 14.83 24.54 28.64
C VAL D 111 13.97 25.81 28.59
N LEU D 112 14.54 26.90 29.06
CA LEU D 112 13.89 28.21 29.09
C LEU D 112 14.32 29.07 27.91
N GLU D 113 13.47 30.03 27.56
CA GLU D 113 13.75 30.99 26.50
C GLU D 113 14.83 31.99 26.92
N ASP D 114 14.82 32.34 28.21
CA ASP D 114 15.77 33.30 28.76
C ASP D 114 16.10 32.94 30.21
N LEU D 115 17.37 33.13 30.59
CA LEU D 115 17.83 32.84 31.95
C LEU D 115 17.76 34.06 32.87
N ARG D 116 17.27 35.18 32.34
CA ARG D 116 17.24 36.47 33.04
C ARG D 116 16.44 36.48 34.34
N ASN D 117 15.62 35.45 34.55
CA ASN D 117 14.67 35.41 35.66
C ASN D 117 14.99 34.36 36.73
N VAL D 118 16.11 33.65 36.54
CA VAL D 118 16.53 32.60 37.46
C VAL D 118 16.96 33.20 38.81
N THR D 119 16.33 32.74 39.88
CA THR D 119 16.56 33.28 41.22
C THR D 119 16.58 32.15 42.25
N PRO D 120 17.57 32.14 43.15
CA PRO D 120 17.62 31.13 44.23
C PRO D 120 16.58 31.42 45.31
N PRO D 121 16.23 30.40 46.12
CA PRO D 121 15.24 30.59 47.17
C PRO D 121 15.78 31.20 48.46
N LYS D 122 14.90 31.86 49.20
CA LYS D 122 15.13 32.16 50.61
C LYS D 122 14.53 31.01 51.38
N VAL D 123 15.21 30.57 52.44
CA VAL D 123 14.73 29.45 53.23
C VAL D 123 14.59 29.85 54.69
N SER D 124 13.43 29.52 55.27
CA SER D 124 13.14 29.81 56.66
C SER D 124 12.59 28.57 57.34
N LEU D 125 13.02 28.36 58.58
CA LEU D 125 12.52 27.27 59.40
C LEU D 125 11.70 27.85 60.56
N PHE D 126 10.45 27.41 60.64
CA PHE D 126 9.51 27.88 61.66
C PHE D 126 9.38 26.83 62.75
N GLU D 127 9.61 27.27 63.99
CA GLU D 127 9.62 26.40 65.16
C GLU D 127 8.22 26.06 65.67
N PRO D 128 8.06 24.86 66.28
CA PRO D 128 6.76 24.39 66.77
C PRO D 128 6.13 25.34 67.78
N SER D 129 4.80 25.37 67.80
CA SER D 129 4.08 26.15 68.81
C SER D 129 3.98 25.35 70.11
N LYS D 130 4.11 26.04 71.23
CA LYS D 130 3.98 25.41 72.54
C LYS D 130 2.57 24.86 72.75
N ALA D 131 1.61 25.46 72.06
CA ALA D 131 0.21 25.04 72.11
C ALA D 131 0.01 23.63 71.55
N GLU D 132 0.72 23.33 70.46
CA GLU D 132 0.70 21.98 69.87
C GLU D 132 1.36 20.97 70.80
N ILE D 133 2.47 21.40 71.41
CA ILE D 133 3.23 20.56 72.34
C ILE D 133 2.39 20.16 73.57
N SER D 134 1.56 21.08 74.04
CA SER D 134 0.71 20.82 75.20
C SER D 134 -0.49 19.96 74.83
N HIS D 135 -1.05 20.21 73.66
CA HIS D 135 -2.32 19.59 73.24
C HIS D 135 -2.16 18.19 72.65
N THR D 136 -1.07 17.96 71.93
CA THR D 136 -0.89 16.70 71.20
C THR D 136 0.34 15.91 71.65
N GLN D 137 1.20 16.55 72.42
CA GLN D 137 2.53 16.02 72.79
C GLN D 137 3.40 15.71 71.56
N LYS D 138 3.07 16.35 70.45
CA LYS D 138 3.85 16.25 69.22
C LYS D 138 4.22 17.66 68.76
N ALA D 139 5.28 17.76 67.96
CA ALA D 139 5.82 19.07 67.56
C ALA D 139 6.13 19.14 66.07
N THR D 140 5.57 20.15 65.41
CA THR D 140 5.72 20.32 63.98
C THR D 140 6.67 21.46 63.62
N LEU D 141 7.69 21.12 62.85
CA LEU D 141 8.57 22.11 62.26
C LEU D 141 8.09 22.38 60.85
N VAL D 142 8.04 23.64 60.48
CA VAL D 142 7.65 24.00 59.12
C VAL D 142 8.79 24.69 58.41
N CYS D 143 8.99 24.32 57.16
CA CYS D 143 9.98 24.94 56.31
C CYS D 143 9.31 25.71 55.19
N LEU D 144 9.97 26.76 54.73
CA LEU D 144 9.43 27.61 53.69
C LEU D 144 10.52 28.08 52.75
N ALA D 145 10.39 27.70 51.48
CA ALA D 145 11.27 28.22 50.42
C ALA D 145 10.48 29.20 49.58
N THR D 146 11.01 30.40 49.41
CA THR D 146 10.29 31.48 48.75
C THR D 146 11.13 32.21 47.70
N GLY D 147 10.46 32.75 46.68
CA GLY D 147 11.08 33.64 45.70
C GLY D 147 12.03 33.02 44.69
N PHE D 148 11.92 31.71 44.48
CA PHE D 148 12.79 31.03 43.53
C PHE D 148 12.17 30.83 42.15
N TYR D 149 13.02 30.77 41.14
CA TYR D 149 12.63 30.47 39.76
C TYR D 149 13.80 29.79 39.05
N PRO D 150 13.54 28.70 38.31
CA PRO D 150 12.25 28.03 38.11
C PRO D 150 11.92 27.07 39.26
N ASP D 151 10.93 26.20 39.06
CA ASP D 151 10.44 25.35 40.15
C ASP D 151 11.25 24.06 40.38
N HIS D 152 12.51 24.06 39.94
CA HIS D 152 13.38 22.90 40.06
C HIS D 152 14.17 22.90 41.37
N VAL D 153 13.51 22.47 42.44
CA VAL D 153 14.14 22.35 43.76
C VAL D 153 13.86 21.00 44.42
N GLU D 154 14.82 20.54 45.22
CA GLU D 154 14.66 19.33 46.02
C GLU D 154 14.77 19.72 47.49
N LEU D 155 13.71 19.45 48.24
CA LEU D 155 13.69 19.79 49.67
C LEU D 155 13.87 18.52 50.52
N SER D 156 14.70 18.64 51.54
CA SER D 156 14.97 17.53 52.45
C SER D 156 15.21 18.03 53.86
N TRP D 157 14.94 17.16 54.83
CA TRP D 157 15.14 17.46 56.24
C TRP D 157 16.32 16.67 56.80
N TRP D 158 17.04 17.30 57.73
CA TRP D 158 18.23 16.70 58.31
C TRP D 158 18.23 16.88 59.83
N VAL D 159 18.33 15.76 60.55
CA VAL D 159 18.44 15.79 62.00
C VAL D 159 19.79 15.17 62.38
N ASN D 160 20.59 15.93 63.11
CA ASN D 160 21.94 15.55 63.49
C ASN D 160 22.80 15.07 62.32
N GLY D 161 22.73 15.81 61.21
CA GLY D 161 23.54 15.52 60.02
C GLY D 161 23.12 14.30 59.23
N LYS D 162 21.92 13.79 59.53
CA LYS D 162 21.38 12.62 58.83
C LYS D 162 19.96 12.88 58.34
N GLU D 163 19.69 12.45 57.12
CA GLU D 163 18.42 12.73 56.44
C GLU D 163 17.27 11.93 57.04
N VAL D 164 16.15 12.61 57.26
CA VAL D 164 14.96 11.96 57.79
C VAL D 164 13.83 11.94 56.74
N HIS D 165 12.98 10.92 56.82
CA HIS D 165 11.82 10.79 55.95
C HIS D 165 10.55 10.55 56.75
N SER D 166 10.68 9.87 57.88
CA SER D 166 9.56 9.66 58.79
C SER D 166 9.07 10.99 59.34
N GLY D 167 7.75 11.17 59.34
CA GLY D 167 7.14 12.39 59.84
C GLY D 167 7.31 13.59 58.93
N VAL D 168 7.69 13.34 57.69
CA VAL D 168 7.91 14.40 56.70
C VAL D 168 6.83 14.36 55.65
N CYS D 169 6.38 15.55 55.22
CA CYS D 169 5.61 15.66 53.98
C CYS D 169 5.81 17.04 53.34
N THR D 170 6.19 17.02 52.06
CA THR D 170 6.45 18.23 51.30
C THR D 170 5.39 18.36 50.22
N ASP D 171 4.98 19.59 49.93
CA ASP D 171 3.97 19.86 48.92
C ASP D 171 4.32 19.16 47.60
N PRO D 172 3.31 18.56 46.94
CA PRO D 172 3.56 17.89 45.67
C PRO D 172 4.06 18.89 44.64
N GLN D 173 3.47 20.10 44.65
CA GLN D 173 3.86 21.15 43.72
C GLN D 173 4.12 22.48 44.45
N PRO D 174 5.02 23.31 43.89
CA PRO D 174 5.18 24.67 44.41
C PRO D 174 4.03 25.54 43.95
N LEU D 175 3.76 26.63 44.65
CA LEU D 175 2.75 27.58 44.19
C LEU D 175 3.38 28.84 43.63
N LYS D 176 2.65 29.50 42.72
CA LYS D 176 3.11 30.74 42.12
C LYS D 176 2.79 31.92 43.04
N GLU D 177 3.79 32.77 43.27
CA GLU D 177 3.63 33.94 44.12
C GLU D 177 2.81 35.03 43.41
N GLN D 178 3.01 35.14 42.09
CA GLN D 178 2.23 36.05 41.25
C GLN D 178 1.55 35.25 40.14
N PRO D 179 0.39 34.63 40.44
CA PRO D 179 -0.31 33.83 39.44
C PRO D 179 -0.71 34.62 38.19
N ALA D 180 -0.82 35.94 38.33
CA ALA D 180 -1.12 36.82 37.19
C ALA D 180 0.08 36.97 36.26
N LEU D 181 1.28 37.06 36.84
CA LEU D 181 2.51 37.20 36.07
C LEU D 181 2.95 35.86 35.45
N ASN D 182 3.52 35.94 34.25
CA ASN D 182 3.88 34.76 33.44
C ASN D 182 5.05 33.95 34.01
N ASP D 183 6.17 34.62 34.25
CA ASP D 183 7.37 33.97 34.80
C ASP D 183 7.50 34.25 36.30
N SER D 184 6.41 33.98 37.02
CA SER D 184 6.33 34.23 38.46
C SER D 184 7.31 33.38 39.25
N ARG D 185 7.86 33.96 40.31
CA ARG D 185 8.69 33.21 41.26
C ARG D 185 7.81 32.29 42.09
N TYR D 186 8.39 31.18 42.56
CA TYR D 186 7.64 30.15 43.25
C TYR D 186 7.90 30.11 44.76
N SER D 187 6.99 29.46 45.48
CA SER D 187 7.20 29.13 46.89
C SER D 187 6.90 27.66 47.17
N LEU D 188 7.64 27.08 48.11
CA LEU D 188 7.42 25.69 48.51
C LEU D 188 7.39 25.54 50.02
N SER D 189 6.50 24.68 50.50
CA SER D 189 6.37 24.41 51.92
C SER D 189 6.62 22.93 52.24
N SER D 190 7.18 22.68 53.42
CA SER D 190 7.41 21.33 53.91
C SER D 190 7.30 21.26 55.43
N ARG D 191 7.05 20.06 55.94
CA ARG D 191 6.80 19.87 57.37
C ARG D 191 7.57 18.68 57.92
N LEU D 192 8.03 18.82 59.17
CA LEU D 192 8.64 17.71 59.90
C LEU D 192 7.99 17.62 61.28
N ARG D 193 7.32 16.51 61.55
CA ARG D 193 6.68 16.33 62.85
C ARG D 193 7.41 15.30 63.72
N VAL D 194 7.83 15.75 64.89
CA VAL D 194 8.49 14.89 65.87
C VAL D 194 7.69 14.90 67.16
N SER D 195 8.04 13.99 68.08
CA SER D 195 7.45 14.01 69.41
C SER D 195 8.02 15.20 70.18
N ALA D 196 7.22 15.76 71.09
CA ALA D 196 7.63 16.88 71.91
C ALA D 196 8.94 16.58 72.65
N THR D 197 9.04 15.35 73.16
CA THR D 197 10.24 14.92 73.89
C THR D 197 11.50 14.91 73.01
N PHE D 198 11.32 14.65 71.71
CA PHE D 198 12.43 14.72 70.77
C PHE D 198 12.82 16.18 70.46
N TRP D 199 11.82 17.04 70.30
CA TRP D 199 12.06 18.47 70.04
C TRP D 199 12.65 19.20 71.25
N GLN D 200 12.21 18.84 72.45
CA GLN D 200 12.64 19.50 73.68
C GLN D 200 14.10 19.28 74.05
N ASN D 201 14.75 18.36 73.35
CA ASN D 201 16.16 18.03 73.57
C ASN D 201 17.07 19.09 72.95
N PRO D 202 17.86 19.80 73.79
CA PRO D 202 18.78 20.84 73.32
C PRO D 202 19.92 20.32 72.44
N ARG D 203 20.06 19.00 72.37
CA ARG D 203 21.16 18.36 71.64
C ARG D 203 20.80 17.96 70.20
N ASN D 204 19.51 17.95 69.88
CA ASN D 204 19.05 17.63 68.54
C ASN D 204 19.07 18.84 67.61
N HIS D 205 19.86 18.74 66.54
CA HIS D 205 20.01 19.83 65.57
C HIS D 205 19.12 19.57 64.35
N PHE D 206 18.19 20.49 64.11
CA PHE D 206 17.22 20.36 63.02
C PHE D 206 17.57 21.30 61.88
N ARG D 207 17.63 20.77 60.67
CA ARG D 207 17.91 21.59 59.50
C ARG D 207 17.01 21.24 58.31
N CYS D 208 16.59 22.29 57.60
CA CYS D 208 15.78 22.13 56.40
C CYS D 208 16.60 22.54 55.18
N GLN D 209 16.85 21.60 54.28
CA GLN D 209 17.74 21.83 53.13
C GLN D 209 17.01 21.92 51.81
N VAL D 210 17.21 23.03 51.10
CA VAL D 210 16.69 23.17 49.74
C VAL D 210 17.84 23.14 48.73
N GLN D 211 17.81 22.14 47.85
CA GLN D 211 18.76 22.09 46.74
C GLN D 211 18.14 22.81 45.55
N PHE D 212 18.82 23.85 45.09
CA PHE D 212 18.34 24.66 43.98
C PHE D 212 19.15 24.39 42.72
N TYR D 213 18.46 24.25 41.60
CA TYR D 213 19.12 24.06 40.32
C TYR D 213 18.97 25.30 39.44
N GLY D 214 20.10 25.92 39.12
CA GLY D 214 20.12 27.11 38.28
C GLY D 214 21.29 27.12 37.33
N LEU D 215 21.87 28.29 37.12
CA LEU D 215 23.00 28.47 36.23
C LEU D 215 24.23 27.67 36.66
N SER D 216 25.18 27.52 35.74
CA SER D 216 26.45 26.87 36.04
C SER D 216 27.59 27.86 35.87
N GLU D 217 28.82 27.39 36.09
CA GLU D 217 30.02 28.21 35.89
C GLU D 217 30.27 28.47 34.40
N ASN D 218 29.69 27.64 33.55
CA ASN D 218 29.76 27.81 32.09
C ASN D 218 28.95 29.00 31.59
N ASP D 219 27.76 29.20 32.18
CA ASP D 219 26.82 30.24 31.77
C ASP D 219 27.34 31.65 32.06
N GLU D 220 26.95 32.60 31.20
CA GLU D 220 27.29 34.01 31.39
C GLU D 220 26.22 34.74 32.21
N TRP D 221 26.58 35.88 32.78
CA TRP D 221 25.70 36.68 33.63
C TRP D 221 26.14 38.14 33.60
N THR D 222 25.17 39.05 33.42
CA THR D 222 25.48 40.48 33.30
C THR D 222 24.76 41.33 34.35
N GLN D 223 23.66 40.81 34.87
CA GLN D 223 22.79 41.56 35.80
C GLN D 223 23.46 41.91 37.12
N ASP D 224 22.92 42.94 37.79
CA ASP D 224 23.55 43.52 38.98
C ASP D 224 23.60 42.60 40.20
N ARG D 225 22.51 41.86 40.45
CA ARG D 225 22.48 40.92 41.59
C ARG D 225 23.32 39.67 41.36
N ALA D 226 23.56 38.92 42.44
CA ALA D 226 24.47 37.78 42.43
C ALA D 226 24.02 36.65 41.50
N LYS D 227 24.99 36.04 40.82
CA LYS D 227 24.76 34.94 39.87
C LYS D 227 24.03 33.76 40.54
N PRO D 228 22.81 33.43 40.04
CA PRO D 228 21.93 32.42 40.63
C PRO D 228 22.32 30.99 40.26
N VAL D 229 23.51 30.57 40.69
CA VAL D 229 24.06 29.26 40.37
C VAL D 229 23.36 28.13 41.14
N THR D 230 23.54 26.91 40.65
CA THR D 230 23.09 25.71 41.36
C THR D 230 23.72 25.74 42.75
N GLN D 231 22.87 25.73 43.77
CA GLN D 231 23.33 25.88 45.15
C GLN D 231 22.37 25.28 46.16
N ILE D 232 22.84 25.15 47.39
CA ILE D 232 22.00 24.73 48.50
C ILE D 232 21.73 25.92 49.41
N VAL D 233 20.46 26.09 49.80
CA VAL D 233 20.08 27.10 50.78
C VAL D 233 19.30 26.42 51.89
N SER D 234 19.73 26.65 53.14
CA SER D 234 19.13 25.97 54.29
C SER D 234 18.86 26.87 55.49
N ALA D 235 17.99 26.41 56.37
CA ALA D 235 17.71 27.04 57.65
C ALA D 235 17.77 25.98 58.75
N GLU D 236 18.22 26.39 59.93
CA GLU D 236 18.41 25.45 61.03
C GLU D 236 17.93 25.97 62.38
N ALA D 237 17.62 25.04 63.28
CA ALA D 237 17.27 25.35 64.66
C ALA D 237 17.64 24.19 65.56
N TRP D 238 18.12 24.50 66.76
CA TRP D 238 18.38 23.49 67.78
C TRP D 238 17.11 23.31 68.63
N GLY D 239 16.92 22.11 69.16
CA GLY D 239 15.83 21.85 70.10
C GLY D 239 15.98 22.67 71.38
N ARG D 240 14.91 22.74 72.17
CA ARG D 240 14.92 23.52 73.42
C ARG D 240 13.86 23.06 74.41
N ALA D 241 14.15 23.29 75.69
CA ALA D 241 13.26 22.91 76.79
C ALA D 241 11.96 23.71 76.78
N ASN E 7 -23.76 -38.05 -8.71
CA ASN E 7 -24.91 -37.14 -9.01
C ASN E 7 -25.00 -36.00 -8.00
N TYR E 8 -24.17 -34.97 -8.19
CA TYR E 8 -24.01 -33.89 -7.22
C TYR E 8 -24.10 -32.51 -7.87
N THR E 9 -23.97 -31.46 -7.06
CA THR E 9 -24.04 -30.08 -7.56
C THR E 9 -22.85 -29.23 -7.10
N PHE E 10 -22.29 -28.47 -8.04
CA PHE E 10 -21.19 -27.55 -7.80
C PHE E 10 -21.71 -26.11 -7.82
N ARG E 11 -21.27 -25.28 -6.87
CA ARG E 11 -21.80 -23.93 -6.72
C ARG E 11 -20.73 -22.88 -6.41
N CYS E 12 -20.69 -21.83 -7.22
CA CYS E 12 -19.87 -20.65 -6.95
C CYS E 12 -20.80 -19.54 -6.50
N LEU E 13 -20.74 -19.19 -5.21
CA LEU E 13 -21.69 -18.26 -4.63
C LEU E 13 -21.09 -16.88 -4.41
N GLN E 14 -21.61 -15.90 -5.15
CA GLN E 14 -21.12 -14.52 -5.07
C GLN E 14 -22.17 -13.62 -4.42
N MET E 15 -21.77 -12.93 -3.35
CA MET E 15 -22.65 -11.97 -2.69
C MET E 15 -22.03 -10.57 -2.66
N SER E 16 -22.64 -9.66 -3.42
CA SER E 16 -22.14 -8.31 -3.59
C SER E 16 -23.07 -7.29 -2.97
N SER E 17 -22.49 -6.39 -2.18
CA SER E 17 -23.25 -5.34 -1.51
C SER E 17 -22.79 -3.97 -1.96
N PHE E 18 -23.78 -3.10 -2.20
CA PHE E 18 -23.52 -1.72 -2.59
C PHE E 18 -24.37 -0.83 -1.69
N ALA E 19 -23.73 -0.13 -0.77
CA ALA E 19 -24.43 0.76 0.16
C ALA E 19 -24.68 2.13 -0.43
N ASN E 20 -23.73 2.59 -1.26
CA ASN E 20 -23.82 3.87 -1.97
C ASN E 20 -22.82 3.95 -3.12
N ARG E 21 -22.60 5.16 -3.62
CA ARG E 21 -21.75 5.40 -4.79
C ARG E 21 -20.29 4.94 -4.60
N SER E 22 -19.80 4.95 -3.37
CA SER E 22 -18.40 4.61 -3.09
C SER E 22 -18.23 3.24 -2.42
N TRP E 23 -18.94 3.03 -1.32
CA TRP E 23 -18.80 1.82 -0.52
C TRP E 23 -19.36 0.59 -1.21
N SER E 24 -18.52 -0.43 -1.37
CA SER E 24 -18.88 -1.66 -2.08
C SER E 24 -18.07 -2.84 -1.55
N ARG E 25 -18.71 -4.02 -1.53
CA ARG E 25 -18.05 -5.24 -1.05
C ARG E 25 -18.49 -6.47 -1.83
N THR E 26 -17.50 -7.28 -2.23
CA THR E 26 -17.79 -8.54 -2.91
C THR E 26 -17.11 -9.71 -2.18
N ASP E 27 -17.93 -10.62 -1.64
CA ASP E 27 -17.43 -11.82 -1.00
C ASP E 27 -18.03 -13.04 -1.68
N SER E 28 -17.24 -14.09 -1.82
CA SER E 28 -17.70 -15.29 -2.51
C SER E 28 -17.13 -16.57 -1.91
N VAL E 29 -17.95 -17.63 -1.92
CA VAL E 29 -17.56 -18.95 -1.41
C VAL E 29 -18.00 -20.05 -2.36
N VAL E 30 -17.18 -21.11 -2.47
CA VAL E 30 -17.45 -22.20 -3.40
C VAL E 30 -17.77 -23.50 -2.66
N TRP E 31 -18.77 -24.22 -3.18
CA TRP E 31 -19.22 -25.48 -2.58
C TRP E 31 -19.15 -26.63 -3.59
N LEU E 32 -18.72 -27.80 -3.10
CA LEU E 32 -18.81 -29.05 -3.86
C LEU E 32 -19.77 -29.99 -3.14
N GLY E 33 -21.04 -29.95 -3.53
CA GLY E 33 -22.10 -30.66 -2.83
C GLY E 33 -22.48 -29.88 -1.58
N ASP E 34 -22.00 -30.33 -0.43
CA ASP E 34 -22.18 -29.61 0.83
C ASP E 34 -20.86 -29.40 1.60
N LEU E 35 -19.74 -29.47 0.87
CA LEU E 35 -18.41 -29.20 1.44
C LEU E 35 -17.78 -27.98 0.76
N GLN E 36 -17.39 -27.00 1.58
CA GLN E 36 -16.83 -25.74 1.07
C GLN E 36 -15.39 -25.92 0.60
N THR E 37 -15.12 -25.51 -0.64
CA THR E 37 -13.81 -25.69 -1.25
C THR E 37 -12.99 -24.40 -1.41
N HIS E 38 -13.66 -23.26 -1.63
CA HIS E 38 -12.95 -21.99 -1.83
C HIS E 38 -13.49 -20.83 -1.00
N ARG E 39 -12.63 -19.85 -0.76
CA ARG E 39 -12.98 -18.64 -0.01
C ARG E 39 -12.31 -17.43 -0.65
N TRP E 40 -13.11 -16.39 -0.92
CA TRP E 40 -12.57 -15.16 -1.53
C TRP E 40 -13.22 -13.92 -0.94
N SER E 41 -12.58 -13.38 0.09
CA SER E 41 -13.02 -12.15 0.74
C SER E 41 -12.69 -10.93 -0.11
N ASN E 42 -13.40 -9.83 0.13
CA ASN E 42 -13.14 -8.59 -0.59
C ASN E 42 -11.75 -8.02 -0.29
N ASP E 43 -11.31 -8.17 0.96
CA ASP E 43 -10.01 -7.68 1.41
C ASP E 43 -8.85 -8.44 0.76
N SER E 44 -9.13 -9.65 0.29
CA SER E 44 -8.13 -10.51 -0.33
C SER E 44 -7.85 -10.13 -1.78
N ALA E 45 -6.66 -10.48 -2.27
CA ALA E 45 -6.28 -10.26 -3.67
C ALA E 45 -6.48 -11.53 -4.49
N THR E 46 -6.21 -12.68 -3.87
CA THR E 46 -6.34 -13.98 -4.51
C THR E 46 -7.40 -14.83 -3.82
N ILE E 47 -7.91 -15.83 -4.53
CA ILE E 47 -8.84 -16.80 -3.94
C ILE E 47 -8.10 -17.64 -2.92
N SER E 48 -8.52 -17.53 -1.66
CA SER E 48 -7.90 -18.29 -0.58
C SER E 48 -8.28 -19.76 -0.61
N PHE E 49 -7.32 -20.60 -0.22
CA PHE E 49 -7.51 -22.05 -0.21
C PHE E 49 -8.05 -22.53 1.14
N THR E 50 -9.18 -23.23 1.11
CA THR E 50 -9.74 -23.85 2.31
C THR E 50 -9.22 -25.27 2.44
N LYS E 51 -9.11 -25.95 1.30
CA LYS E 51 -8.49 -27.27 1.23
C LYS E 51 -7.11 -27.20 0.59
N PRO E 52 -6.22 -28.16 0.93
CA PRO E 52 -4.94 -28.22 0.23
C PRO E 52 -5.04 -28.85 -1.18
N TRP E 53 -6.23 -29.31 -1.56
CA TRP E 53 -6.35 -30.23 -2.69
C TRP E 53 -7.44 -29.94 -3.74
N SER E 54 -8.34 -28.99 -3.45
CA SER E 54 -9.52 -28.75 -4.30
C SER E 54 -9.24 -28.18 -5.71
N GLN E 55 -8.05 -28.46 -6.23
N GLN E 55 -8.05 -28.46 -6.21
CA GLN E 55 -7.67 -28.05 -7.59
CA GLN E 55 -7.62 -28.10 -7.56
C GLN E 55 -8.24 -28.99 -8.64
C GLN E 55 -8.37 -28.92 -8.62
N GLY E 56 -8.87 -30.08 -8.20
CA GLY E 56 -9.54 -31.01 -9.09
C GLY E 56 -8.52 -31.98 -9.65
N LYS E 57 -8.21 -31.82 -10.94
CA LYS E 57 -7.17 -32.61 -11.60
C LYS E 57 -6.54 -31.83 -12.76
N LEU E 58 -6.24 -30.56 -12.53
CA LEU E 58 -5.56 -29.75 -13.55
C LEU E 58 -4.41 -28.88 -13.00
N SER E 59 -3.58 -28.39 -13.92
CA SER E 59 -2.29 -27.77 -13.63
C SER E 59 -2.30 -26.57 -12.68
N ASN E 60 -1.13 -26.32 -12.08
CA ASN E 60 -0.83 -25.10 -11.34
C ASN E 60 -0.85 -23.91 -12.30
N GLN E 61 -0.37 -24.13 -13.53
CA GLN E 61 -0.41 -23.15 -14.60
C GLN E 61 -1.85 -22.82 -15.00
N GLN E 62 -2.60 -23.86 -15.36
CA GLN E 62 -3.97 -23.72 -15.88
C GLN E 62 -4.95 -23.09 -14.89
N TRP E 63 -4.68 -23.22 -13.58
CA TRP E 63 -5.51 -22.61 -12.55
C TRP E 63 -5.20 -21.13 -12.33
N GLU E 64 -3.91 -20.77 -12.41
CA GLU E 64 -3.47 -19.38 -12.25
C GLU E 64 -4.07 -18.45 -13.33
N LYS E 65 -4.41 -19.04 -14.48
CA LYS E 65 -5.10 -18.32 -15.55
C LYS E 65 -6.61 -18.30 -15.30
N LEU E 66 -7.13 -19.37 -14.71
CA LEU E 66 -8.54 -19.45 -14.34
C LEU E 66 -8.88 -18.45 -13.26
N GLN E 67 -7.94 -18.22 -12.35
CA GLN E 67 -8.10 -17.22 -11.29
C GLN E 67 -7.94 -15.79 -11.78
N HIS E 68 -6.96 -15.53 -12.65
CA HIS E 68 -6.65 -14.16 -13.07
C HIS E 68 -7.83 -13.47 -13.73
N MET E 69 -8.64 -14.24 -14.46
CA MET E 69 -9.83 -13.69 -15.08
C MET E 69 -10.92 -13.37 -14.06
N PHE E 70 -10.94 -14.09 -12.93
CA PHE E 70 -11.85 -13.78 -11.82
C PHE E 70 -11.42 -12.47 -11.15
N GLN E 71 -10.11 -12.30 -10.99
CA GLN E 71 -9.54 -11.08 -10.41
C GLN E 71 -9.93 -9.85 -11.22
N VAL E 72 -9.87 -10.01 -12.55
CA VAL E 72 -10.33 -9.00 -13.50
C VAL E 72 -11.85 -8.81 -13.39
N TYR E 73 -12.57 -9.94 -13.27
CA TYR E 73 -14.02 -9.94 -13.24
C TYR E 73 -14.59 -9.18 -12.04
N ARG E 74 -14.05 -9.44 -10.85
CA ARG E 74 -14.55 -8.83 -9.62
C ARG E 74 -14.45 -7.29 -9.64
N VAL E 75 -13.30 -6.78 -10.09
CA VAL E 75 -13.07 -5.34 -10.21
C VAL E 75 -14.02 -4.73 -11.23
N SER E 76 -14.18 -5.44 -12.35
CA SER E 76 -15.02 -4.99 -13.45
C SER E 76 -16.51 -5.06 -13.12
N PHE E 77 -16.92 -6.15 -12.48
CA PHE E 77 -18.30 -6.34 -12.02
C PHE E 77 -18.76 -5.18 -11.14
N THR E 78 -17.89 -4.78 -10.20
CA THR E 78 -18.17 -3.67 -9.30
C THR E 78 -18.47 -2.39 -10.08
N ARG E 79 -17.59 -2.03 -11.02
CA ARG E 79 -17.76 -0.80 -11.80
C ARG E 79 -18.97 -0.88 -12.72
N ASP E 80 -19.20 -2.07 -13.30
CA ASP E 80 -20.33 -2.26 -14.21
C ASP E 80 -21.67 -2.06 -13.51
N ILE E 81 -21.81 -2.60 -12.31
CA ILE E 81 -23.02 -2.41 -11.51
C ILE E 81 -23.20 -0.93 -11.19
N GLN E 82 -22.13 -0.29 -10.72
CA GLN E 82 -22.17 1.13 -10.35
C GLN E 82 -22.58 2.04 -11.52
N GLU E 83 -22.22 1.65 -12.74
CA GLU E 83 -22.64 2.39 -13.94
C GLU E 83 -24.10 2.16 -14.28
N LEU E 84 -24.56 0.94 -14.06
CA LEU E 84 -25.96 0.59 -14.27
C LEU E 84 -26.91 1.31 -13.31
N VAL E 85 -26.44 1.62 -12.10
CA VAL E 85 -27.20 2.45 -11.17
C VAL E 85 -27.32 3.86 -11.74
N LYS E 86 -26.20 4.39 -12.23
CA LYS E 86 -26.20 5.70 -12.90
C LYS E 86 -27.14 5.70 -14.10
N MET E 87 -27.30 4.52 -14.70
CA MET E 87 -28.11 4.36 -15.90
C MET E 87 -29.60 4.26 -15.58
N MET E 88 -29.92 3.75 -14.40
CA MET E 88 -31.31 3.55 -14.00
C MET E 88 -31.87 4.63 -13.08
N SER E 89 -30.98 5.34 -12.39
CA SER E 89 -31.38 6.48 -11.56
C SER E 89 -32.26 7.45 -12.35
N PRO E 90 -33.26 8.05 -11.70
CA PRO E 90 -33.58 7.92 -10.27
C PRO E 90 -34.58 6.81 -9.95
N LYS E 91 -34.93 6.01 -10.96
CA LYS E 91 -35.94 4.96 -10.82
C LYS E 91 -35.53 3.88 -9.80
N GLU E 92 -34.24 3.53 -9.79
CA GLU E 92 -33.69 2.56 -8.86
C GLU E 92 -32.41 3.10 -8.22
N ASP E 93 -32.20 2.78 -6.94
CA ASP E 93 -31.09 3.32 -6.16
C ASP E 93 -30.59 2.39 -5.05
N TYR E 94 -29.47 2.76 -4.44
CA TYR E 94 -28.88 2.04 -3.30
C TYR E 94 -29.78 2.10 -2.06
N PRO E 95 -29.61 1.15 -1.10
CA PRO E 95 -28.66 0.03 -1.06
C PRO E 95 -29.03 -1.09 -2.02
N ILE E 96 -28.02 -1.77 -2.56
CA ILE E 96 -28.22 -2.84 -3.53
C ILE E 96 -27.52 -4.13 -3.12
N GLU E 97 -28.25 -5.25 -3.21
CA GLU E 97 -27.70 -6.57 -2.90
C GLU E 97 -27.84 -7.48 -4.11
N ILE E 98 -26.72 -7.87 -4.70
CA ILE E 98 -26.74 -8.85 -5.79
C ILE E 98 -26.19 -10.19 -5.31
N GLN E 99 -26.88 -11.27 -5.70
CA GLN E 99 -26.43 -12.62 -5.38
C GLN E 99 -26.28 -13.42 -6.66
N LEU E 100 -25.16 -14.11 -6.81
CA LEU E 100 -24.87 -14.88 -8.01
C LEU E 100 -24.51 -16.32 -7.66
N SER E 101 -25.12 -17.26 -8.38
CA SER E 101 -24.87 -18.68 -8.17
C SER E 101 -24.57 -19.37 -9.50
N ALA E 102 -23.32 -19.77 -9.68
CA ALA E 102 -22.88 -20.45 -10.90
C ALA E 102 -22.28 -21.82 -10.59
N GLY E 103 -22.51 -22.79 -11.47
CA GLY E 103 -21.95 -24.13 -11.32
C GLY E 103 -22.53 -25.14 -12.30
N CYS E 104 -22.36 -26.42 -12.00
CA CYS E 104 -22.87 -27.51 -12.83
C CYS E 104 -23.29 -28.74 -12.04
N GLU E 105 -24.17 -29.54 -12.62
CA GLU E 105 -24.63 -30.82 -12.02
C GLU E 105 -24.72 -31.91 -13.08
N MET E 106 -24.54 -33.16 -12.67
CA MET E 106 -24.57 -34.30 -13.59
C MET E 106 -25.36 -35.50 -13.05
N ALA E 111 -23.99 -37.08 -18.92
CA ALA E 111 -24.75 -35.86 -19.13
C ALA E 111 -24.49 -34.83 -18.04
N SER E 112 -24.37 -33.57 -18.44
CA SER E 112 -24.22 -32.45 -17.52
C SER E 112 -25.28 -31.37 -17.76
N GLU E 113 -25.46 -30.51 -16.77
CA GLU E 113 -26.32 -29.34 -16.90
C GLU E 113 -25.69 -28.20 -16.09
N SER E 114 -25.41 -27.09 -16.77
CA SER E 114 -24.71 -25.96 -16.17
C SER E 114 -25.65 -24.77 -15.97
N PHE E 115 -25.29 -23.88 -15.04
CA PHE E 115 -26.15 -22.75 -14.68
C PHE E 115 -25.41 -21.51 -14.21
N LEU E 116 -26.05 -20.35 -14.39
CA LEU E 116 -25.63 -19.10 -13.80
C LEU E 116 -26.88 -18.30 -13.49
N HIS E 117 -27.22 -18.23 -12.21
CA HIS E 117 -28.44 -17.58 -11.75
C HIS E 117 -28.11 -16.34 -10.90
N VAL E 118 -28.82 -15.25 -11.15
CA VAL E 118 -28.57 -13.99 -10.44
C VAL E 118 -29.81 -13.49 -9.72
N ALA E 119 -29.64 -13.18 -8.43
CA ALA E 119 -30.69 -12.60 -7.61
C ALA E 119 -30.42 -11.13 -7.30
N PHE E 120 -31.49 -10.33 -7.30
CA PHE E 120 -31.41 -8.90 -7.04
C PHE E 120 -32.38 -8.56 -5.91
N GLN E 121 -31.85 -7.94 -4.85
CA GLN E 121 -32.62 -7.63 -3.65
C GLN E 121 -33.31 -8.87 -3.04
N GLY E 122 -32.63 -10.01 -3.13
CA GLY E 122 -33.13 -11.26 -2.54
C GLY E 122 -34.01 -12.09 -3.45
N LYS E 123 -34.29 -11.58 -4.65
CA LYS E 123 -35.19 -12.26 -5.59
C LYS E 123 -34.52 -12.61 -6.92
N TYR E 124 -34.76 -13.84 -7.37
CA TYR E 124 -34.19 -14.37 -8.62
C TYR E 124 -34.76 -13.65 -9.83
N VAL E 125 -33.90 -13.04 -10.65
CA VAL E 125 -34.34 -12.23 -11.79
C VAL E 125 -33.68 -12.58 -13.13
N VAL E 126 -32.39 -12.88 -13.11
CA VAL E 126 -31.60 -13.06 -14.32
C VAL E 126 -30.84 -14.39 -14.33
N ARG E 127 -30.73 -14.98 -15.51
CA ARG E 127 -29.89 -16.16 -15.72
C ARG E 127 -29.12 -16.05 -17.03
N PHE E 128 -28.02 -16.79 -17.16
CA PHE E 128 -27.34 -16.92 -18.45
C PHE E 128 -27.82 -18.20 -19.13
N TRP E 129 -28.59 -18.03 -20.20
CA TRP E 129 -29.13 -19.17 -20.93
C TRP E 129 -28.69 -19.12 -22.38
N GLY E 130 -28.19 -20.26 -22.87
CA GLY E 130 -27.72 -20.38 -24.24
C GLY E 130 -26.47 -19.56 -24.50
N THR E 131 -26.65 -18.44 -25.18
CA THR E 131 -25.54 -17.58 -25.57
C THR E 131 -25.67 -16.14 -25.06
N SER E 132 -26.68 -15.89 -24.21
CA SER E 132 -26.95 -14.53 -23.75
C SER E 132 -27.58 -14.51 -22.36
N TRP E 133 -27.69 -13.30 -21.80
CA TRP E 133 -28.38 -13.06 -20.53
C TRP E 133 -29.88 -12.92 -20.78
N GLN E 134 -30.67 -13.36 -19.82
CA GLN E 134 -32.13 -13.34 -19.92
C GLN E 134 -32.77 -13.02 -18.59
N THR E 135 -33.93 -12.38 -18.64
CA THR E 135 -34.75 -12.19 -17.44
C THR E 135 -35.72 -13.36 -17.30
N VAL E 136 -36.01 -13.75 -16.06
CA VAL E 136 -36.88 -14.88 -15.77
C VAL E 136 -38.32 -14.42 -15.43
N PRO E 137 -39.31 -15.32 -15.52
CA PRO E 137 -40.69 -14.96 -15.15
C PRO E 137 -40.79 -14.26 -13.79
N GLY E 138 -41.43 -13.09 -13.78
CA GLY E 138 -41.62 -12.31 -12.55
C GLY E 138 -40.68 -11.13 -12.39
N ALA E 139 -39.74 -10.99 -13.33
CA ALA E 139 -38.72 -9.94 -13.26
C ALA E 139 -39.27 -8.55 -13.59
N PRO E 140 -38.76 -7.52 -12.89
CA PRO E 140 -39.08 -6.13 -13.23
C PRO E 140 -38.67 -5.81 -14.65
N SER E 141 -39.53 -5.12 -15.38
CA SER E 141 -39.33 -4.85 -16.81
C SER E 141 -38.14 -3.94 -17.10
N TRP E 142 -37.83 -3.04 -16.17
CA TRP E 142 -36.73 -2.10 -16.36
C TRP E 142 -35.38 -2.78 -16.57
N LEU E 143 -35.32 -4.06 -16.19
CA LEU E 143 -34.12 -4.88 -16.38
C LEU E 143 -33.80 -5.16 -17.84
N ASP E 144 -34.76 -4.92 -18.73
CA ASP E 144 -34.52 -5.08 -20.17
C ASP E 144 -33.41 -4.17 -20.69
N LEU E 145 -33.22 -3.01 -20.08
CA LEU E 145 -32.14 -2.11 -20.50
C LEU E 145 -30.75 -2.60 -20.07
N PRO E 146 -30.55 -2.90 -18.76
CA PRO E 146 -29.30 -3.54 -18.35
C PRO E 146 -28.98 -4.79 -19.18
N ILE E 147 -29.95 -5.69 -19.34
CA ILE E 147 -29.76 -6.92 -20.11
C ILE E 147 -29.38 -6.63 -21.57
N LYS E 148 -29.98 -5.59 -22.15
CA LYS E 148 -29.62 -5.15 -23.50
C LYS E 148 -28.15 -4.73 -23.56
N VAL E 149 -27.69 -4.03 -22.52
CA VAL E 149 -26.31 -3.54 -22.43
C VAL E 149 -25.32 -4.68 -22.22
N LEU E 150 -25.67 -5.63 -21.34
CA LEU E 150 -24.81 -6.77 -21.03
C LEU E 150 -24.67 -7.73 -22.20
N ASN E 151 -25.75 -7.90 -22.97
CA ASN E 151 -25.73 -8.73 -24.18
C ASN E 151 -24.93 -8.10 -25.32
N ALA E 152 -24.73 -6.79 -25.26
CA ALA E 152 -23.93 -6.06 -26.23
C ALA E 152 -22.45 -6.43 -26.09
N ASP E 153 -22.07 -6.88 -24.90
CA ASP E 153 -20.70 -7.23 -24.59
C ASP E 153 -20.41 -8.68 -25.00
N GLN E 154 -20.07 -8.86 -26.27
CA GLN E 154 -19.86 -10.18 -26.86
C GLN E 154 -18.71 -10.96 -26.21
N GLY E 155 -17.64 -10.25 -25.86
CA GLY E 155 -16.50 -10.83 -25.16
C GLY E 155 -16.90 -11.51 -23.87
N THR E 156 -17.69 -10.82 -23.05
CA THR E 156 -18.18 -11.37 -21.78
C THR E 156 -19.04 -12.63 -22.02
N SER E 157 -19.77 -12.65 -23.13
CA SER E 157 -20.59 -13.79 -23.50
C SER E 157 -19.74 -15.01 -23.83
N ALA E 158 -18.72 -14.78 -24.66
CA ALA E 158 -17.79 -15.83 -25.08
C ALA E 158 -17.09 -16.48 -23.89
N THR E 159 -16.72 -15.66 -22.91
CA THR E 159 -15.99 -16.13 -21.74
C THR E 159 -16.91 -16.90 -20.76
N VAL E 160 -18.16 -16.46 -20.63
CA VAL E 160 -19.13 -17.16 -19.80
C VAL E 160 -19.52 -18.50 -20.42
N GLN E 161 -19.83 -18.51 -21.72
CA GLN E 161 -20.15 -19.74 -22.45
C GLN E 161 -19.07 -20.80 -22.29
N MET E 162 -17.82 -20.35 -22.33
CA MET E 162 -16.65 -21.20 -22.16
C MET E 162 -16.61 -21.83 -20.76
N LEU E 163 -16.93 -21.03 -19.74
CA LEU E 163 -16.98 -21.49 -18.36
C LEU E 163 -18.07 -22.54 -18.13
N LEU E 164 -19.29 -22.20 -18.53
CA LEU E 164 -20.47 -23.05 -18.30
C LEU E 164 -20.42 -24.36 -19.08
N ASN E 165 -20.14 -24.28 -20.38
CA ASN E 165 -20.14 -25.46 -21.24
C ASN E 165 -18.96 -26.40 -21.01
N ASP E 166 -17.75 -25.84 -21.05
CA ASP E 166 -16.52 -26.62 -21.07
C ASP E 166 -15.79 -26.67 -19.73
N THR E 167 -15.48 -25.50 -19.17
CA THR E 167 -14.65 -25.40 -17.97
C THR E 167 -15.28 -25.98 -16.70
N CYS E 168 -16.60 -25.84 -16.55
CA CYS E 168 -17.28 -26.40 -15.38
C CYS E 168 -17.20 -27.93 -15.29
N PRO E 169 -17.70 -28.65 -16.31
CA PRO E 169 -17.61 -30.12 -16.26
C PRO E 169 -16.18 -30.63 -16.24
N LEU E 170 -15.28 -29.95 -16.94
CA LEU E 170 -13.86 -30.35 -16.95
C LEU E 170 -13.12 -29.83 -15.72
N PHE E 171 -13.83 -29.76 -14.60
CA PHE E 171 -13.28 -29.33 -13.32
C PHE E 171 -13.96 -30.10 -12.20
N VAL E 172 -15.29 -30.19 -12.27
CA VAL E 172 -16.10 -30.93 -11.31
C VAL E 172 -15.82 -32.43 -11.40
N ARG E 173 -15.68 -32.93 -12.63
CA ARG E 173 -15.34 -34.34 -12.86
C ARG E 173 -13.94 -34.63 -12.32
N GLY E 174 -13.08 -33.61 -12.37
CA GLY E 174 -11.76 -33.68 -11.76
C GLY E 174 -11.85 -33.64 -10.24
N LEU E 175 -12.75 -32.80 -9.74
CA LEU E 175 -13.00 -32.66 -8.31
C LEU E 175 -13.63 -33.94 -7.73
N LEU E 176 -14.53 -34.56 -8.49
CA LEU E 176 -15.19 -35.80 -8.09
C LEU E 176 -14.25 -37.01 -8.07
N GLU E 177 -13.25 -37.01 -8.95
CA GLU E 177 -12.22 -38.05 -8.97
C GLU E 177 -11.32 -37.96 -7.74
N ALA E 178 -10.92 -36.73 -7.41
CA ALA E 178 -10.01 -36.48 -6.30
C ALA E 178 -10.70 -36.53 -4.94
N GLY E 179 -11.97 -36.09 -4.90
CA GLY E 179 -12.73 -36.05 -3.64
C GLY E 179 -13.61 -37.25 -3.39
N LYS E 180 -13.22 -38.41 -3.90
CA LYS E 180 -13.98 -39.65 -3.75
C LYS E 180 -14.17 -40.05 -2.29
N SER E 181 -13.09 -39.96 -1.52
CA SER E 181 -13.07 -40.42 -0.12
C SER E 181 -13.91 -39.56 0.81
N ASP E 182 -13.84 -38.23 0.63
CA ASP E 182 -14.57 -37.29 1.47
C ASP E 182 -16.08 -37.37 1.27
N LEU E 183 -16.52 -37.39 0.01
CA LEU E 183 -17.95 -37.52 -0.32
C LEU E 183 -18.56 -38.84 0.15
N GLU E 184 -17.74 -39.90 0.18
CA GLU E 184 -18.20 -41.23 0.60
C GLU E 184 -17.86 -41.55 2.06
N LYS E 185 -17.54 -40.53 2.84
CA LYS E 185 -17.24 -40.71 4.25
C LYS E 185 -18.52 -40.88 5.06
N GLN E 186 -18.71 -42.09 5.60
CA GLN E 186 -19.86 -42.42 6.44
C GLN E 186 -19.61 -42.07 7.90
N GLU E 187 -20.60 -41.48 8.56
CA GLU E 187 -20.52 -41.16 9.98
C GLU E 187 -21.76 -41.64 10.72
N TRP E 192 -28.86 -38.41 22.21
CA TRP E 192 -29.40 -37.98 23.50
C TRP E 192 -30.83 -37.48 23.39
N LEU E 193 -31.66 -37.87 24.34
CA LEU E 193 -33.09 -37.54 24.34
C LEU E 193 -33.45 -36.45 25.36
N SER E 194 -34.54 -35.74 25.08
CA SER E 194 -35.03 -34.66 25.93
C SER E 194 -36.54 -34.50 25.82
N SER E 195 -37.14 -33.74 26.73
CA SER E 195 -38.59 -33.51 26.74
C SER E 195 -38.95 -32.11 27.20
N VAL E 196 -39.69 -31.39 26.36
CA VAL E 196 -40.13 -30.02 26.65
C VAL E 196 -41.61 -29.96 27.04
N PRO E 197 -41.93 -29.18 28.10
CA PRO E 197 -43.32 -28.99 28.51
C PRO E 197 -44.07 -28.03 27.58
N LEU E 206 -40.98 -33.60 24.04
CA LEU E 206 -40.33 -34.83 23.58
C LEU E 206 -39.49 -34.56 22.32
N VAL E 207 -38.20 -34.85 22.41
CA VAL E 207 -37.26 -34.60 21.31
C VAL E 207 -36.03 -35.50 21.39
N CYS E 208 -35.52 -35.88 20.22
CA CYS E 208 -34.28 -36.65 20.11
C CYS E 208 -33.35 -35.97 19.12
N HIS E 209 -32.12 -35.68 19.56
CA HIS E 209 -31.15 -34.97 18.73
C HIS E 209 -29.92 -35.82 18.36
N VAL E 210 -29.69 -35.97 17.04
CA VAL E 210 -28.54 -36.69 16.51
C VAL E 210 -27.50 -35.70 15.98
N SER E 211 -26.25 -35.91 16.37
CA SER E 211 -25.18 -34.98 16.02
C SER E 211 -23.92 -35.69 15.54
N GLY E 212 -23.32 -35.14 14.48
CA GLY E 212 -22.05 -35.65 13.95
C GLY E 212 -22.17 -36.66 12.83
N PHE E 213 -23.33 -36.71 12.17
CA PHE E 213 -23.61 -37.74 11.16
C PHE E 213 -23.46 -37.27 9.71
N TYR E 214 -23.05 -38.20 8.85
CA TYR E 214 -22.92 -37.97 7.42
C TYR E 214 -23.28 -39.27 6.68
N PRO E 215 -24.00 -39.15 5.55
CA PRO E 215 -24.49 -37.93 4.90
C PRO E 215 -25.91 -37.57 5.31
N LYS E 216 -26.52 -36.66 4.54
CA LYS E 216 -27.85 -36.12 4.84
C LYS E 216 -29.00 -37.15 4.90
N PRO E 217 -29.05 -38.11 3.94
CA PRO E 217 -30.15 -39.08 3.95
C PRO E 217 -30.25 -39.89 5.24
N VAL E 218 -31.14 -39.45 6.14
CA VAL E 218 -31.41 -40.13 7.41
C VAL E 218 -32.88 -39.96 7.80
N PHE E 237 -32.15 -29.87 9.80
CA PHE E 237 -30.80 -30.03 9.29
C PHE E 237 -29.94 -28.81 9.62
N LEU E 238 -28.98 -29.00 10.53
CA LEU E 238 -28.12 -27.91 10.98
C LEU E 238 -26.66 -28.33 10.96
N PRO E 239 -25.76 -27.43 10.49
CA PRO E 239 -24.35 -27.79 10.31
C PRO E 239 -23.53 -27.73 11.60
N ASN E 240 -22.41 -28.46 11.62
CA ASN E 240 -21.46 -28.42 12.72
C ASN E 240 -20.10 -27.86 12.29
N ALA E 241 -19.37 -27.28 13.23
CA ALA E 241 -18.11 -26.56 12.98
C ALA E 241 -16.99 -27.41 12.35
N ASP E 242 -17.15 -28.73 12.40
CA ASP E 242 -16.19 -29.64 11.78
C ASP E 242 -16.77 -30.29 10.53
N GLU E 243 -17.77 -29.63 9.94
CA GLU E 243 -18.50 -30.15 8.77
C GLU E 243 -19.12 -31.51 9.07
N THR E 244 -19.94 -31.57 10.12
CA THR E 244 -20.40 -32.84 10.66
C THR E 244 -21.93 -33.01 10.76
N TRP E 245 -22.67 -31.93 10.48
CA TRP E 245 -24.14 -31.93 10.54
C TRP E 245 -24.73 -32.11 11.96
N TYR E 246 -26.07 -32.03 12.03
CA TYR E 246 -26.86 -32.14 13.27
C TYR E 246 -28.34 -32.11 12.90
N LEU E 247 -29.14 -32.98 13.51
CA LEU E 247 -30.58 -33.03 13.26
C LEU E 247 -31.38 -33.36 14.53
N GLN E 248 -32.63 -32.91 14.57
CA GLN E 248 -33.49 -33.10 15.74
C GLN E 248 -34.93 -33.46 15.37
N ALA E 249 -35.54 -34.32 16.19
CA ALA E 249 -36.95 -34.72 16.03
C ALA E 249 -37.54 -35.15 17.37
N GLN F 2 -36.51 -6.54 3.47
CA GLN F 2 -35.94 -6.94 4.78
C GLN F 2 -36.59 -8.22 5.32
N LYS F 3 -35.79 -9.29 5.40
CA LYS F 3 -36.23 -10.55 5.99
C LYS F 3 -35.62 -10.75 7.38
N THR F 4 -36.47 -11.07 8.36
CA THR F 4 -36.05 -11.26 9.75
C THR F 4 -35.27 -12.57 9.97
N PRO F 5 -34.22 -12.54 10.83
CA PRO F 5 -33.40 -13.75 11.01
C PRO F 5 -33.98 -14.78 11.98
N GLN F 6 -33.74 -16.05 11.69
CA GLN F 6 -34.06 -17.13 12.61
C GLN F 6 -32.76 -17.56 13.29
N ILE F 7 -32.84 -17.84 14.59
CA ILE F 7 -31.66 -18.18 15.38
C ILE F 7 -31.87 -19.52 16.08
N GLN F 8 -30.91 -20.43 15.91
CA GLN F 8 -30.95 -21.75 16.53
C GLN F 8 -29.64 -22.05 17.26
N VAL F 9 -29.76 -22.37 18.54
CA VAL F 9 -28.60 -22.62 19.40
C VAL F 9 -28.56 -24.08 19.88
N TYR F 10 -27.44 -24.74 19.66
CA TYR F 10 -27.27 -26.16 19.96
C TYR F 10 -25.82 -26.54 20.22
N SER F 11 -25.62 -27.68 20.87
CA SER F 11 -24.28 -28.16 21.21
C SER F 11 -23.79 -29.24 20.24
N ARG F 12 -22.46 -29.35 20.12
CA ARG F 12 -21.82 -30.32 19.22
C ARG F 12 -21.93 -31.74 19.76
N HIS F 13 -21.61 -31.92 21.03
CA HIS F 13 -21.69 -33.22 21.69
C HIS F 13 -22.84 -33.22 22.69
N PRO F 14 -23.39 -34.41 23.02
CA PRO F 14 -24.41 -34.51 24.06
C PRO F 14 -24.02 -33.72 25.32
N PRO F 15 -24.88 -32.78 25.74
CA PRO F 15 -24.60 -31.92 26.90
C PRO F 15 -24.37 -32.69 28.19
N GLU F 16 -23.31 -32.33 28.90
CA GLU F 16 -22.96 -32.93 30.19
C GLU F 16 -22.24 -31.90 31.05
N ASN F 17 -22.71 -31.72 32.29
CA ASN F 17 -22.13 -30.75 33.21
C ASN F 17 -20.68 -31.05 33.58
N GLY F 18 -19.82 -30.06 33.42
CA GLY F 18 -18.40 -30.18 33.74
C GLY F 18 -17.51 -30.59 32.58
N LYS F 19 -18.12 -31.06 31.50
CA LYS F 19 -17.37 -31.56 30.35
C LYS F 19 -17.31 -30.54 29.20
N PRO F 20 -16.08 -30.10 28.85
CA PRO F 20 -15.82 -29.19 27.73
C PRO F 20 -16.47 -29.62 26.42
N ASN F 21 -17.15 -28.67 25.78
CA ASN F 21 -17.95 -28.93 24.59
C ASN F 21 -17.87 -27.73 23.62
N ILE F 22 -18.57 -27.83 22.50
CA ILE F 22 -18.68 -26.72 21.56
C ILE F 22 -20.14 -26.26 21.46
N LEU F 23 -20.34 -24.95 21.37
CA LEU F 23 -21.68 -24.38 21.22
C LEU F 23 -21.85 -23.70 19.88
N ASN F 24 -22.93 -24.06 19.19
CA ASN F 24 -23.22 -23.53 17.85
C ASN F 24 -24.37 -22.55 17.86
N CYS F 25 -24.15 -21.39 17.24
CA CYS F 25 -25.24 -20.48 16.91
C CYS F 25 -25.34 -20.45 15.38
N TYR F 26 -26.53 -20.77 14.88
CA TYR F 26 -26.78 -20.86 13.44
C TYR F 26 -27.90 -19.90 13.03
N VAL F 27 -27.50 -18.79 12.42
CA VAL F 27 -28.41 -17.71 12.03
C VAL F 27 -28.76 -17.82 10.54
N THR F 28 -30.06 -17.77 10.25
CA THR F 28 -30.55 -18.01 8.89
C THR F 28 -31.65 -17.04 8.46
N GLN F 29 -31.97 -17.09 7.17
CA GLN F 29 -33.15 -16.42 6.57
C GLN F 29 -33.12 -14.89 6.59
N PHE F 30 -31.96 -14.31 6.86
CA PHE F 30 -31.85 -12.86 6.97
C PHE F 30 -31.50 -12.18 5.65
N HIS F 31 -31.88 -10.90 5.55
CA HIS F 31 -31.60 -10.05 4.39
C HIS F 31 -31.89 -8.60 4.82
N PRO F 32 -30.97 -7.67 4.53
CA PRO F 32 -29.69 -7.78 3.81
C PRO F 32 -28.63 -8.57 4.59
N PRO F 33 -27.55 -9.02 3.91
CA PRO F 33 -26.52 -9.87 4.51
C PRO F 33 -25.75 -9.28 5.69
N HIS F 34 -25.79 -7.97 5.90
CA HIS F 34 -25.06 -7.36 7.01
C HIS F 34 -25.65 -7.77 8.36
N ILE F 35 -24.79 -8.26 9.25
CA ILE F 35 -25.23 -8.82 10.53
C ILE F 35 -24.13 -8.73 11.60
N GLU F 36 -24.55 -8.66 12.86
CA GLU F 36 -23.64 -8.71 14.00
C GLU F 36 -24.09 -9.81 14.93
N ILE F 37 -23.19 -10.76 15.18
CA ILE F 37 -23.49 -11.92 16.03
C ILE F 37 -22.55 -11.94 17.23
N GLN F 38 -23.12 -12.17 18.40
CA GLN F 38 -22.37 -12.27 19.64
C GLN F 38 -22.74 -13.55 20.38
N MET F 39 -21.78 -14.08 21.12
CA MET F 39 -22.04 -15.24 21.99
C MET F 39 -21.70 -14.88 23.42
N LEU F 40 -22.66 -15.12 24.32
CA LEU F 40 -22.58 -14.63 25.69
C LEU F 40 -22.52 -15.74 26.74
N LYS F 41 -21.69 -15.54 27.75
CA LYS F 41 -21.67 -16.38 28.94
C LYS F 41 -22.15 -15.53 30.11
N ASN F 42 -23.38 -15.82 30.57
CA ASN F 42 -24.06 -15.02 31.58
C ASN F 42 -24.31 -13.59 31.12
N GLY F 43 -24.70 -13.44 29.86
CA GLY F 43 -24.95 -12.13 29.26
C GLY F 43 -23.70 -11.30 29.02
N LYS F 44 -22.54 -11.93 29.17
CA LYS F 44 -21.26 -11.27 29.02
C LYS F 44 -20.53 -11.86 27.80
N LYS F 45 -20.05 -10.98 26.93
CA LYS F 45 -19.47 -11.38 25.65
C LYS F 45 -18.22 -12.26 25.78
N ILE F 46 -18.25 -13.40 25.10
CA ILE F 46 -17.09 -14.29 25.02
C ILE F 46 -16.09 -13.70 24.02
N PRO F 47 -14.81 -13.53 24.44
CA PRO F 47 -13.76 -12.86 23.67
C PRO F 47 -13.52 -13.43 22.26
N LYS F 48 -13.08 -14.68 22.18
CA LYS F 48 -12.74 -15.31 20.90
C LYS F 48 -13.85 -16.23 20.40
N VAL F 49 -14.61 -15.76 19.42
CA VAL F 49 -15.69 -16.54 18.83
C VAL F 49 -15.43 -16.72 17.32
N GLU F 50 -14.99 -17.91 16.94
CA GLU F 50 -14.65 -18.22 15.56
C GLU F 50 -15.90 -18.25 14.68
N MET F 51 -15.84 -17.52 13.56
CA MET F 51 -16.98 -17.36 12.68
C MET F 51 -16.73 -17.99 11.32
N SER F 52 -17.75 -18.63 10.76
CA SER F 52 -17.68 -19.19 9.41
C SER F 52 -17.93 -18.12 8.36
N ASP F 53 -17.54 -18.41 7.12
CA ASP F 53 -17.81 -17.49 6.00
C ASP F 53 -19.29 -17.56 5.60
N MET F 54 -19.90 -16.40 5.43
CA MET F 54 -21.32 -16.31 5.11
C MET F 54 -21.63 -16.92 3.74
N SER F 55 -22.79 -17.56 3.63
CA SER F 55 -23.23 -18.22 2.42
C SER F 55 -24.75 -18.19 2.30
N PHE F 56 -25.30 -18.69 1.20
CA PHE F 56 -26.76 -18.76 1.02
C PHE F 56 -27.20 -20.08 0.36
N SER F 57 -28.44 -20.47 0.60
CA SER F 57 -28.99 -21.71 0.08
C SER F 57 -29.75 -21.51 -1.24
N LYS F 58 -30.28 -22.60 -1.78
CA LYS F 58 -30.94 -22.61 -3.11
C LYS F 58 -32.10 -21.62 -3.24
N ASP F 59 -32.79 -21.35 -2.13
CA ASP F 59 -33.88 -20.37 -2.11
C ASP F 59 -33.38 -18.94 -1.85
N TRP F 60 -32.06 -18.76 -1.90
CA TRP F 60 -31.39 -17.45 -1.82
C TRP F 60 -31.15 -16.90 -0.41
N SER F 61 -31.83 -17.48 0.58
CA SER F 61 -31.72 -16.99 1.96
C SER F 61 -30.35 -17.24 2.56
N PHE F 62 -29.82 -16.23 3.25
CA PHE F 62 -28.47 -16.27 3.83
C PHE F 62 -28.39 -17.14 5.08
N TYR F 63 -27.21 -17.68 5.33
CA TYR F 63 -26.92 -18.39 6.59
C TYR F 63 -25.46 -18.23 7.03
N ILE F 64 -25.23 -18.38 8.34
CA ILE F 64 -23.90 -18.28 8.92
C ILE F 64 -23.85 -19.00 10.26
N LEU F 65 -22.71 -19.64 10.55
CA LEU F 65 -22.55 -20.43 11.75
C LEU F 65 -21.39 -19.93 12.63
N ALA F 66 -21.75 -19.52 13.85
CA ALA F 66 -20.77 -19.13 14.86
C ALA F 66 -20.63 -20.24 15.88
N HIS F 67 -19.41 -20.41 16.41
CA HIS F 67 -19.15 -21.42 17.45
C HIS F 67 -18.05 -21.01 18.42
N THR F 68 -18.16 -21.47 19.66
CA THR F 68 -17.13 -21.25 20.68
C THR F 68 -17.05 -22.45 21.64
N GLU F 69 -15.94 -22.54 22.37
CA GLU F 69 -15.74 -23.62 23.33
C GLU F 69 -16.29 -23.22 24.71
N PHE F 70 -17.12 -24.10 25.28
CA PHE F 70 -17.74 -23.86 26.58
C PHE F 70 -17.82 -25.13 27.43
N THR F 71 -17.88 -24.96 28.75
CA THR F 71 -18.06 -26.08 29.68
C THR F 71 -19.35 -25.89 30.48
N PRO F 72 -20.42 -26.61 30.11
CA PRO F 72 -21.74 -26.47 30.74
C PRO F 72 -21.69 -26.76 32.24
N THR F 73 -22.41 -25.94 33.01
CA THR F 73 -22.57 -26.14 34.45
C THR F 73 -24.04 -26.01 34.82
N GLU F 74 -24.36 -26.28 36.09
CA GLU F 74 -25.72 -26.10 36.59
C GLU F 74 -26.14 -24.62 36.53
N THR F 75 -25.31 -23.75 37.11
CA THR F 75 -25.64 -22.33 37.28
C THR F 75 -25.59 -21.47 36.01
N ASP F 76 -24.51 -21.61 35.22
CA ASP F 76 -24.24 -20.68 34.12
C ASP F 76 -25.25 -20.73 32.97
N THR F 77 -25.39 -19.60 32.27
CA THR F 77 -26.26 -19.49 31.10
C THR F 77 -25.43 -19.14 29.85
N TYR F 78 -25.92 -19.59 28.70
CA TYR F 78 -25.28 -19.31 27.42
C TYR F 78 -26.30 -18.84 26.39
N ALA F 79 -25.96 -17.80 25.64
CA ALA F 79 -26.90 -17.17 24.71
C ALA F 79 -26.23 -16.71 23.42
N CYS F 80 -27.05 -16.47 22.40
CA CYS F 80 -26.59 -15.89 21.13
C CYS F 80 -27.37 -14.61 20.82
N ARG F 81 -26.66 -13.49 20.84
CA ARG F 81 -27.25 -12.16 20.61
C ARG F 81 -26.96 -11.69 19.18
N VAL F 82 -28.02 -11.38 18.45
CA VAL F 82 -27.91 -11.00 17.04
C VAL F 82 -28.58 -9.66 16.78
N LYS F 83 -27.82 -8.76 16.15
CA LYS F 83 -28.34 -7.46 15.70
C LYS F 83 -28.48 -7.43 14.19
N HIS F 84 -29.67 -7.02 13.73
CA HIS F 84 -29.96 -6.93 12.30
C HIS F 84 -30.92 -5.78 12.01
N ALA F 85 -30.85 -5.23 10.80
CA ALA F 85 -31.67 -4.08 10.40
C ALA F 85 -33.17 -4.35 10.44
N SER F 86 -33.55 -5.61 10.29
CA SER F 86 -34.96 -6.02 10.26
C SER F 86 -35.63 -5.93 11.62
N MET F 87 -34.84 -5.84 12.69
CA MET F 87 -35.36 -5.77 14.05
C MET F 87 -34.96 -4.47 14.74
N ALA F 88 -35.87 -3.92 15.55
CA ALA F 88 -35.61 -2.70 16.30
C ALA F 88 -34.61 -2.95 17.43
N GLU F 89 -34.89 -3.96 18.25
CA GLU F 89 -33.99 -4.40 19.31
C GLU F 89 -33.22 -5.62 18.83
N PRO F 90 -32.03 -5.87 19.39
CA PRO F 90 -31.34 -7.13 19.14
C PRO F 90 -32.09 -8.32 19.73
N LYS F 91 -32.02 -9.45 19.05
CA LYS F 91 -32.69 -10.68 19.48
C LYS F 91 -31.70 -11.57 20.21
N THR F 92 -32.13 -12.09 21.37
CA THR F 92 -31.31 -12.98 22.18
C THR F 92 -32.04 -14.28 22.41
N VAL F 93 -31.45 -15.39 21.95
CA VAL F 93 -31.95 -16.74 22.26
C VAL F 93 -30.94 -17.50 23.13
N TYR F 94 -31.44 -18.08 24.21
CA TYR F 94 -30.60 -18.83 25.16
C TYR F 94 -30.48 -20.28 24.74
N TRP F 95 -29.33 -20.88 25.08
CA TRP F 95 -29.16 -22.32 24.95
C TRP F 95 -30.04 -23.03 25.98
N ASP F 96 -30.89 -23.93 25.49
CA ASP F 96 -31.69 -24.78 26.34
C ASP F 96 -31.27 -26.22 26.06
N ARG F 97 -30.76 -26.89 27.09
CA ARG F 97 -30.32 -28.29 26.99
C ARG F 97 -31.42 -29.21 26.45
N ASP F 98 -32.64 -28.68 26.40
CA ASP F 98 -33.80 -29.39 25.88
C ASP F 98 -33.74 -29.50 24.35
N THR G 3 1.42 7.72 -18.98
CA THR G 3 -0.05 7.50 -18.83
C THR G 3 -0.38 6.01 -18.93
N GLN G 4 -1.65 5.69 -19.22
CA GLN G 4 -2.07 4.32 -19.43
C GLN G 4 -1.95 3.89 -20.89
N VAL G 5 -1.91 4.87 -21.79
CA VAL G 5 -1.76 4.61 -23.23
C VAL G 5 -0.60 5.44 -23.78
N GLU G 6 0.48 4.77 -24.15
CA GLU G 6 1.68 5.46 -24.64
C GLU G 6 1.90 5.19 -26.12
N GLN G 7 2.26 6.25 -26.85
CA GLN G 7 2.47 6.16 -28.29
C GLN G 7 3.89 6.53 -28.68
N SER G 8 4.41 5.82 -29.67
CA SER G 8 5.77 6.03 -30.16
C SER G 8 5.78 5.92 -31.68
N PRO G 9 6.53 6.79 -32.37
CA PRO G 9 7.28 7.92 -31.84
C PRO G 9 6.38 9.11 -31.56
N GLN G 10 6.93 10.17 -30.98
CA GLN G 10 6.18 11.39 -30.70
C GLN G 10 5.78 12.07 -32.01
N SER G 11 6.74 12.18 -32.92
CA SER G 11 6.51 12.71 -34.25
C SER G 11 7.55 12.13 -35.18
N LEU G 12 7.25 12.11 -36.47
CA LEU G 12 8.18 11.62 -37.49
C LEU G 12 7.94 12.27 -38.84
N VAL G 13 9.01 12.40 -39.62
CA VAL G 13 8.95 13.01 -40.94
C VAL G 13 9.35 11.99 -42.00
N VAL G 14 8.46 11.74 -42.96
CA VAL G 14 8.75 10.81 -44.05
C VAL G 14 8.62 11.44 -45.43
N ARG G 15 9.35 10.91 -46.41
CA ARG G 15 9.19 11.30 -47.80
C ARG G 15 8.08 10.48 -48.44
N GLN G 16 7.30 11.14 -49.29
CA GLN G 16 6.18 10.51 -50.00
C GLN G 16 6.57 9.17 -50.64
N GLY G 17 5.71 8.17 -50.48
CA GLY G 17 5.93 6.86 -51.07
C GLY G 17 6.61 5.87 -50.14
N GLU G 18 7.09 6.37 -49.01
CA GLU G 18 7.74 5.53 -48.01
C GLU G 18 6.71 5.01 -47.01
N ASN G 19 7.02 3.88 -46.39
CA ASN G 19 6.16 3.31 -45.35
C ASN G 19 6.61 3.76 -43.97
N CYS G 20 5.67 3.83 -43.05
CA CYS G 20 5.99 4.06 -41.64
C CYS G 20 5.15 3.17 -40.74
N VAL G 21 5.71 2.84 -39.58
CA VAL G 21 4.99 2.06 -38.57
C VAL G 21 4.81 2.90 -37.30
N LEU G 22 3.61 2.88 -36.74
CA LEU G 22 3.35 3.57 -35.48
C LEU G 22 3.09 2.55 -34.37
N GLN G 23 3.52 2.87 -33.15
CA GLN G 23 3.45 1.94 -32.03
C GLN G 23 2.54 2.45 -30.92
N CYS G 24 1.76 1.55 -30.33
CA CYS G 24 0.90 1.87 -29.18
C CYS G 24 1.12 0.84 -28.08
N ASN G 25 1.41 1.31 -26.87
CA ASN G 25 1.60 0.43 -25.71
C ASN G 25 0.73 0.86 -24.56
N TYR G 26 0.00 -0.08 -23.97
CA TYR G 26 -1.00 0.26 -22.97
C TYR G 26 -0.96 -0.72 -21.79
N SER G 27 -1.56 -0.30 -20.68
CA SER G 27 -1.65 -1.12 -19.47
C SER G 27 -3.09 -1.28 -19.01
N VAL G 28 -4.01 -0.71 -19.78
CA VAL G 28 -5.44 -0.69 -19.49
C VAL G 28 -5.99 -2.10 -19.20
N THR G 29 -6.71 -2.23 -18.08
CA THR G 29 -7.30 -3.50 -17.66
C THR G 29 -8.81 -3.35 -17.40
N PRO G 30 -9.65 -4.13 -18.11
CA PRO G 30 -9.24 -5.04 -19.18
C PRO G 30 -9.17 -4.31 -20.52
N ASP G 31 -8.75 -5.04 -21.56
CA ASP G 31 -8.58 -4.47 -22.90
C ASP G 31 -9.47 -5.20 -23.89
N ASN G 32 -10.66 -4.64 -24.11
CA ASN G 32 -11.64 -5.22 -25.01
C ASN G 32 -11.26 -5.01 -26.48
N HIS G 33 -11.08 -3.74 -26.86
CA HIS G 33 -10.77 -3.40 -28.25
C HIS G 33 -9.80 -2.24 -28.32
N LEU G 34 -9.09 -2.13 -29.43
CA LEU G 34 -8.15 -1.04 -29.66
C LEU G 34 -8.48 -0.38 -31.00
N ARG G 35 -8.61 0.94 -30.98
CA ARG G 35 -9.02 1.69 -32.16
C ARG G 35 -7.98 2.74 -32.55
N TRP G 36 -7.73 2.86 -33.86
CA TRP G 36 -6.80 3.85 -34.38
C TRP G 36 -7.55 5.00 -35.05
N PHE G 37 -7.32 6.22 -34.57
CA PHE G 37 -7.93 7.42 -35.13
C PHE G 37 -6.92 8.20 -35.95
N LYS G 38 -7.44 8.97 -36.91
CA LYS G 38 -6.65 9.94 -37.64
C LYS G 38 -7.32 11.30 -37.45
N GLN G 39 -6.51 12.32 -37.15
CA GLN G 39 -7.02 13.65 -36.95
C GLN G 39 -6.19 14.64 -37.74
N ASP G 40 -6.77 15.20 -38.80
CA ASP G 40 -6.15 16.28 -39.56
C ASP G 40 -6.10 17.53 -38.72
N THR G 41 -5.11 18.38 -38.98
CA THR G 41 -4.87 19.58 -38.16
C THR G 41 -6.14 20.42 -38.02
N GLY G 42 -6.53 20.65 -36.77
CA GLY G 42 -7.71 21.44 -36.45
C GLY G 42 -9.02 20.84 -36.93
N LYS G 43 -9.12 19.51 -36.88
CA LYS G 43 -10.33 18.82 -37.35
C LYS G 43 -10.76 17.65 -36.47
N GLY G 44 -11.69 16.85 -36.98
CA GLY G 44 -12.31 15.78 -36.21
C GLY G 44 -11.60 14.45 -36.27
N LEU G 45 -12.04 13.52 -35.44
CA LEU G 45 -11.46 12.20 -35.35
C LEU G 45 -12.07 11.26 -36.37
N VAL G 46 -11.25 10.80 -37.32
CA VAL G 46 -11.67 9.82 -38.33
C VAL G 46 -11.14 8.44 -37.93
N SER G 47 -12.03 7.46 -37.81
CA SER G 47 -11.67 6.10 -37.42
C SER G 47 -11.06 5.34 -38.59
N LEU G 48 -9.90 4.74 -38.37
CA LEU G 48 -9.18 4.02 -39.42
C LEU G 48 -9.45 2.52 -39.37
N THR G 49 -9.49 1.99 -38.15
CA THR G 49 -9.74 0.58 -37.91
C THR G 49 -9.87 0.28 -36.41
N VAL G 50 -10.58 -0.79 -36.09
CA VAL G 50 -10.68 -1.25 -34.72
C VAL G 50 -10.26 -2.72 -34.63
N LEU G 51 -9.44 -3.01 -33.61
CA LEU G 51 -8.92 -4.35 -33.41
C LEU G 51 -9.54 -4.93 -32.15
N VAL G 52 -9.80 -6.23 -32.17
CA VAL G 52 -10.74 -6.85 -31.24
C VAL G 52 -10.18 -8.12 -30.58
N ASP G 53 -9.58 -8.99 -31.38
CA ASP G 53 -9.15 -10.31 -30.91
C ASP G 53 -7.88 -10.28 -30.06
N GLN G 54 -7.58 -11.41 -29.42
CA GLN G 54 -6.39 -11.57 -28.59
C GLN G 54 -5.12 -11.30 -29.40
N LYS G 55 -5.01 -11.97 -30.55
CA LYS G 55 -3.96 -11.65 -31.51
C LYS G 55 -4.62 -11.32 -32.85
N ASP G 56 -4.81 -10.02 -33.09
CA ASP G 56 -5.65 -9.53 -34.18
C ASP G 56 -4.87 -8.82 -35.27
N LYS G 57 -5.34 -8.96 -36.50
CA LYS G 57 -4.83 -8.21 -37.65
C LYS G 57 -6.00 -7.64 -38.43
N THR G 58 -5.91 -6.37 -38.83
CA THR G 58 -6.89 -5.75 -39.71
C THR G 58 -6.22 -4.93 -40.81
N SER G 59 -6.98 -4.63 -41.85
CA SER G 59 -6.53 -3.76 -42.93
C SER G 59 -7.66 -2.86 -43.42
N ASN G 60 -7.28 -1.72 -43.99
CA ASN G 60 -8.20 -0.78 -44.60
C ASN G 60 -7.43 0.06 -45.61
N GLY G 61 -7.50 -0.35 -46.88
CA GLY G 61 -6.77 0.33 -47.94
C GLY G 61 -5.27 0.26 -47.70
N ARG G 62 -4.64 1.43 -47.56
CA ARG G 62 -3.20 1.51 -47.35
C ARG G 62 -2.83 1.39 -45.87
N TYR G 63 -3.85 1.35 -45.01
CA TYR G 63 -3.65 1.17 -43.57
C TYR G 63 -3.83 -0.30 -43.18
N SER G 64 -2.87 -0.83 -42.43
CA SER G 64 -3.00 -2.15 -41.83
C SER G 64 -2.54 -2.07 -40.39
N ALA G 65 -3.16 -2.87 -39.53
CA ALA G 65 -2.84 -2.85 -38.10
C ALA G 65 -2.79 -4.25 -37.48
N THR G 66 -2.07 -4.35 -36.36
CA THR G 66 -1.99 -5.58 -35.60
C THR G 66 -2.28 -5.30 -34.14
N LEU G 67 -2.79 -6.30 -33.42
CA LEU G 67 -2.97 -6.21 -31.97
C LEU G 67 -2.52 -7.49 -31.29
N ASP G 68 -1.64 -7.32 -30.30
CA ASP G 68 -1.24 -8.42 -29.43
C ASP G 68 -1.63 -8.04 -28.01
N LYS G 69 -2.69 -8.68 -27.50
CA LYS G 69 -3.18 -8.39 -26.15
C LYS G 69 -2.30 -8.96 -25.04
N ASP G 70 -1.56 -10.02 -25.34
CA ASP G 70 -0.58 -10.57 -24.41
C ASP G 70 0.52 -9.56 -24.09
N ALA G 71 1.07 -8.93 -25.13
CA ALA G 71 2.10 -7.91 -24.97
C ALA G 71 1.50 -6.52 -24.76
N LYS G 72 0.18 -6.42 -24.91
CA LYS G 72 -0.55 -5.15 -24.82
C LYS G 72 0.05 -4.09 -25.74
N HIS G 73 0.26 -4.49 -26.99
CA HIS G 73 1.01 -3.72 -27.96
C HIS G 73 0.30 -3.76 -29.31
N SER G 74 0.30 -2.62 -30.01
CA SER G 74 -0.32 -2.51 -31.33
C SER G 74 0.52 -1.66 -32.27
N THR G 75 0.54 -2.06 -33.55
CA THR G 75 1.27 -1.32 -34.57
C THR G 75 0.33 -0.89 -35.69
N LEU G 76 0.43 0.37 -36.10
CA LEU G 76 -0.27 0.86 -37.28
C LEU G 76 0.72 1.06 -38.43
N HIS G 77 0.53 0.28 -39.48
CA HIS G 77 1.38 0.38 -40.68
C HIS G 77 0.66 1.21 -41.74
N ILE G 78 1.39 2.18 -42.30
CA ILE G 78 0.88 2.97 -43.42
C ILE G 78 1.78 2.73 -44.62
N THR G 79 1.22 2.12 -45.67
CA THR G 79 1.99 1.80 -46.87
C THR G 79 1.88 2.94 -47.89
N ALA G 80 2.99 3.25 -48.54
CA ALA G 80 3.06 4.23 -49.62
C ALA G 80 2.38 5.55 -49.23
N THR G 81 3.02 6.27 -48.32
CA THR G 81 2.48 7.50 -47.76
C THR G 81 2.23 8.58 -48.81
N LEU G 82 1.07 9.23 -48.69
CA LEU G 82 0.71 10.38 -49.51
C LEU G 82 0.70 11.62 -48.63
N LEU G 83 0.69 12.81 -49.26
CA LEU G 83 0.65 14.09 -48.55
C LEU G 83 -0.51 14.20 -47.54
N ASP G 84 -1.69 13.70 -47.91
CA ASP G 84 -2.88 13.77 -47.06
C ASP G 84 -2.79 12.89 -45.81
N ASP G 85 -1.71 12.12 -45.68
CA ASP G 85 -1.47 11.35 -44.47
C ASP G 85 -0.92 12.22 -43.35
N THR G 86 -0.47 13.43 -43.70
CA THR G 86 -0.02 14.41 -42.73
C THR G 86 -1.15 14.70 -41.74
N ALA G 87 -0.99 14.18 -40.53
CA ALA G 87 -2.00 14.22 -39.49
C ALA G 87 -1.40 13.73 -38.18
N THR G 88 -2.17 13.84 -37.10
CA THR G 88 -1.82 13.20 -35.84
C THR G 88 -2.60 11.90 -35.80
N TYR G 89 -1.96 10.83 -35.35
CA TYR G 89 -2.61 9.53 -35.25
C TYR G 89 -2.75 9.12 -33.79
N ILE G 90 -3.99 8.88 -33.38
CA ILE G 90 -4.29 8.62 -31.97
C ILE G 90 -4.78 7.20 -31.73
N CYS G 91 -4.19 6.58 -30.72
CA CYS G 91 -4.53 5.23 -30.29
C CYS G 91 -5.50 5.29 -29.11
N VAL G 92 -6.59 4.54 -29.19
CA VAL G 92 -7.55 4.51 -28.09
C VAL G 92 -7.92 3.07 -27.68
N VAL G 93 -7.88 2.82 -26.38
CA VAL G 93 -8.20 1.51 -25.81
C VAL G 93 -9.51 1.60 -25.03
N GLY G 94 -10.51 0.83 -25.46
CA GLY G 94 -11.79 0.74 -24.75
C GLY G 94 -11.82 -0.47 -23.84
N ASP G 95 -12.17 -0.25 -22.57
CA ASP G 95 -12.09 -1.32 -21.56
C ASP G 95 -13.31 -2.25 -21.44
N ARG G 96 -14.33 -2.01 -22.26
CA ARG G 96 -15.52 -2.87 -22.31
C ARG G 96 -15.99 -3.14 -23.73
N GLY G 97 -16.84 -4.16 -23.87
CA GLY G 97 -17.50 -4.45 -25.13
C GLY G 97 -18.90 -3.87 -25.21
N SER G 98 -19.20 -2.91 -24.35
CA SER G 98 -20.50 -2.25 -24.31
C SER G 98 -20.38 -0.76 -23.96
N ALA G 99 -21.53 -0.10 -23.78
CA ALA G 99 -21.59 1.32 -23.43
C ALA G 99 -21.01 1.61 -22.05
N LEU G 100 -20.98 0.59 -21.19
CA LEU G 100 -20.45 0.69 -19.83
C LEU G 100 -18.97 1.02 -19.81
N GLY G 101 -18.34 0.97 -20.99
CA GLY G 101 -16.91 1.18 -21.12
C GLY G 101 -16.43 2.60 -21.01
N ARG G 102 -15.13 2.73 -20.75
CA ARG G 102 -14.44 4.01 -20.78
C ARG G 102 -13.30 3.91 -21.79
N LEU G 103 -13.14 4.96 -22.59
CA LEU G 103 -12.09 5.01 -23.59
C LEU G 103 -10.82 5.64 -23.02
N HIS G 104 -9.68 5.08 -23.38
CA HIS G 104 -8.39 5.56 -22.88
C HIS G 104 -7.55 6.04 -24.07
N PHE G 105 -7.36 7.36 -24.14
CA PHE G 105 -6.71 8.00 -25.28
C PHE G 105 -5.22 8.21 -25.08
N GLY G 106 -4.45 7.86 -26.12
CA GLY G 106 -3.04 8.21 -26.19
C GLY G 106 -2.90 9.65 -26.64
N ALA G 107 -1.73 10.24 -26.42
CA ALA G 107 -1.50 11.64 -26.79
C ALA G 107 -1.25 11.84 -28.28
N GLY G 108 -1.19 10.74 -29.03
CA GLY G 108 -1.07 10.79 -30.49
C GLY G 108 0.32 10.96 -31.06
N THR G 109 0.47 10.57 -32.32
CA THR G 109 1.74 10.68 -33.05
C THR G 109 1.57 11.63 -34.23
N GLN G 110 2.41 12.65 -34.30
CA GLN G 110 2.38 13.60 -35.43
C GLN G 110 3.15 13.06 -36.63
N LEU G 111 2.45 12.88 -37.75
CA LEU G 111 3.10 12.50 -38.99
C LEU G 111 3.16 13.68 -39.96
N ILE G 112 4.34 13.93 -40.51
CA ILE G 112 4.49 14.88 -41.60
C ILE G 112 5.07 14.16 -42.82
N VAL G 113 4.34 14.21 -43.93
CA VAL G 113 4.80 13.62 -45.18
C VAL G 113 5.30 14.73 -46.13
N ILE G 114 6.56 14.62 -46.53
CA ILE G 114 7.13 15.58 -47.47
C ILE G 114 6.72 15.19 -48.89
N PRO G 115 6.08 16.14 -49.63
CA PRO G 115 5.59 15.85 -50.98
C PRO G 115 6.73 15.74 -51.99
N ASP G 116 6.55 14.86 -52.97
CA ASP G 116 7.54 14.66 -54.03
C ASP G 116 7.21 15.57 -55.22
N ILE G 117 8.11 16.50 -55.51
CA ILE G 117 7.90 17.45 -56.60
C ILE G 117 8.72 17.04 -57.84
N GLN G 118 7.99 16.73 -58.92
CA GLN G 118 8.58 16.15 -60.13
C GLN G 118 9.40 17.14 -60.97
N ASN G 119 8.81 18.28 -61.29
CA ASN G 119 9.49 19.29 -62.10
C ASN G 119 9.53 20.68 -61.45
N PRO G 120 10.52 20.90 -60.55
CA PRO G 120 10.66 22.21 -59.90
C PRO G 120 11.03 23.32 -60.88
N ASP G 121 10.43 24.49 -60.70
CA ASP G 121 10.64 25.64 -61.56
C ASP G 121 10.62 26.92 -60.70
N PRO G 122 11.62 27.07 -59.81
CA PRO G 122 11.64 28.14 -58.81
C PRO G 122 11.57 29.54 -59.43
N ALA G 123 10.69 30.38 -58.88
CA ALA G 123 10.48 31.74 -59.37
C ALA G 123 9.89 32.66 -58.30
N VAL G 124 10.11 33.96 -58.46
CA VAL G 124 9.56 34.97 -57.57
C VAL G 124 8.71 35.96 -58.36
N TYR G 125 7.41 35.98 -58.08
CA TYR G 125 6.46 36.80 -58.84
C TYR G 125 5.90 37.95 -58.01
N GLN G 126 5.60 39.05 -58.68
CA GLN G 126 4.99 40.22 -58.04
C GLN G 126 3.50 40.28 -58.35
N LEU G 127 2.68 40.17 -57.31
CA LEU G 127 1.24 40.13 -57.45
C LEU G 127 0.61 41.38 -56.85
N ARG G 128 -0.24 42.04 -57.62
CA ARG G 128 -0.81 43.33 -57.20
C ARG G 128 -2.24 43.21 -56.68
N ASP G 129 -2.61 44.15 -55.81
CA ASP G 129 -3.94 44.19 -55.20
C ASP G 129 -5.02 44.54 -56.23
N SER G 130 -6.20 43.97 -56.05
CA SER G 130 -7.34 44.21 -56.94
C SER G 130 -8.01 45.55 -56.67
N LYS G 131 -7.87 46.06 -55.45
CA LYS G 131 -8.49 47.31 -55.03
C LYS G 131 -7.48 48.46 -54.87
N SER G 132 -6.19 48.13 -55.10
CA SER G 132 -5.11 49.12 -55.00
C SER G 132 -3.99 48.78 -55.99
N SER G 133 -3.61 49.77 -56.79
CA SER G 133 -2.53 49.61 -57.77
C SER G 133 -1.16 49.56 -57.10
N ASP G 134 -1.04 50.22 -55.94
CA ASP G 134 0.23 50.42 -55.26
C ASP G 134 0.48 49.49 -54.06
N LYS G 135 -0.31 48.42 -53.95
CA LYS G 135 -0.09 47.41 -52.91
C LYS G 135 0.16 46.05 -53.55
N SER G 136 1.26 45.40 -53.15
CA SER G 136 1.64 44.13 -53.75
C SER G 136 2.28 43.13 -52.77
N VAL G 137 2.32 41.86 -53.19
CA VAL G 137 3.05 40.81 -52.48
C VAL G 137 4.07 40.14 -53.40
N CYS G 138 4.99 39.41 -52.80
CA CYS G 138 5.97 38.63 -53.56
C CYS G 138 5.78 37.14 -53.29
N LEU G 139 5.66 36.38 -54.38
CA LEU G 139 5.37 34.95 -54.29
C LEU G 139 6.55 34.12 -54.78
N PHE G 140 7.23 33.46 -53.82
CA PHE G 140 8.26 32.49 -54.13
C PHE G 140 7.55 31.15 -54.29
N THR G 141 7.61 30.58 -55.49
CA THR G 141 6.85 29.36 -55.80
C THR G 141 7.58 28.33 -56.67
N ASP G 142 7.09 27.10 -56.65
CA ASP G 142 7.55 25.99 -57.50
C ASP G 142 8.98 25.52 -57.21
N PHE G 143 9.49 25.83 -56.02
CA PHE G 143 10.78 25.34 -55.58
C PHE G 143 10.64 23.91 -55.02
N ASP G 144 11.74 23.17 -55.03
CA ASP G 144 11.74 21.80 -54.52
C ASP G 144 11.74 21.79 -52.98
N SER G 145 11.70 20.59 -52.40
CA SER G 145 11.62 20.44 -50.95
C SER G 145 12.99 20.51 -50.25
N GLN G 146 14.04 20.73 -51.03
CA GLN G 146 15.38 20.93 -50.48
C GLN G 146 15.64 22.42 -50.21
N THR G 147 14.58 23.21 -50.30
CA THR G 147 14.64 24.66 -50.06
C THR G 147 13.90 25.01 -48.77
N ASN G 148 14.59 25.71 -47.88
CA ASN G 148 13.98 26.18 -46.64
C ASN G 148 13.88 27.69 -46.60
N VAL G 149 12.65 28.20 -46.64
CA VAL G 149 12.40 29.63 -46.57
C VAL G 149 12.55 30.09 -45.12
N SER G 150 13.44 31.05 -44.89
CA SER G 150 13.75 31.53 -43.55
C SER G 150 12.87 32.71 -43.14
N GLN G 151 12.74 32.89 -41.82
CA GLN G 151 11.93 33.96 -41.23
C GLN G 151 12.38 35.35 -41.66
N SER G 152 11.49 36.31 -41.49
CA SER G 152 11.66 37.68 -41.98
C SER G 152 13.01 38.33 -41.63
N LYS G 153 13.57 39.06 -42.59
CA LYS G 153 14.84 39.76 -42.44
C LYS G 153 14.72 41.02 -41.57
N ASP G 154 13.53 41.62 -41.58
CA ASP G 154 13.25 42.85 -40.84
C ASP G 154 11.92 42.76 -40.10
N SER G 155 11.77 43.55 -39.04
CA SER G 155 10.55 43.58 -38.24
C SER G 155 9.32 44.01 -39.05
N ASP G 156 9.52 44.94 -39.99
CA ASP G 156 8.45 45.49 -40.81
C ASP G 156 8.15 44.66 -42.06
N VAL G 157 8.93 43.59 -42.26
CA VAL G 157 8.72 42.67 -43.37
C VAL G 157 8.08 41.38 -42.84
N TYR G 158 7.22 40.76 -43.65
CA TYR G 158 6.52 39.55 -43.24
C TYR G 158 6.69 38.43 -44.25
N ILE G 159 7.14 37.26 -43.77
CA ILE G 159 7.37 36.10 -44.62
C ILE G 159 6.73 34.87 -43.96
N THR G 160 5.80 34.25 -44.68
CA THR G 160 5.10 33.06 -44.19
C THR G 160 5.99 31.84 -44.41
N ASP G 161 5.65 30.74 -43.73
CA ASP G 161 6.35 29.48 -43.96
C ASP G 161 5.81 28.83 -45.23
N LYS G 162 6.67 28.07 -45.91
CA LYS G 162 6.26 27.37 -47.12
C LYS G 162 5.15 26.36 -46.83
N CYS G 163 4.18 26.30 -47.72
CA CYS G 163 3.13 25.30 -47.65
C CYS G 163 2.80 24.82 -49.05
N VAL G 164 2.23 23.62 -49.16
CA VAL G 164 2.05 22.97 -50.45
C VAL G 164 0.57 22.77 -50.83
N LEU G 165 0.23 23.22 -52.05
CA LEU G 165 -1.10 23.04 -52.61
C LEU G 165 -1.12 21.89 -53.62
N ASP G 166 -2.31 21.33 -53.85
CA ASP G 166 -2.47 20.18 -54.73
C ASP G 166 -3.62 20.42 -55.71
N MET G 167 -3.26 20.62 -56.98
CA MET G 167 -4.25 20.78 -58.04
C MET G 167 -4.64 19.39 -58.54
N ARG G 168 -5.57 18.78 -57.82
CA ARG G 168 -5.88 17.35 -57.95
C ARG G 168 -6.19 16.88 -59.38
N SER G 169 -6.97 17.67 -60.11
CA SER G 169 -7.36 17.33 -61.48
C SER G 169 -6.18 17.20 -62.46
N MET G 170 -5.11 17.94 -62.18
CA MET G 170 -3.90 17.93 -63.01
C MET G 170 -2.78 17.07 -62.44
N ASP G 171 -3.02 16.47 -61.27
CA ASP G 171 -1.99 15.76 -60.51
C ASP G 171 -0.72 16.61 -60.42
N PHE G 172 -0.85 17.76 -59.76
CA PHE G 172 0.24 18.73 -59.68
C PHE G 172 0.33 19.37 -58.30
N LYS G 173 1.53 19.34 -57.73
CA LYS G 173 1.79 19.91 -56.42
C LYS G 173 2.84 21.01 -56.51
N SER G 174 2.68 22.06 -55.71
CA SER G 174 3.63 23.17 -55.70
C SER G 174 3.83 23.76 -54.32
N ASN G 175 5.09 24.00 -53.98
CA ASN G 175 5.47 24.74 -52.78
C ASN G 175 5.26 26.23 -53.02
N SER G 176 5.04 26.99 -51.94
CA SER G 176 4.90 28.44 -52.05
C SER G 176 5.16 29.15 -50.73
N ALA G 177 5.83 30.30 -50.81
CA ALA G 177 5.98 31.20 -49.67
C ALA G 177 5.64 32.61 -50.13
N VAL G 178 5.01 33.38 -49.25
CA VAL G 178 4.57 34.74 -49.57
C VAL G 178 5.29 35.75 -48.69
N ALA G 179 5.72 36.86 -49.29
CA ALA G 179 6.34 37.95 -48.55
C ALA G 179 5.68 39.29 -48.90
N TRP G 180 5.53 40.14 -47.89
CA TRP G 180 5.01 41.50 -48.08
C TRP G 180 5.57 42.44 -47.01
N SER G 181 5.51 43.74 -47.31
CA SER G 181 5.96 44.78 -46.41
C SER G 181 5.21 46.08 -46.66
N ASN G 182 5.31 47.01 -45.72
CA ASN G 182 4.80 48.38 -45.91
C ASN G 182 5.96 49.34 -46.20
N LYS G 183 7.15 48.95 -45.78
CA LYS G 183 8.36 49.77 -45.94
C LYS G 183 8.83 49.83 -47.40
N SER G 184 9.35 51.00 -47.77
CA SER G 184 9.94 51.21 -49.10
C SER G 184 11.23 50.40 -49.28
N ASP G 185 11.86 50.54 -50.45
CA ASP G 185 13.06 49.78 -50.82
C ASP G 185 12.84 48.26 -50.72
N PHE G 186 11.61 47.84 -51.02
CA PHE G 186 11.23 46.44 -50.94
C PHE G 186 10.74 45.92 -52.30
N ALA G 187 11.65 45.27 -53.02
CA ALA G 187 11.33 44.63 -54.29
C ALA G 187 11.32 43.12 -54.13
N CYS G 188 10.64 42.43 -55.04
CA CYS G 188 10.55 40.97 -55.00
C CYS G 188 11.91 40.30 -55.17
N ALA G 189 12.78 40.91 -55.97
CA ALA G 189 14.19 40.57 -55.94
C ALA G 189 14.76 41.17 -54.67
N ASN G 190 15.52 40.36 -53.92
CA ASN G 190 16.03 40.75 -52.59
C ASN G 190 14.96 40.76 -51.49
N ALA G 191 13.79 40.20 -51.79
CA ALA G 191 12.76 40.01 -50.78
C ALA G 191 13.04 38.73 -49.98
N PHE G 192 13.52 37.71 -50.67
CA PHE G 192 13.81 36.43 -50.05
C PHE G 192 15.32 36.24 -49.80
N ASN G 193 16.01 37.34 -49.52
CA ASN G 193 17.37 37.28 -49.03
C ASN G 193 17.38 36.85 -47.56
N ASN G 194 18.53 36.39 -47.08
CA ASN G 194 18.63 35.65 -45.81
C ASN G 194 17.78 34.38 -45.89
N SER G 195 17.91 33.70 -47.03
CA SER G 195 17.18 32.48 -47.35
C SER G 195 17.89 31.85 -48.55
N ILE G 196 18.46 30.65 -48.37
CA ILE G 196 19.19 29.98 -49.44
C ILE G 196 18.24 29.49 -50.54
N ILE G 197 18.33 30.12 -51.70
CA ILE G 197 17.44 29.84 -52.84
C ILE G 197 18.22 29.31 -54.05
N PRO G 198 17.55 28.52 -54.93
CA PRO G 198 18.22 27.94 -56.10
C PRO G 198 18.87 28.99 -57.01
N GLU G 199 19.98 28.61 -57.64
CA GLU G 199 20.72 29.49 -58.53
C GLU G 199 19.94 29.85 -59.78
N ASP G 200 19.09 28.94 -60.24
CA ASP G 200 18.29 29.12 -61.45
C ASP G 200 16.88 29.65 -61.16
N THR G 201 16.72 30.37 -60.06
CA THR G 201 15.43 30.96 -59.68
C THR G 201 15.10 32.12 -60.62
N PHE G 202 13.86 32.13 -61.10
CA PHE G 202 13.42 33.07 -62.14
C PHE G 202 12.92 34.40 -61.54
N PHE G 203 13.52 35.49 -62.00
CA PHE G 203 13.12 36.84 -61.58
C PHE G 203 12.75 37.69 -62.79
N PRO G 204 11.43 37.84 -63.05
CA PRO G 204 10.95 38.64 -64.18
C PRO G 204 11.02 40.15 -63.92
N SER G 205 11.54 40.89 -64.89
CA SER G 205 11.65 42.35 -64.87
C SER G 205 11.98 42.95 -63.50
N GLU H 2 -23.12 6.34 -40.95
CA GLU H 2 -23.86 7.61 -41.21
C GLU H 2 -24.43 8.25 -39.93
N ALA H 3 -23.92 7.84 -38.77
CA ALA H 3 -24.39 8.36 -37.48
C ALA H 3 -23.91 9.78 -37.19
N ALA H 4 -24.78 10.76 -37.45
CA ALA H 4 -24.41 12.18 -37.44
C ALA H 4 -24.46 12.85 -36.06
N VAL H 5 -23.33 13.47 -35.67
CA VAL H 5 -23.26 14.26 -34.44
C VAL H 5 -22.85 15.72 -34.71
N THR H 6 -23.68 16.65 -34.23
CA THR H 6 -23.52 18.08 -34.49
C THR H 6 -23.05 18.81 -33.23
N GLN H 7 -22.24 19.84 -33.40
CA GLN H 7 -21.78 20.68 -32.29
C GLN H 7 -21.95 22.15 -32.60
N SER H 8 -22.35 22.91 -31.59
CA SER H 8 -22.58 24.36 -31.74
C SER H 8 -22.20 25.13 -30.48
N PRO H 9 -21.46 26.24 -30.64
CA PRO H 9 -20.85 26.68 -31.89
C PRO H 9 -19.58 25.89 -32.17
N ARG H 10 -18.94 26.14 -33.31
CA ARG H 10 -17.72 25.44 -33.67
C ARG H 10 -16.49 26.20 -33.18
N ASN H 11 -16.64 27.50 -33.00
CA ASN H 11 -15.56 28.35 -32.52
C ASN H 11 -16.10 29.48 -31.63
N LYS H 12 -15.51 29.62 -30.44
CA LYS H 12 -16.03 30.54 -29.43
C LYS H 12 -14.93 31.33 -28.74
N VAL H 13 -15.16 32.64 -28.62
CA VAL H 13 -14.26 33.54 -27.89
C VAL H 13 -15.03 34.15 -26.73
N ALA H 14 -14.51 33.95 -25.52
CA ALA H 14 -15.16 34.40 -24.28
C ALA H 14 -14.17 35.10 -23.35
N VAL H 15 -14.70 35.64 -22.25
CA VAL H 15 -13.89 36.35 -21.26
C VAL H 15 -14.01 35.72 -19.87
N THR H 16 -12.94 35.81 -19.08
CA THR H 16 -12.92 35.34 -17.70
C THR H 16 -14.12 35.86 -16.92
N GLY H 17 -14.84 34.95 -16.29
CA GLY H 17 -16.04 35.31 -15.51
C GLY H 17 -17.33 35.23 -16.29
N GLY H 18 -17.21 35.15 -17.62
CA GLY H 18 -18.37 35.02 -18.50
C GLY H 18 -19.02 33.65 -18.44
N LYS H 19 -20.15 33.51 -19.11
CA LYS H 19 -20.86 32.23 -19.18
C LYS H 19 -20.83 31.68 -20.60
N VAL H 20 -20.37 30.44 -20.73
CA VAL H 20 -20.25 29.79 -22.03
C VAL H 20 -21.04 28.49 -22.05
N THR H 21 -21.85 28.31 -23.10
CA THR H 21 -22.64 27.09 -23.28
C THR H 21 -22.23 26.40 -24.56
N LEU H 22 -21.71 25.18 -24.44
CA LEU H 22 -21.36 24.36 -25.60
C LEU H 22 -22.45 23.33 -25.83
N SER H 23 -23.02 23.32 -27.04
CA SER H 23 -24.17 22.48 -27.35
C SER H 23 -23.83 21.35 -28.31
N CYS H 24 -24.53 20.23 -28.15
CA CYS H 24 -24.30 19.05 -28.97
C CYS H 24 -25.62 18.37 -29.33
N ASN H 25 -25.82 18.15 -30.62
CA ASN H 25 -27.05 17.55 -31.12
C ASN H 25 -26.81 16.28 -31.94
N GLN H 26 -27.58 15.24 -31.64
CA GLN H 26 -27.58 14.02 -32.45
C GLN H 26 -28.99 13.50 -32.67
N THR H 27 -29.25 13.01 -33.88
CA THR H 27 -30.57 12.49 -34.23
C THR H 27 -30.52 10.98 -34.51
N ASN H 28 -29.61 10.31 -33.81
CA ASN H 28 -29.41 8.87 -33.94
C ASN H 28 -30.28 8.08 -32.98
N ASN H 29 -30.95 8.80 -32.08
CA ASN H 29 -31.70 8.21 -30.95
C ASN H 29 -30.79 7.41 -30.03
N HIS H 30 -29.58 7.92 -29.82
CA HIS H 30 -28.63 7.33 -28.89
C HIS H 30 -28.94 7.81 -27.48
N ASN H 31 -29.00 6.86 -26.54
CA ASN H 31 -29.20 7.16 -25.13
C ASN H 31 -28.01 7.90 -24.52
N ASN H 32 -26.81 7.52 -24.98
CA ASN H 32 -25.58 7.93 -24.32
C ASN H 32 -24.80 9.00 -25.06
N MET H 33 -24.41 10.04 -24.32
CA MET H 33 -23.64 11.16 -24.86
C MET H 33 -22.51 11.57 -23.93
N TYR H 34 -21.38 11.99 -24.50
CA TYR H 34 -20.15 12.20 -23.73
C TYR H 34 -19.45 13.51 -24.12
N TRP H 35 -18.93 14.22 -23.13
CA TRP H 35 -18.15 15.43 -23.38
C TRP H 35 -16.69 15.22 -23.01
N TYR H 36 -15.81 15.44 -23.99
CA TYR H 36 -14.37 15.39 -23.77
C TYR H 36 -13.74 16.76 -24.04
N ARG H 37 -12.55 16.97 -23.51
CA ARG H 37 -11.70 18.08 -23.96
C ARG H 37 -10.36 17.53 -24.43
N GLN H 38 -9.76 18.22 -25.39
CA GLN H 38 -8.46 17.84 -25.94
C GLN H 38 -7.45 18.95 -25.71
N ASP H 39 -6.30 18.59 -25.16
CA ASP H 39 -5.19 19.52 -24.98
C ASP H 39 -3.90 18.91 -25.50
N THR H 40 -3.00 19.75 -26.00
CA THR H 40 -1.72 19.28 -26.55
C THR H 40 -0.95 18.43 -25.53
N GLY H 41 -0.44 17.30 -26.01
CA GLY H 41 0.32 16.38 -25.18
C GLY H 41 -0.51 15.63 -24.15
N HIS H 42 -1.81 15.48 -24.41
CA HIS H 42 -2.69 14.83 -23.46
C HIS H 42 -3.55 13.70 -24.00
N GLY H 43 -4.24 13.93 -25.10
CA GLY H 43 -5.27 12.98 -25.53
C GLY H 43 -6.54 13.24 -24.74
N LEU H 44 -7.67 12.87 -25.34
CA LEU H 44 -8.98 13.26 -24.83
C LEU H 44 -9.24 12.80 -23.39
N ARG H 45 -9.89 13.67 -22.63
CA ARG H 45 -10.26 13.41 -21.24
C ARG H 45 -11.74 13.71 -21.00
N LEU H 46 -12.43 12.77 -20.35
CA LEU H 46 -13.87 12.86 -20.11
C LEU H 46 -14.21 13.89 -19.03
N ILE H 47 -15.18 14.76 -19.33
CA ILE H 47 -15.62 15.79 -18.39
C ILE H 47 -16.94 15.40 -17.74
N HIS H 48 -17.96 15.18 -18.56
CA HIS H 48 -19.28 14.76 -18.11
C HIS H 48 -19.88 13.81 -19.13
N TYR H 49 -20.82 12.98 -18.69
CA TYR H 49 -21.56 12.11 -19.61
C TYR H 49 -23.00 11.89 -19.17
N SER H 50 -23.81 11.34 -20.08
CA SER H 50 -25.23 11.13 -19.85
C SER H 50 -25.70 9.81 -20.42
N TYR H 51 -26.53 9.12 -19.64
CA TYR H 51 -27.15 7.86 -20.07
C TYR H 51 -28.60 8.07 -20.53
N GLY H 52 -29.03 9.34 -20.58
CA GLY H 52 -30.38 9.66 -21.04
C GLY H 52 -30.88 11.02 -20.60
N ALA H 53 -32.08 11.36 -21.05
CA ALA H 53 -32.70 12.65 -20.75
C ALA H 53 -32.85 12.86 -19.25
N GLY H 54 -32.34 13.99 -18.77
CA GLY H 54 -32.50 14.37 -17.37
C GLY H 54 -31.47 13.81 -16.42
N SER H 55 -30.51 13.03 -16.93
CA SER H 55 -29.44 12.51 -16.10
C SER H 55 -28.09 12.99 -16.63
N THR H 56 -27.24 13.39 -15.69
CA THR H 56 -25.87 13.79 -16.00
C THR H 56 -24.95 13.14 -14.99
N GLU H 57 -23.78 12.71 -15.46
CA GLU H 57 -22.82 12.01 -14.61
C GLU H 57 -21.44 12.65 -14.70
N LYS H 58 -20.76 12.74 -13.57
CA LYS H 58 -19.41 13.28 -13.49
C LYS H 58 -18.40 12.35 -14.13
N GLY H 59 -17.56 12.91 -14.99
CA GLY H 59 -16.49 12.16 -15.65
C GLY H 59 -15.19 12.19 -14.87
N ASP H 60 -14.06 12.14 -15.58
CA ASP H 60 -12.74 12.12 -14.95
C ASP H 60 -12.31 13.49 -14.44
N ILE H 61 -12.67 14.56 -15.15
CA ILE H 61 -12.30 15.93 -14.76
C ILE H 61 -13.50 16.91 -14.83
N PRO H 62 -14.48 16.74 -13.93
CA PRO H 62 -15.70 17.54 -13.99
C PRO H 62 -15.57 18.97 -13.43
N ASP H 63 -14.57 19.21 -12.58
CA ASP H 63 -14.45 20.49 -11.87
C ASP H 63 -14.40 21.72 -12.79
N GLY H 64 -15.34 22.64 -12.58
CA GLY H 64 -15.44 23.86 -13.38
C GLY H 64 -16.48 23.80 -14.48
N TYR H 65 -17.08 22.62 -14.68
CA TYR H 65 -18.07 22.41 -15.72
C TYR H 65 -19.38 21.85 -15.17
N LYS H 66 -20.49 22.23 -15.80
CA LYS H 66 -21.78 21.61 -15.53
C LYS H 66 -22.33 21.03 -16.82
N ALA H 67 -23.10 19.95 -16.71
CA ALA H 67 -23.73 19.36 -17.87
C ALA H 67 -25.24 19.42 -17.79
N SER H 68 -25.88 19.50 -18.94
CA SER H 68 -27.34 19.51 -19.02
C SER H 68 -27.79 18.58 -20.14
N ARG H 69 -28.71 17.68 -19.82
CA ARG H 69 -29.30 16.80 -20.83
C ARG H 69 -30.81 16.99 -20.86
N PRO H 70 -31.28 18.05 -21.56
CA PRO H 70 -32.70 18.41 -21.56
C PRO H 70 -33.55 17.41 -22.33
N SER H 71 -32.95 16.74 -23.32
CA SER H 71 -33.64 15.79 -24.17
C SER H 71 -32.69 14.69 -24.63
N GLN H 72 -33.23 13.72 -25.38
CA GLN H 72 -32.43 12.67 -25.98
C GLN H 72 -31.42 13.22 -27.00
N GLU H 73 -31.83 14.26 -27.72
CA GLU H 73 -31.03 14.82 -28.81
C GLU H 73 -29.92 15.78 -28.35
N ASN H 74 -30.23 16.64 -27.38
CA ASN H 74 -29.31 17.68 -26.94
C ASN H 74 -28.54 17.36 -25.65
N PHE H 75 -27.25 17.69 -25.65
CA PHE H 75 -26.39 17.56 -24.48
C PHE H 75 -25.52 18.81 -24.40
N SER H 76 -25.66 19.54 -23.29
CA SER H 76 -24.93 20.80 -23.13
C SER H 76 -23.82 20.77 -22.09
N LEU H 77 -22.71 21.41 -22.42
CA LEU H 77 -21.64 21.67 -21.46
C LEU H 77 -21.68 23.14 -21.09
N ILE H 78 -21.72 23.43 -19.79
CA ILE H 78 -21.88 24.79 -19.32
C ILE H 78 -20.75 25.23 -18.37
N LEU H 79 -20.15 26.36 -18.70
CA LEU H 79 -19.09 26.98 -17.91
C LEU H 79 -19.64 28.31 -17.38
N GLU H 80 -19.95 28.36 -16.09
CA GLU H 80 -20.62 29.54 -15.52
C GLU H 80 -19.66 30.65 -15.11
N LEU H 81 -18.42 30.27 -14.80
CA LEU H 81 -17.35 31.22 -14.54
C LEU H 81 -16.12 30.73 -15.31
N ALA H 82 -16.04 31.14 -16.57
CA ALA H 82 -14.96 30.72 -17.45
C ALA H 82 -13.60 31.21 -16.96
N THR H 83 -12.61 30.30 -17.02
CA THR H 83 -11.24 30.60 -16.62
C THR H 83 -10.32 30.38 -17.82
N PRO H 84 -9.13 31.04 -17.83
CA PRO H 84 -8.22 30.88 -18.96
C PRO H 84 -7.77 29.43 -19.15
N SER H 85 -7.77 28.66 -18.06
CA SER H 85 -7.37 27.25 -18.09
C SER H 85 -8.38 26.35 -18.80
N GLN H 86 -9.53 26.92 -19.17
CA GLN H 86 -10.58 26.17 -19.88
C GLN H 86 -10.48 26.35 -21.40
N THR H 87 -9.51 27.14 -21.83
CA THR H 87 -9.18 27.30 -23.25
C THR H 87 -8.71 25.95 -23.79
N SER H 88 -9.47 25.40 -24.73
CA SER H 88 -9.23 24.05 -25.23
C SER H 88 -10.07 23.78 -26.48
N VAL H 89 -10.07 22.53 -26.92
CA VAL H 89 -10.97 22.08 -27.98
C VAL H 89 -11.87 21.00 -27.39
N TYR H 90 -13.18 21.21 -27.49
CA TYR H 90 -14.16 20.34 -26.85
C TYR H 90 -14.87 19.43 -27.86
N PHE H 91 -14.87 18.13 -27.57
CA PHE H 91 -15.54 17.15 -28.41
C PHE H 91 -16.73 16.52 -27.70
N CYS H 92 -17.80 16.33 -28.46
CA CYS H 92 -18.98 15.62 -28.01
C CYS H 92 -19.12 14.30 -28.79
N ALA H 93 -19.56 13.25 -28.11
CA ALA H 93 -19.80 11.98 -28.77
C ALA H 93 -21.14 11.39 -28.37
N SER H 94 -21.63 10.44 -29.15
CA SER H 94 -22.86 9.74 -28.82
C SER H 94 -22.73 8.24 -29.08
N GLY H 95 -23.58 7.44 -28.44
CA GLY H 95 -23.56 5.99 -28.63
C GLY H 95 -24.73 5.27 -28.01
N ASP H 96 -25.02 4.08 -28.53
CA ASP H 96 -26.07 3.22 -27.97
C ASP H 96 -25.44 2.26 -26.95
N GLU H 97 -26.02 1.07 -26.80
CA GLU H 97 -25.51 0.09 -25.84
C GLU H 97 -24.14 -0.50 -26.22
N GLY H 98 -23.76 -0.35 -27.49
CA GLY H 98 -22.46 -0.83 -27.99
C GLY H 98 -21.31 0.05 -27.53
N TYR H 99 -20.09 -0.41 -27.75
CA TYR H 99 -18.91 0.33 -27.31
C TYR H 99 -18.59 1.56 -28.16
N THR H 100 -18.96 1.54 -29.44
CA THR H 100 -18.62 2.63 -30.36
C THR H 100 -19.24 3.96 -29.91
N GLN H 101 -18.39 4.98 -29.80
CA GLN H 101 -18.82 6.36 -29.62
C GLN H 101 -18.54 7.11 -30.92
N TYR H 102 -19.49 7.96 -31.32
CA TYR H 102 -19.42 8.69 -32.59
C TYR H 102 -19.17 10.16 -32.31
N PHE H 103 -18.00 10.64 -32.72
CA PHE H 103 -17.54 11.98 -32.33
C PHE H 103 -18.04 13.10 -33.23
N GLY H 104 -18.30 14.25 -32.62
CA GLY H 104 -18.64 15.48 -33.33
C GLY H 104 -17.38 16.15 -33.88
N PRO H 105 -17.56 17.24 -34.65
CA PRO H 105 -16.44 17.88 -35.35
C PRO H 105 -15.52 18.71 -34.43
N GLY H 106 -15.98 18.99 -33.21
CA GLY H 106 -15.17 19.71 -32.23
C GLY H 106 -15.45 21.21 -32.15
N THR H 107 -15.20 21.77 -30.97
CA THR H 107 -15.37 23.19 -30.71
C THR H 107 -14.10 23.77 -30.10
N ARG H 108 -13.56 24.81 -30.73
CA ARG H 108 -12.46 25.55 -30.14
C ARG H 108 -13.02 26.64 -29.25
N LEU H 109 -12.56 26.68 -28.00
CA LEU H 109 -12.93 27.74 -27.06
C LEU H 109 -11.67 28.51 -26.66
N LEU H 110 -11.77 29.85 -26.66
CA LEU H 110 -10.71 30.69 -26.14
C LEU H 110 -11.26 31.61 -25.06
N VAL H 111 -10.65 31.56 -23.88
CA VAL H 111 -11.00 32.44 -22.78
C VAL H 111 -9.89 33.45 -22.55
N LEU H 112 -10.23 34.73 -22.68
CA LEU H 112 -9.28 35.83 -22.50
C LEU H 112 -9.48 36.51 -21.15
N GLU H 113 -8.43 37.18 -20.69
CA GLU H 113 -8.52 38.00 -19.47
C GLU H 113 -9.43 39.20 -19.71
N ASP H 114 -9.30 39.82 -20.88
CA ASP H 114 -10.12 40.94 -21.29
C ASP H 114 -10.31 40.88 -22.81
N LEU H 115 -11.43 41.41 -23.28
CA LEU H 115 -11.73 41.43 -24.72
C LEU H 115 -11.38 42.79 -25.34
N ARG H 116 -10.49 43.53 -24.70
CA ARG H 116 -10.14 44.90 -25.09
C ARG H 116 -9.49 44.98 -26.48
N ASN H 117 -8.64 44.01 -26.80
CA ASN H 117 -7.85 44.04 -28.04
C ASN H 117 -8.55 43.45 -29.27
N VAL H 118 -9.55 42.60 -29.03
CA VAL H 118 -10.27 41.88 -30.10
C VAL H 118 -10.62 42.80 -31.28
N THR H 119 -10.18 42.43 -32.47
CA THR H 119 -10.36 43.25 -33.67
C THR H 119 -10.50 42.41 -34.95
N PRO H 120 -11.46 42.77 -35.83
CA PRO H 120 -11.72 42.07 -37.10
C PRO H 120 -10.55 42.19 -38.09
N PRO H 121 -10.45 41.24 -39.04
CA PRO H 121 -9.38 41.28 -40.04
C PRO H 121 -9.66 42.22 -41.21
N LYS H 122 -8.59 42.64 -41.87
CA LYS H 122 -8.69 43.32 -43.16
C LYS H 122 -8.21 42.35 -44.23
N VAL H 123 -9.03 42.16 -45.25
CA VAL H 123 -8.77 41.14 -46.26
C VAL H 123 -8.51 41.76 -47.62
N SER H 124 -7.34 41.45 -48.18
CA SER H 124 -6.98 41.87 -49.53
C SER H 124 -6.73 40.67 -50.44
N LEU H 125 -7.13 40.80 -51.70
CA LEU H 125 -6.95 39.74 -52.68
C LEU H 125 -5.98 40.21 -53.76
N PHE H 126 -4.96 39.38 -54.02
CA PHE H 126 -3.89 39.73 -54.93
C PHE H 126 -4.00 38.90 -56.21
N GLU H 127 -4.13 39.61 -57.33
CA GLU H 127 -4.32 39.00 -58.64
C GLU H 127 -3.04 38.36 -59.16
N PRO H 128 -3.16 37.26 -59.91
CA PRO H 128 -2.04 36.52 -60.50
C PRO H 128 -1.12 37.36 -61.37
N SER H 129 0.17 37.01 -61.36
CA SER H 129 1.19 37.69 -62.15
C SER H 129 1.11 37.30 -63.63
N LYS H 130 1.26 38.30 -64.49
CA LYS H 130 1.31 38.09 -65.95
C LYS H 130 2.50 37.19 -66.31
N ALA H 131 3.60 37.37 -65.58
CA ALA H 131 4.80 36.57 -65.76
C ALA H 131 4.57 35.09 -65.45
N GLU H 132 3.83 34.82 -64.37
CA GLU H 132 3.50 33.44 -63.98
C GLU H 132 2.67 32.75 -65.07
N ILE H 133 1.63 33.43 -65.53
CA ILE H 133 0.76 32.95 -66.59
C ILE H 133 1.57 32.55 -67.84
N SER H 134 2.49 33.44 -68.23
CA SER H 134 3.33 33.23 -69.40
C SER H 134 4.33 32.09 -69.20
N HIS H 135 4.88 31.98 -67.99
CA HIS H 135 5.98 31.06 -67.70
C HIS H 135 5.53 29.66 -67.29
N THR H 136 4.38 29.56 -66.62
CA THR H 136 3.92 28.29 -66.08
C THR H 136 2.57 27.83 -66.65
N GLN H 137 1.90 28.74 -67.37
CA GLN H 137 0.52 28.51 -67.83
C GLN H 137 -0.42 28.21 -66.65
N LYS H 138 -0.06 28.75 -65.49
CA LYS H 138 -0.86 28.63 -64.26
C LYS H 138 -0.95 30.00 -63.58
N ALA H 139 -1.98 30.18 -62.78
CA ALA H 139 -2.27 31.49 -62.15
C ALA H 139 -2.56 31.36 -60.66
N THR H 140 -1.77 32.05 -59.84
CA THR H 140 -1.91 31.95 -58.38
C THR H 140 -2.46 33.23 -57.75
N LEU H 141 -3.63 33.10 -57.13
CA LEU H 141 -4.25 34.20 -56.40
C LEU H 141 -3.83 34.11 -54.94
N VAL H 142 -3.47 35.25 -54.36
CA VAL H 142 -3.01 35.29 -52.96
C VAL H 142 -3.94 36.17 -52.12
N CYS H 143 -4.31 35.65 -50.95
CA CYS H 143 -5.16 36.38 -50.01
C CYS H 143 -4.47 36.68 -48.68
N LEU H 144 -4.51 37.94 -48.26
CA LEU H 144 -3.94 38.35 -46.98
C LEU H 144 -5.01 38.78 -46.01
N ALA H 145 -5.10 38.10 -44.88
CA ALA H 145 -5.94 38.54 -43.77
C ALA H 145 -5.01 39.18 -42.75
N THR H 146 -5.24 40.46 -42.45
CA THR H 146 -4.31 41.22 -41.63
C THR H 146 -4.97 41.97 -40.46
N GLY H 147 -4.17 42.19 -39.40
CA GLY H 147 -4.55 43.06 -38.29
C GLY H 147 -5.66 42.57 -37.39
N PHE H 148 -5.83 41.24 -37.31
CA PHE H 148 -6.90 40.66 -36.50
C PHE H 148 -6.41 40.05 -35.18
N TYR H 149 -7.30 40.08 -34.19
CA TYR H 149 -7.04 39.49 -32.88
C TYR H 149 -8.36 38.96 -32.30
N PRO H 150 -8.36 37.73 -31.75
CA PRO H 150 -7.27 36.74 -31.70
C PRO H 150 -7.11 35.93 -33.00
N ASP H 151 -6.41 34.80 -32.93
CA ASP H 151 -6.09 33.98 -34.11
C ASP H 151 -7.18 32.97 -34.50
N HIS H 152 -8.41 33.23 -34.08
CA HIS H 152 -9.54 32.34 -34.36
C HIS H 152 -10.25 32.77 -35.64
N VAL H 153 -9.72 32.31 -36.77
CA VAL H 153 -10.29 32.61 -38.09
C VAL H 153 -10.35 31.37 -38.98
N GLU H 154 -11.36 31.32 -39.84
CA GLU H 154 -11.46 30.30 -40.88
C GLU H 154 -11.40 30.99 -42.23
N LEU H 155 -10.49 30.54 -43.08
CA LEU H 155 -10.31 31.11 -44.42
C LEU H 155 -10.80 30.09 -45.44
N SER H 156 -11.51 30.58 -46.46
CA SER H 156 -12.02 29.72 -47.52
C SER H 156 -12.02 30.46 -48.85
N TRP H 157 -11.78 29.72 -49.92
CA TRP H 157 -11.84 30.28 -51.28
C TRP H 157 -13.13 29.91 -51.96
N TRP H 158 -13.72 30.87 -52.66
CA TRP H 158 -14.99 30.65 -53.34
C TRP H 158 -14.87 31.07 -54.80
N VAL H 159 -15.28 30.17 -55.68
CA VAL H 159 -15.31 30.45 -57.10
C VAL H 159 -16.75 30.29 -57.57
N ASN H 160 -17.29 31.39 -58.12
CA ASN H 160 -18.65 31.45 -58.65
C ASN H 160 -19.73 31.04 -57.64
N GLY H 161 -19.49 31.35 -56.37
CA GLY H 161 -20.47 31.08 -55.32
C GLY H 161 -20.35 29.71 -54.68
N LYS H 162 -19.44 28.89 -55.20
CA LYS H 162 -19.19 27.57 -54.65
C LYS H 162 -17.76 27.49 -54.09
N GLU H 163 -17.63 26.85 -52.94
CA GLU H 163 -16.33 26.74 -52.27
C GLU H 163 -15.44 25.74 -52.98
N VAL H 164 -14.15 26.06 -53.06
CA VAL H 164 -13.15 25.15 -53.64
C VAL H 164 -12.10 24.77 -52.60
N HIS H 165 -11.47 23.62 -52.81
CA HIS H 165 -10.43 23.15 -51.92
C HIS H 165 -9.20 22.73 -52.71
N SER H 166 -9.42 22.33 -53.96
CA SER H 166 -8.36 21.95 -54.86
C SER H 166 -7.54 23.19 -55.24
N GLY H 167 -6.21 23.04 -55.22
CA GLY H 167 -5.29 24.13 -55.56
C GLY H 167 -5.18 25.17 -54.47
N VAL H 168 -5.61 24.82 -53.26
CA VAL H 168 -5.62 25.74 -52.12
C VAL H 168 -4.61 25.34 -51.05
N CYS H 169 -3.91 26.33 -50.49
CA CYS H 169 -3.09 26.12 -49.31
C CYS H 169 -3.09 27.34 -48.39
N THR H 170 -3.67 27.15 -47.20
CA THR H 170 -3.65 28.19 -46.18
C THR H 170 -2.54 27.87 -45.17
N ASP H 171 -1.85 28.91 -44.71
CA ASP H 171 -0.81 28.75 -43.70
C ASP H 171 -1.36 28.03 -42.46
N PRO H 172 -0.56 27.11 -41.88
CA PRO H 172 -1.08 26.38 -40.72
C PRO H 172 -1.16 27.28 -39.50
N GLN H 173 -0.23 28.24 -39.42
CA GLN H 173 -0.09 29.12 -38.27
C GLN H 173 -0.07 30.59 -38.68
N PRO H 174 -1.05 31.39 -38.21
CA PRO H 174 -1.04 32.84 -38.47
C PRO H 174 0.07 33.50 -37.66
N LEU H 175 0.82 34.41 -38.31
CA LEU H 175 1.98 35.03 -37.69
C LEU H 175 1.64 36.32 -36.94
N LYS H 176 2.45 36.63 -35.92
CA LYS H 176 2.28 37.85 -35.14
C LYS H 176 2.85 39.05 -35.90
N GLU H 177 2.07 40.13 -35.96
CA GLU H 177 2.49 41.36 -36.62
C GLU H 177 3.52 42.13 -35.79
N GLN H 178 3.35 42.09 -34.48
CA GLN H 178 4.26 42.76 -33.56
C GLN H 178 4.76 41.77 -32.50
N PRO H 179 5.73 40.90 -32.86
CA PRO H 179 6.23 39.84 -31.98
C PRO H 179 6.65 40.30 -30.59
N ALA H 180 6.99 41.57 -30.45
CA ALA H 180 7.40 42.14 -29.17
C ALA H 180 6.26 42.21 -28.16
N LEU H 181 5.08 42.65 -28.61
CA LEU H 181 3.90 42.77 -27.75
C LEU H 181 3.29 41.41 -27.43
N ASN H 182 2.90 41.23 -26.16
CA ASN H 182 2.30 39.98 -25.68
C ASN H 182 0.89 39.74 -26.23
N ASP H 183 0.15 40.82 -26.46
CA ASP H 183 -1.20 40.75 -27.03
C ASP H 183 -1.22 41.29 -28.46
N SER H 184 -0.23 40.87 -29.26
CA SER H 184 -0.07 41.30 -30.64
C SER H 184 -1.21 40.84 -31.56
N ARG H 185 -1.37 41.54 -32.68
CA ARG H 185 -2.33 41.17 -33.70
C ARG H 185 -1.70 40.19 -34.70
N TYR H 186 -2.55 39.56 -35.52
CA TYR H 186 -2.12 38.48 -36.39
C TYR H 186 -2.35 38.76 -37.86
N SER H 187 -1.56 38.11 -38.71
CA SER H 187 -1.78 38.09 -40.15
C SER H 187 -1.84 36.65 -40.66
N LEU H 188 -2.57 36.44 -41.75
CA LEU H 188 -2.73 35.10 -42.32
C LEU H 188 -2.83 35.13 -43.85
N SER H 189 -2.06 34.26 -44.49
CA SER H 189 -1.98 34.21 -45.95
C SER H 189 -2.48 32.88 -46.52
N SER H 190 -3.04 32.94 -47.73
CA SER H 190 -3.50 31.75 -48.43
C SER H 190 -3.37 31.91 -49.95
N ARG H 191 -3.23 30.78 -50.64
CA ARG H 191 -3.03 30.77 -52.09
C ARG H 191 -4.01 29.84 -52.81
N LEU H 192 -4.60 30.34 -53.89
CA LEU H 192 -5.40 29.53 -54.82
C LEU H 192 -4.76 29.51 -56.19
N ARG H 193 -4.39 28.33 -56.66
CA ARG H 193 -3.79 28.19 -58.00
C ARG H 193 -4.74 27.53 -58.99
N VAL H 194 -5.05 28.26 -60.06
CA VAL H 194 -5.86 27.72 -61.15
C VAL H 194 -5.08 27.77 -62.46
N SER H 195 -5.64 27.19 -63.51
CA SER H 195 -5.02 27.24 -64.83
C SER H 195 -5.13 28.65 -65.41
N ALA H 196 -4.18 29.01 -66.27
CA ALA H 196 -4.21 30.30 -66.96
C ALA H 196 -5.56 30.50 -67.64
N THR H 197 -6.06 29.46 -68.30
CA THR H 197 -7.33 29.49 -69.01
C THR H 197 -8.48 29.90 -68.10
N PHE H 198 -8.55 29.26 -66.93
CA PHE H 198 -9.65 29.49 -65.98
C PHE H 198 -9.67 30.90 -65.40
N TRP H 199 -8.48 31.44 -65.09
CA TRP H 199 -8.35 32.82 -64.62
C TRP H 199 -8.64 33.84 -65.73
N GLN H 200 -8.24 33.53 -66.96
CA GLN H 200 -8.42 34.45 -68.08
C GLN H 200 -9.86 34.61 -68.52
N ASN H 201 -10.75 33.78 -67.96
CA ASN H 201 -12.17 33.81 -68.23
C ASN H 201 -12.85 34.91 -67.42
N PRO H 202 -13.36 35.97 -68.08
CA PRO H 202 -13.96 37.11 -67.37
C PRO H 202 -15.29 36.77 -66.68
N ARG H 203 -15.77 35.55 -66.89
CA ARG H 203 -17.05 35.10 -66.32
C ARG H 203 -16.89 34.37 -64.99
N ASN H 204 -15.66 34.27 -64.50
CA ASN H 204 -15.39 33.61 -63.23
C ASN H 204 -15.19 34.60 -62.08
N HIS H 205 -15.97 34.41 -61.01
CA HIS H 205 -15.90 35.28 -59.84
C HIS H 205 -15.08 34.64 -58.74
N PHE H 206 -13.96 35.29 -58.39
CA PHE H 206 -13.05 34.79 -57.35
C PHE H 206 -13.17 35.61 -56.07
N ARG H 207 -13.27 34.92 -54.93
CA ARG H 207 -13.46 35.58 -53.64
C ARG H 207 -12.76 34.87 -52.48
N CYS H 208 -11.90 35.61 -51.79
CA CYS H 208 -11.27 35.14 -50.55
C CYS H 208 -12.13 35.55 -49.35
N GLN H 209 -12.65 34.57 -48.63
CA GLN H 209 -13.49 34.83 -47.46
C GLN H 209 -12.76 34.52 -46.16
N VAL H 210 -12.87 35.42 -45.19
CA VAL H 210 -12.37 35.16 -43.84
C VAL H 210 -13.51 35.24 -42.82
N GLN H 211 -13.76 34.12 -42.16
CA GLN H 211 -14.72 34.07 -41.05
C GLN H 211 -13.97 34.43 -39.77
N PHE H 212 -14.30 35.58 -39.19
CA PHE H 212 -13.71 36.03 -37.93
C PHE H 212 -14.64 35.70 -36.78
N TYR H 213 -14.06 35.17 -35.70
CA TYR H 213 -14.82 34.92 -34.48
C TYR H 213 -14.43 35.90 -33.39
N GLY H 214 -15.40 36.71 -32.97
CA GLY H 214 -15.19 37.71 -31.95
C GLY H 214 -16.32 37.70 -30.94
N LEU H 215 -16.91 38.88 -30.72
CA LEU H 215 -17.96 39.04 -29.73
C LEU H 215 -19.35 38.73 -30.29
N SER H 216 -20.26 38.36 -29.40
CA SER H 216 -21.68 38.21 -29.77
C SER H 216 -22.43 39.47 -29.35
N GLU H 217 -23.72 39.52 -29.65
CA GLU H 217 -24.56 40.68 -29.33
C GLU H 217 -24.97 40.75 -27.86
N ASN H 218 -24.67 39.70 -27.10
CA ASN H 218 -24.97 39.66 -25.66
C ASN H 218 -23.79 40.12 -24.79
N ASP H 219 -22.62 40.28 -25.41
CA ASP H 219 -21.41 40.73 -24.72
C ASP H 219 -21.36 42.25 -24.58
N GLU H 220 -20.70 42.72 -23.52
CA GLU H 220 -20.56 44.15 -23.27
C GLU H 220 -19.38 44.76 -24.02
N TRP H 221 -19.52 46.02 -24.44
CA TRP H 221 -18.50 46.75 -25.19
C TRP H 221 -18.63 48.25 -24.93
N THR H 222 -17.56 48.86 -24.45
CA THR H 222 -17.57 50.27 -24.04
C THR H 222 -16.57 51.14 -24.78
N GLN H 223 -15.70 50.50 -25.56
CA GLN H 223 -14.62 51.18 -26.29
C GLN H 223 -15.14 52.18 -27.33
N ASP H 224 -14.29 53.15 -27.69
CA ASP H 224 -14.62 54.14 -28.71
C ASP H 224 -14.56 53.57 -30.14
N ARG H 225 -14.04 52.35 -30.27
CA ARG H 225 -14.06 51.62 -31.54
C ARG H 225 -15.43 50.98 -31.78
N ALA H 226 -15.58 50.32 -32.92
CA ALA H 226 -16.82 49.60 -33.24
C ALA H 226 -16.74 48.15 -32.77
N LYS H 227 -17.89 47.61 -32.34
CA LYS H 227 -17.96 46.22 -31.85
C LYS H 227 -17.31 45.22 -32.81
N PRO H 228 -16.31 44.48 -32.31
CA PRO H 228 -15.66 43.42 -33.09
C PRO H 228 -16.45 42.11 -32.99
N VAL H 229 -17.66 42.13 -33.52
CA VAL H 229 -18.53 40.95 -33.51
C VAL H 229 -18.07 39.89 -34.51
N THR H 230 -18.50 38.65 -34.29
CA THR H 230 -18.30 37.56 -35.24
C THR H 230 -18.84 38.02 -36.60
N GLN H 231 -17.98 38.00 -37.61
CA GLN H 231 -18.33 38.53 -38.93
C GLN H 231 -17.51 37.94 -40.08
N ILE H 232 -18.00 38.15 -41.31
CA ILE H 232 -17.29 37.71 -42.50
C ILE H 232 -16.66 38.91 -43.20
N VAL H 233 -15.38 38.80 -43.51
CA VAL H 233 -14.69 39.82 -44.28
C VAL H 233 -14.08 39.16 -45.51
N SER H 234 -14.40 39.68 -46.67
CA SER H 234 -14.00 39.07 -47.93
C SER H 234 -13.50 40.09 -48.95
N ALA H 235 -12.72 39.59 -49.91
CA ALA H 235 -12.27 40.39 -51.03
C ALA H 235 -12.54 39.62 -52.29
N GLU H 236 -12.90 40.34 -53.35
CA GLU H 236 -13.32 39.74 -54.61
C GLU H 236 -12.39 40.16 -55.74
N ALA H 237 -12.43 39.42 -56.85
CA ALA H 237 -11.76 39.81 -58.09
C ALA H 237 -12.29 38.98 -59.25
N TRP H 238 -12.62 39.65 -60.35
CA TRP H 238 -13.06 38.97 -61.56
C TRP H 238 -11.88 38.56 -62.44
N GLY H 239 -12.02 37.46 -63.17
CA GLY H 239 -11.01 37.02 -64.12
C GLY H 239 -10.91 37.92 -65.34
N ARG H 240 -9.81 37.82 -66.08
CA ARG H 240 -9.58 38.71 -67.22
C ARG H 240 -8.62 38.13 -68.26
N ALA H 241 -8.86 38.46 -69.53
CA ALA H 241 -8.03 38.02 -70.63
C ALA H 241 -6.78 38.90 -70.75
C1 NAG I . 9.19 -9.03 1.95
C2 NAG I . 9.27 -7.70 1.18
C3 NAG I . 9.30 -6.50 2.13
C4 NAG I . 8.21 -6.58 3.21
C5 NAG I . 8.27 -7.96 3.87
C6 NAG I . 7.16 -8.16 4.92
C7 NAG I . 10.45 -7.26 -0.94
C8 NAG I . 11.77 -7.33 -1.64
N2 NAG I . 10.46 -7.68 0.33
O3 NAG I . 9.14 -5.31 1.38
O4 NAG I . 8.41 -5.56 4.18
O5 NAG I . 8.14 -8.98 2.90
O6 NAG I . 5.95 -8.42 4.26
O7 NAG I . 9.47 -6.85 -1.54
C1 NAG I . 7.43 -4.52 4.07
C2 NAG I . 7.20 -3.91 5.46
C3 NAG I . 6.25 -2.71 5.41
C4 NAG I . 6.63 -1.71 4.30
C5 NAG I . 6.94 -2.44 2.98
C6 NAG I . 7.52 -1.46 1.95
C7 NAG I . 7.48 -5.46 7.32
C8 NAG I . 6.83 -6.45 8.24
N2 NAG I . 6.69 -4.90 6.40
O3 NAG I . 6.29 -2.05 6.65
O4 NAG I . 5.56 -0.81 4.12
O5 NAG I . 7.86 -3.50 3.18
O6 NAG I . 8.68 -1.98 1.34
O7 NAG I . 8.68 -5.20 7.43
C1 NAG J . 15.90 -32.14 22.26
C2 NAG J . 15.74 -31.93 23.77
C3 NAG J . 17.09 -31.63 24.43
C4 NAG J . 18.21 -32.58 23.99
C5 NAG J . 18.17 -32.77 22.46
C6 NAG J . 19.17 -33.82 21.95
C7 NAG J . 13.56 -31.10 24.57
C8 NAG J . 12.71 -29.89 24.81
N2 NAG J . 14.77 -30.88 24.05
O3 NAG J . 16.93 -31.69 25.84
O4 NAG J . 19.46 -32.02 24.36
O5 NAG J . 16.87 -33.13 22.03
O6 NAG J . 18.86 -34.17 20.61
O7 NAG J . 13.14 -32.22 24.87
C1 NAG J . 20.04 -32.66 25.50
C2 NAG J . 21.56 -32.49 25.41
C3 NAG J . 22.29 -32.84 26.71
C4 NAG J . 21.62 -32.19 27.92
C5 NAG J . 20.13 -32.53 27.92
C6 NAG J . 19.39 -31.85 29.07
C7 NAG J . 22.86 -32.80 23.37
C8 NAG J . 23.32 -33.76 22.32
N2 NAG J . 22.08 -33.30 24.32
O3 NAG J . 23.63 -32.40 26.62
O4 NAG J . 22.25 -32.62 29.10
O5 NAG J . 19.53 -32.11 26.70
O6 NAG J . 19.04 -30.53 28.72
O7 NAG J . 23.20 -31.61 23.33
C1 FUC J . 19.80 -33.60 19.67
C2 FUC J . 19.86 -34.44 18.39
C3 FUC J . 18.58 -34.23 17.58
C4 FUC J . 18.35 -32.75 17.30
C5 FUC J . 18.35 -31.99 18.63
C6 FUC J . 18.16 -30.48 18.43
O2 FUC J . 20.02 -35.80 18.71
O3 FUC J . 18.62 -34.98 16.37
O4 FUC J . 19.36 -32.23 16.45
O5 FUC J . 19.55 -32.24 19.33
C1 NAG K . -13.44 -3.97 -1.24
C2 NAG K . -13.28 -2.69 -0.42
C3 NAG K . -13.07 -1.49 -1.34
C4 NAG K . -11.88 -1.73 -2.28
C5 NAG K . -12.08 -3.08 -3.01
C6 NAG K . -10.86 -3.46 -3.85
C7 NAG K . -14.46 -2.79 1.72
C8 NAG K . -15.73 -2.52 2.45
N2 NAG K . -14.44 -2.48 0.43
O3 NAG K . -12.84 -0.33 -0.56
O4 NAG K . -11.76 -0.66 -3.19
O5 NAG K . -12.32 -4.12 -2.09
O6 NAG K . -9.88 -4.07 -3.03
O7 NAG K . -13.50 -3.29 2.33
C1 NAG K . -10.52 0.06 -3.00
C2 NAG K . -10.26 0.96 -4.22
C3 NAG K . -9.13 1.96 -4.02
C4 NAG K . -9.06 2.56 -2.60
C5 NAG K . -9.28 1.48 -1.53
C6 NAG K . -9.31 2.09 -0.13
C7 NAG K . -10.81 -0.35 -6.24
C8 NAG K . -10.27 -1.18 -7.37
N2 NAG K . -9.92 0.13 -5.37
O3 NAG K . -9.24 3.01 -4.95
O4 NAG K . -7.81 3.20 -2.42
O5 NAG K . -10.50 0.81 -1.79
O6 NAG K . -9.92 1.20 0.78
O7 NAG K . -12.03 -0.13 -6.16
C1 NAG L . -22.85 -23.50 -24.92
C2 NAG L . -22.55 -23.13 -26.38
C3 NAG L . -23.78 -22.50 -27.05
C4 NAG L . -25.09 -23.24 -26.75
C5 NAG L . -25.18 -23.62 -25.27
C6 NAG L . -26.40 -24.47 -24.91
C7 NAG L . -20.21 -22.62 -26.88
C8 NAG L . -19.15 -21.56 -26.92
N2 NAG L . -21.42 -22.23 -26.47
O3 NAG L . -23.56 -22.45 -28.44
O4 NAG L . -26.19 -22.42 -27.08
O5 NAG L . -24.00 -24.31 -24.87
O6 NAG L . -26.22 -24.98 -23.60
O7 NAG L . -19.93 -23.78 -27.19
C1 NAG L . -26.76 -22.71 -28.36
C2 NAG L . -28.20 -22.22 -28.40
C3 NAG L . -28.84 -22.24 -29.80
C4 NAG L . -27.89 -21.81 -30.91
C5 NAG L . -26.48 -22.40 -30.72
C6 NAG L . -25.48 -21.83 -31.72
C7 NAG L . -29.89 -22.46 -26.64
C8 NAG L . -30.66 -23.39 -25.76
N2 NAG L . -29.02 -23.01 -27.49
O3 NAG L . -29.95 -21.37 -29.80
O4 NAG L . -28.42 -22.23 -32.15
O5 NAG L . -26.02 -22.10 -29.41
O6 NAG L . -24.39 -22.72 -31.84
O7 NAG L . -30.07 -21.23 -26.57
C1 FUC L . -27.38 -24.72 -22.77
C2 FUC L . -27.52 -25.85 -21.73
C3 FUC L . -26.50 -25.72 -20.59
C4 FUC L . -26.40 -24.28 -20.06
C5 FUC L . -26.31 -23.27 -21.20
C6 FUC L . -26.31 -21.83 -20.65
O2 FUC L . -27.39 -27.10 -22.36
O3 FUC L . -26.83 -26.60 -19.55
O4 FUC L . -27.50 -24.00 -19.22
O5 FUC L . -27.37 -23.45 -22.12
C1 NAG M . 18.60 -1.05 -1.18
C2 NAG M . 18.65 0.34 -1.82
C3 NAG M . 17.81 0.45 -3.10
C4 NAG M . 17.95 -0.79 -4.00
C5 NAG M . 17.72 -2.04 -3.16
C6 NAG M . 17.77 -3.33 -3.98
C7 NAG M . 18.97 1.97 0.00
C8 NAG M . 18.29 2.99 0.87
N2 NAG M . 18.18 1.35 -0.89
O3 NAG M . 18.21 1.60 -3.82
O4 NAG M . 17.05 -0.73 -5.07
O5 NAG M . 18.70 -2.08 -2.14
O6 NAG M . 19.09 -3.60 -4.38
O7 NAG M . 20.18 1.76 0.12
CCL 07P N . 26.66 -9.60 10.66
CCK 07P N . 25.81 -10.33 11.71
CCJ 07P N . 24.47 -10.76 11.12
CCI 07P N . 24.52 -12.20 10.60
CCH 07P N . 24.62 -13.21 11.74
CCG 07P N . 25.31 -14.47 11.21
CCF 07P N . 24.29 -15.52 10.82
CCE 07P N . 24.27 -16.64 11.85
CCD 07P N . 23.15 -16.41 12.87
CCC 07P N . 22.56 -17.74 13.33
CCB 07P N . 21.27 -18.10 12.58
CCA 07P N . 20.83 -17.17 11.45
CBZ 07P N . 20.14 -17.12 12.81
CBY 07P N . 18.78 -17.74 12.87
CAH 07P N . 18.07 -17.04 14.01
CAI 07P N . 16.99 -17.93 14.60
CAJ 07P N . 16.11 -17.07 15.48
CAF 07P N . 15.75 -15.78 14.77
CAE 07P N . 14.37 -15.35 15.21
CAD 07P N . 14.22 -15.73 16.68
CAC 07P N . 13.27 -14.77 17.36
OAG 07P N . 13.48 -13.47 16.82
CAB 07P N . 11.84 -15.22 17.13
CAA 07P N . 10.90 -14.38 17.99
O1 07P N . 11.27 -14.74 19.32
C1 07P N . 10.60 -13.91 20.24
O5 07P N . 9.20 -14.24 20.24
C5 07P N . 8.93 -15.62 20.55
C6 07P N . 7.42 -15.81 20.49
O6 07P N . 7.18 -17.15 20.07
C4 07P N . 9.51 -16.02 21.93
O4 07P N . 8.78 -15.35 22.96
C3 07P N . 10.98 -15.62 22.03
O3 07P N . 11.40 -15.79 23.39
C2 07P N . 11.22 -14.17 21.61
O2 07P N . 12.61 -13.89 21.56
NAW 07P N . 11.71 -16.62 17.54
CAX 07P N . 10.81 -17.45 17.03
OAY 07P N . 10.00 -17.15 16.15
CAZ 07P N . 10.84 -18.85 17.65
CBA 07P N . 10.60 -19.93 16.60
CBB 07P N . 11.87 -20.21 15.80
CBC 07P N . 11.48 -20.76 14.44
CBD 07P N . 12.67 -21.46 13.79
CBE 07P N . 12.17 -22.50 12.79
CBF 07P N . 13.32 -23.28 12.16
CBG 07P N . 13.89 -22.56 10.93
CBH 07P N . 12.79 -22.21 9.93
CBI 07P N . 12.70 -23.25 8.81
CBJ 07P N . 12.70 -22.57 7.45
CBK 07P N . 11.40 -21.81 7.22
CBL 07P N . 10.48 -22.58 6.28
CBM 07P N . 9.02 -22.44 6.72
CBN 07P N . 8.16 -23.44 5.96
CBO 07P N . 7.36 -24.30 6.93
CBP 07P N . 6.91 -25.59 6.24
CBQ 07P N . 5.79 -26.28 7.02
CBR 07P N . 6.18 -27.73 7.33
CBS 07P N . 6.11 -28.00 8.84
CBT 07P N . 7.46 -27.76 9.51
CBU 07P N . 7.69 -28.76 10.65
CBV 07P N . 8.92 -28.37 11.47
CBW 07P N . 10.23 -28.59 10.70
CBX 07P N . 11.22 -27.43 10.97
CL CL O . 13.77 8.45 58.66
C1 NAG P . -22.00 4.75 2.39
C2 NAG P . -21.31 6.01 2.92
C3 NAG P . -20.25 5.64 3.95
C4 NAG P . -20.83 4.73 5.03
C5 NAG P . -21.57 3.54 4.41
C6 NAG P . -22.25 2.68 5.45
C7 NAG P . -20.82 8.06 1.70
C8 NAG P . -20.12 8.67 0.51
N2 NAG P . -20.71 6.75 1.82
O3 NAG P . -19.72 6.81 4.54
O4 NAG P . -19.78 4.30 5.88
O5 NAG P . -22.54 4.00 3.48
O6 NAG P . -22.76 1.51 4.85
O7 NAG P . -21.45 8.78 2.48
CCL 07P Q . -30.62 -0.95 -10.19
CCK 07P Q . -29.17 -0.96 -10.68
CCJ 07P Q . -29.02 -1.87 -11.90
CCI 07P Q . -28.26 -3.15 -11.54
CCH 07P Q . -29.22 -4.32 -11.34
CCG 07P Q . -28.59 -5.62 -11.79
CCF 07P Q . -29.55 -6.79 -11.52
CCE 07P Q . -28.98 -8.12 -12.02
CCD 07P Q . -28.49 -8.00 -13.47
CCC 07P Q . -27.86 -9.30 -13.98
CCB 07P Q . -26.47 -9.59 -13.38
CCA 07P Q . -25.60 -8.37 -13.02
CBZ 07P Q . -25.32 -9.18 -14.29
CBY 07P Q . -24.08 -10.05 -14.22
CAH 07P Q . -22.89 -9.23 -14.71
CAI 07P Q . -21.89 -10.15 -15.41
CAJ 07P Q . -20.91 -9.31 -16.22
CAF 07P Q . -19.74 -8.88 -15.33
CAE 07P Q . -19.08 -7.62 -15.88
CAD 07P Q . -18.51 -7.89 -17.26
CAC 07P Q . -17.24 -7.07 -17.52
OAG 07P Q . -17.20 -5.92 -16.67
CAB 07P Q . -15.95 -7.89 -17.36
CAA 07P Q . -14.84 -7.24 -18.17
O1 07P Q . -15.25 -7.39 -19.53
C1 07P Q . -14.30 -6.85 -20.43
O5 07P Q . -13.10 -7.67 -20.43
C5 07P Q . -13.25 -9.01 -21.01
C6 07P Q . -11.89 -9.72 -21.03
O6 07P Q . -11.82 -10.63 -19.94
C4 07P Q . -13.87 -8.96 -22.41
O4 07P Q . -12.96 -8.35 -23.35
C3 07P Q . -15.18 -8.18 -22.39
O3 07P Q . -15.67 -8.06 -23.72
C2 07P Q . -14.96 -6.77 -21.82
O2 07P Q . -16.22 -6.10 -21.72
NAW 07P Q . -16.15 -9.26 -17.84
CAX 07P Q . -15.42 -10.29 -17.42
OAY 07P Q . -14.52 -10.20 -16.57
CAZ 07P Q . -15.77 -11.63 -18.07
CBA 07P Q . -15.66 -12.76 -17.05
CBB 07P Q . -16.85 -13.71 -17.19
CBC 07P Q . -17.84 -13.51 -16.04
CBD 07P Q . -17.53 -14.46 -14.89
CBE 07P Q . -18.81 -15.07 -14.33
CBF 07P Q . -18.49 -15.99 -13.15
CBG 07P Q . -19.49 -15.77 -12.02
CBH 07P Q . -19.06 -16.52 -10.76
CBI 07P Q . -18.31 -15.60 -9.79
CBJ 07P Q . -17.98 -16.32 -8.49
CBK 07P Q . -16.55 -16.00 -8.06
CBL 07P Q . -16.02 -17.10 -7.15
CBM 07P Q . -14.53 -17.33 -7.36
CBN 07P Q . -14.29 -18.54 -8.26
CBO 07P Q . -13.77 -19.73 -7.45
CBP 07P Q . -12.96 -20.68 -8.32
CBQ 07P Q . -13.82 -21.81 -8.91
CBR 07P Q . -13.25 -22.27 -10.25
CBS 07P Q . -14.28 -23.09 -11.03
CBT 07P Q . -14.73 -22.35 -12.29
CBU 07P Q . -15.46 -23.29 -13.26
CBV 07P Q . -16.98 -23.27 -13.05
CBW 07P Q . -17.64 -22.10 -13.78
CBX 07P Q . -18.43 -21.22 -12.81
C1 GOL R . -7.74 -24.69 -4.82
O1 GOL R . -6.59 -25.33 -5.34
C2 GOL R . -8.14 -25.32 -3.50
O2 GOL R . -7.03 -25.85 -2.82
C3 GOL R . -8.83 -24.29 -2.60
O3 GOL R . -8.82 -24.74 -1.26
#